data_5G1U
#
_entry.id   5G1U
#
_cell.length_a   99.800
_cell.length_b   106.040
_cell.length_c   220.510
_cell.angle_alpha   90.00
_cell.angle_beta   90.00
_cell.angle_gamma   90.00
#
_symmetry.space_group_name_H-M   'P 21 21 21'
#
loop_
_entity.id
_entity.type
_entity.pdbx_description
1 polymer 'LINALOOL DEHYDRATASE/ISOMERASE'
2 non-polymer Geraniol
3 water water
#
_entity_poly.entity_id   1
_entity_poly.type   'polypeptide(L)'
_entity_poly.pdbx_seq_one_letter_code
;(MSE)AELPPGRLATTEDYFAQQAKQAVTPDV(MSE)AQLAY(MSE)NYIDFISPFYSRGCSFEAWELKHTPQRVIKYSI
AFYAYGLASVALIDPKLRALAGHDLDIAVSK(MSE)KCKRVWGDWEEDGFGTDPIEKENI(MSE)YKGHLNL(MSE)YGL
YQLVTGSRRYEAEHAHLTRIIHDEIAANPFAGIVCEPDNYFVQCNSVAYLSLWVYDRLHGTDYRAATRAWLDFIQKDLID
PERGAFYLSYHPESGAVKPWISAYTTAWTLA(MSE)VHG(MSE)DPAFSERYYPRFKQTFVEVYDEGRKARVRETAGTDD
ADGGVGLASAFTLLLARE(MSE)GDQQLFDQLLNHLEPPAKPSIVSASLRYEHPGSLLFDELLFLAKVHAGFGALLR
(MSE)PPPAAKLAGK
;
_entity_poly.pdbx_strand_id   A,B,C,D,E
#
loop_
_chem_comp.id
_chem_comp.type
_chem_comp.name
_chem_comp.formula
64Z non-polymer Geraniol 'C10 H18 O'
#
# COMPACT_ATOMS: atom_id res chain seq x y z
N LEU A 4 -40.63 -8.46 -27.16
CA LEU A 4 -39.34 -8.01 -26.51
C LEU A 4 -39.60 -7.68 -25.04
N PRO A 5 -39.27 -8.59 -24.13
CA PRO A 5 -39.43 -8.22 -22.70
C PRO A 5 -38.50 -7.06 -22.26
N PRO A 6 -38.80 -6.40 -21.13
CA PRO A 6 -37.88 -5.36 -20.65
C PRO A 6 -36.50 -5.97 -20.32
N GLY A 7 -35.44 -5.22 -20.62
CA GLY A 7 -34.06 -5.69 -20.42
C GLY A 7 -33.54 -6.58 -21.53
N ARG A 8 -34.36 -6.81 -22.57
CA ARG A 8 -33.93 -7.48 -23.78
C ARG A 8 -33.71 -6.48 -24.90
N LEU A 9 -32.68 -6.72 -25.71
CA LEU A 9 -32.24 -5.77 -26.71
C LEU A 9 -32.63 -6.14 -28.12
N ALA A 10 -32.71 -7.45 -28.40
CA ALA A 10 -33.19 -7.93 -29.69
C ALA A 10 -33.86 -9.29 -29.49
N THR A 11 -34.65 -9.70 -30.46
CA THR A 11 -35.30 -11.01 -30.38
C THR A 11 -34.34 -12.16 -30.67
N THR A 12 -34.68 -13.32 -30.14
CA THR A 12 -33.96 -14.55 -30.42
C THR A 12 -33.98 -14.84 -31.93
N GLU A 13 -35.13 -14.60 -32.57
CA GLU A 13 -35.28 -14.72 -34.05
C GLU A 13 -34.22 -13.85 -34.76
N ASP A 14 -34.04 -12.60 -34.31
CA ASP A 14 -32.97 -11.72 -34.83
C ASP A 14 -31.52 -12.26 -34.64
N TYR A 15 -31.19 -12.80 -33.46
CA TYR A 15 -29.84 -13.37 -33.26
C TYR A 15 -29.61 -14.52 -34.21
N PHE A 16 -30.59 -15.42 -34.28
CA PHE A 16 -30.45 -16.63 -35.11
C PHE A 16 -30.42 -16.31 -36.62
N ALA A 17 -31.03 -15.19 -37.01
CA ALA A 17 -31.04 -14.74 -38.40
C ALA A 17 -29.79 -13.97 -38.88
N GLN A 18 -28.87 -13.61 -37.99
CA GLN A 18 -27.71 -12.76 -38.36
C GLN A 18 -26.90 -13.28 -39.56
N GLN A 19 -26.59 -14.57 -39.54
CA GLN A 19 -25.78 -15.16 -40.58
C GLN A 19 -26.47 -15.05 -41.96
N ALA A 20 -27.76 -15.34 -41.98
CA ALA A 20 -28.54 -15.26 -43.20
C ALA A 20 -28.70 -13.81 -43.67
N LYS A 21 -28.87 -12.86 -42.75
CA LYS A 21 -28.99 -11.43 -43.12
C LYS A 21 -27.58 -10.83 -43.40
N GLN A 22 -26.52 -11.59 -43.20
CA GLN A 22 -25.13 -11.11 -43.30
C GLN A 22 -24.82 -9.84 -42.52
N ALA A 23 -25.40 -9.74 -41.32
CA ALA A 23 -25.28 -8.54 -40.50
C ALA A 23 -25.49 -8.90 -39.03
N VAL A 24 -24.67 -8.31 -38.16
CA VAL A 24 -24.90 -8.47 -36.74
C VAL A 24 -26.02 -7.52 -36.32
N THR A 25 -26.61 -7.77 -35.15
CA THR A 25 -27.71 -6.96 -34.62
C THR A 25 -27.08 -5.68 -34.12
N PRO A 26 -27.86 -4.62 -34.00
CA PRO A 26 -27.32 -3.41 -33.39
C PRO A 26 -26.68 -3.61 -32.01
N ASP A 27 -27.21 -4.52 -31.20
CA ASP A 27 -26.66 -4.70 -29.83
C ASP A 27 -25.33 -5.43 -29.87
N VAL A 28 -25.16 -6.33 -30.84
CA VAL A 28 -23.89 -6.96 -31.08
C VAL A 28 -22.89 -5.96 -31.60
N MSE A 29 -23.31 -5.08 -32.49
CA MSE A 29 -22.44 -3.95 -32.94
C MSE A 29 -22.01 -3.13 -31.71
O MSE A 29 -20.84 -2.78 -31.58
CB MSE A 29 -23.17 -3.12 -34.01
CG MSE A 29 -22.41 -1.99 -34.69
SE MSE A 29 -20.86 -2.72 -35.68
CE MSE A 29 -21.82 -3.06 -37.39
N ALA A 30 -22.95 -2.84 -30.82
CA ALA A 30 -22.67 -2.04 -29.63
C ALA A 30 -21.70 -2.75 -28.70
N GLN A 31 -21.75 -4.09 -28.66
CA GLN A 31 -20.78 -4.87 -27.90
C GLN A 31 -19.40 -4.80 -28.55
N LEU A 32 -19.35 -4.88 -29.87
CA LEU A 32 -18.08 -4.72 -30.59
C LEU A 32 -17.47 -3.32 -30.34
N ALA A 33 -18.34 -2.33 -30.13
CA ALA A 33 -17.91 -0.98 -29.81
C ALA A 33 -17.29 -0.96 -28.41
N TYR A 34 -17.95 -1.56 -27.44
CA TYR A 34 -17.35 -1.65 -26.11
C TYR A 34 -15.96 -2.25 -26.23
N MSE A 35 -15.84 -3.27 -27.07
CA MSE A 35 -14.59 -3.98 -27.25
C MSE A 35 -13.49 -3.21 -27.94
O MSE A 35 -12.34 -3.42 -27.65
CB MSE A 35 -14.81 -5.29 -28.01
CG MSE A 35 -15.59 -6.30 -27.16
SE MSE A 35 -16.34 -7.82 -28.20
CE MSE A 35 -14.67 -8.77 -28.65
N ASN A 36 -13.86 -2.27 -28.82
CA ASN A 36 -12.92 -1.59 -29.74
C ASN A 36 -12.85 -0.07 -29.69
N TYR A 37 -13.84 0.62 -29.13
CA TYR A 37 -14.05 2.04 -29.42
C TYR A 37 -13.09 3.00 -28.67
N ILE A 38 -13.13 2.97 -27.36
CA ILE A 38 -12.50 4.01 -26.57
C ILE A 38 -11.02 3.77 -26.47
N ASP A 39 -10.25 4.83 -26.67
CA ASP A 39 -8.79 4.78 -26.50
C ASP A 39 -8.40 4.29 -25.10
N PHE A 40 -7.42 3.41 -25.08
CA PHE A 40 -6.72 2.92 -23.87
C PHE A 40 -7.47 1.88 -23.04
N ILE A 41 -8.72 2.15 -22.74
CA ILE A 41 -9.51 1.33 -21.83
C ILE A 41 -10.35 0.24 -22.50
N SER A 42 -10.53 0.27 -23.82
CA SER A 42 -11.25 -0.82 -24.49
C SER A 42 -10.34 -2.04 -24.54
N PRO A 43 -10.93 -3.23 -24.44
CA PRO A 43 -10.06 -4.40 -24.30
C PRO A 43 -9.21 -4.71 -25.51
N PHE A 44 -9.70 -4.41 -26.71
CA PHE A 44 -8.96 -4.70 -27.95
C PHE A 44 -8.35 -3.46 -28.59
N TYR A 45 -7.94 -2.52 -27.77
CA TYR A 45 -7.31 -1.32 -28.26
C TYR A 45 -5.89 -1.54 -28.78
N SER A 46 -5.12 -2.35 -28.06
CA SER A 46 -3.66 -2.42 -28.20
C SER A 46 -3.11 -3.85 -28.10
N ARG A 47 -2.05 -4.17 -28.86
CA ARG A 47 -1.42 -5.46 -28.71
C ARG A 47 -0.52 -5.53 -27.52
N GLY A 48 -0.29 -4.40 -26.87
CA GLY A 48 0.63 -4.34 -25.71
C GLY A 48 0.10 -5.10 -24.51
N CYS A 49 0.98 -5.32 -23.55
CA CYS A 49 0.62 -5.98 -22.30
C CYS A 49 -0.01 -4.99 -21.30
N SER A 50 -1.17 -4.46 -21.67
CA SER A 50 -1.97 -3.57 -20.83
C SER A 50 -3.32 -4.24 -20.65
N PHE A 51 -3.86 -4.17 -19.46
CA PHE A 51 -5.09 -4.85 -19.14
C PHE A 51 -6.12 -3.94 -18.48
N GLU A 52 -6.15 -2.66 -18.85
CA GLU A 52 -7.08 -1.70 -18.25
C GLU A 52 -8.57 -2.17 -18.26
N ALA A 53 -9.03 -2.71 -19.39
CA ALA A 53 -10.43 -3.12 -19.53
C ALA A 53 -10.78 -4.16 -18.48
N TRP A 54 -9.81 -5.04 -18.20
CA TRP A 54 -10.00 -6.10 -17.23
C TRP A 54 -9.91 -5.57 -15.81
N GLU A 55 -9.01 -4.61 -15.57
CA GLU A 55 -8.92 -3.93 -14.28
C GLU A 55 -10.22 -3.20 -13.95
N LEU A 56 -10.77 -2.50 -14.91
CA LEU A 56 -12.07 -1.80 -14.72
C LEU A 56 -13.26 -2.74 -14.45
N LYS A 57 -13.33 -3.89 -15.14
CA LYS A 57 -14.32 -4.96 -14.84
C LYS A 57 -14.01 -5.79 -13.59
N HIS A 58 -12.86 -5.60 -12.95
CA HIS A 58 -12.45 -6.43 -11.78
C HIS A 58 -12.28 -7.94 -12.08
N THR A 59 -11.86 -8.27 -13.30
CA THR A 59 -11.63 -9.68 -13.69
C THR A 59 -10.47 -10.24 -12.85
N PRO A 60 -10.70 -11.34 -12.12
CA PRO A 60 -9.58 -11.96 -11.40
C PRO A 60 -8.51 -12.43 -12.36
N GLN A 61 -7.22 -12.47 -11.94
CA GLN A 61 -6.18 -12.76 -12.93
C GLN A 61 -6.30 -14.12 -13.56
N ARG A 62 -6.73 -15.11 -12.79
CA ARG A 62 -6.88 -16.46 -13.30
C ARG A 62 -7.94 -16.62 -14.38
N VAL A 63 -8.85 -15.66 -14.48
CA VAL A 63 -9.96 -15.69 -15.42
C VAL A 63 -9.64 -14.96 -16.76
N ILE A 64 -8.59 -14.12 -16.76
CA ILE A 64 -8.29 -13.30 -17.94
C ILE A 64 -8.08 -14.15 -19.20
N LYS A 65 -7.35 -15.26 -19.06
CA LYS A 65 -7.10 -16.13 -20.20
C LYS A 65 -8.41 -16.62 -20.81
N TYR A 66 -9.38 -16.93 -19.97
CA TYR A 66 -10.69 -17.38 -20.45
C TYR A 66 -11.45 -16.20 -21.07
N SER A 67 -11.33 -15.01 -20.49
CA SER A 67 -12.05 -13.85 -21.06
C SER A 67 -11.60 -13.64 -22.50
N ILE A 68 -10.30 -13.67 -22.69
CA ILE A 68 -9.70 -13.42 -23.97
C ILE A 68 -10.18 -14.50 -24.92
N ALA A 69 -10.08 -15.74 -24.48
CA ALA A 69 -10.45 -16.87 -25.35
C ALA A 69 -11.93 -16.81 -25.79
N PHE A 70 -12.83 -16.55 -24.86
CA PHE A 70 -14.22 -16.55 -25.20
C PHE A 70 -14.58 -15.34 -26.08
N TYR A 71 -13.95 -14.20 -25.84
CA TYR A 71 -14.05 -13.09 -26.81
C TYR A 71 -13.63 -13.55 -28.23
N ALA A 72 -12.48 -14.21 -28.31
CA ALA A 72 -11.94 -14.64 -29.57
C ALA A 72 -12.89 -15.57 -30.30
N TYR A 73 -13.53 -16.48 -29.56
CA TYR A 73 -14.46 -17.44 -30.18
C TYR A 73 -15.68 -16.71 -30.75
N GLY A 74 -16.16 -15.69 -30.04
CA GLY A 74 -17.22 -14.85 -30.57
C GLY A 74 -16.79 -14.06 -31.80
N LEU A 75 -15.58 -13.51 -31.75
CA LEU A 75 -15.04 -12.81 -32.91
C LEU A 75 -14.96 -13.69 -34.15
N ALA A 76 -14.57 -14.96 -33.99
CA ALA A 76 -14.51 -15.88 -35.11
C ALA A 76 -15.89 -16.05 -35.78
N SER A 77 -16.97 -16.11 -34.99
CA SER A 77 -18.34 -16.11 -35.56
C SER A 77 -18.75 -14.79 -36.18
N VAL A 78 -18.30 -13.67 -35.61
CA VAL A 78 -18.58 -12.37 -36.22
C VAL A 78 -18.02 -12.37 -37.66
N ALA A 79 -16.80 -12.90 -37.84
CA ALA A 79 -16.18 -12.97 -39.14
C ALA A 79 -17.04 -13.72 -40.17
N LEU A 80 -17.65 -14.82 -39.73
CA LEU A 80 -18.48 -15.67 -40.57
C LEU A 80 -19.80 -15.01 -40.92
N ILE A 81 -20.37 -14.31 -39.94
CA ILE A 81 -21.63 -13.60 -40.08
C ILE A 81 -21.60 -12.50 -41.13
N ASP A 82 -20.65 -11.57 -41.02
CA ASP A 82 -20.64 -10.33 -41.81
C ASP A 82 -19.26 -10.13 -42.43
N PRO A 83 -19.16 -10.39 -43.74
CA PRO A 83 -17.88 -10.19 -44.43
C PRO A 83 -17.30 -8.76 -44.30
N LYS A 84 -18.16 -7.76 -44.22
CA LYS A 84 -17.74 -6.39 -43.95
C LYS A 84 -16.99 -6.23 -42.57
N LEU A 85 -17.28 -7.10 -41.59
CA LEU A 85 -16.62 -7.09 -40.28
C LEU A 85 -15.47 -8.11 -40.11
N ARG A 86 -15.18 -8.89 -41.14
CA ARG A 86 -14.18 -9.91 -41.02
C ARG A 86 -12.77 -9.38 -40.76
N ALA A 87 -12.40 -8.27 -41.39
CA ALA A 87 -11.07 -7.69 -41.17
C ALA A 87 -10.93 -7.21 -39.71
N LEU A 88 -11.98 -6.50 -39.23
CA LEU A 88 -12.02 -6.08 -37.83
C LEU A 88 -11.87 -7.27 -36.87
N ALA A 89 -12.62 -8.31 -37.11
CA ALA A 89 -12.55 -9.53 -36.28
C ALA A 89 -11.15 -10.13 -36.30
N GLY A 90 -10.53 -10.14 -37.47
CA GLY A 90 -9.17 -10.59 -37.60
C GLY A 90 -8.18 -9.73 -36.84
N HIS A 91 -8.38 -8.42 -36.91
CA HIS A 91 -7.57 -7.50 -36.15
C HIS A 91 -7.70 -7.80 -34.64
N ASP A 92 -8.93 -7.89 -34.15
CA ASP A 92 -9.16 -8.16 -32.75
C ASP A 92 -8.54 -9.49 -32.30
N LEU A 93 -8.59 -10.50 -33.17
CA LEU A 93 -7.99 -11.80 -32.86
C LEU A 93 -6.45 -11.71 -32.77
N ASP A 94 -5.87 -10.87 -33.60
CA ASP A 94 -4.43 -10.63 -33.57
C ASP A 94 -4.06 -10.10 -32.19
N ILE A 95 -4.82 -9.10 -31.75
CA ILE A 95 -4.62 -8.52 -30.44
C ILE A 95 -4.86 -9.57 -29.35
N ALA A 96 -5.94 -10.33 -29.49
CA ALA A 96 -6.25 -11.39 -28.53
C ALA A 96 -5.04 -12.31 -28.33
N VAL A 97 -4.45 -12.76 -29.43
CA VAL A 97 -3.33 -13.68 -29.37
C VAL A 97 -2.19 -12.99 -28.68
N SER A 98 -1.95 -11.76 -29.08
CA SER A 98 -0.81 -11.01 -28.56
C SER A 98 -0.93 -10.79 -27.03
N LYS A 99 -2.11 -10.40 -26.57
CA LYS A 99 -2.38 -10.25 -25.14
C LYS A 99 -2.30 -11.56 -24.38
N MSE A 100 -2.77 -12.64 -24.99
CA MSE A 100 -2.69 -13.99 -24.40
C MSE A 100 -1.29 -14.39 -24.04
O MSE A 100 -1.09 -15.15 -23.09
CB MSE A 100 -3.29 -15.02 -25.37
CG MSE A 100 -3.58 -16.40 -24.80
SE MSE A 100 -5.22 -16.29 -23.74
CE MSE A 100 -5.59 -18.22 -23.67
N LYS A 101 -0.31 -13.85 -24.75
CA LYS A 101 1.09 -14.19 -24.49
C LYS A 101 1.75 -13.37 -23.39
N CYS A 102 1.05 -12.36 -22.86
CA CYS A 102 1.60 -11.54 -21.76
C CYS A 102 1.62 -12.28 -20.42
N LYS A 103 2.63 -12.00 -19.59
CA LYS A 103 2.83 -12.70 -18.33
C LYS A 103 1.66 -12.48 -17.36
N ARG A 104 0.98 -11.34 -17.47
CA ARG A 104 -0.20 -11.12 -16.65
C ARG A 104 -1.23 -12.22 -16.86
N VAL A 105 -1.34 -12.73 -18.06
CA VAL A 105 -2.32 -13.75 -18.40
C VAL A 105 -1.89 -15.16 -18.00
N TRP A 106 -0.64 -15.55 -18.30
CA TRP A 106 -0.20 -16.89 -18.02
C TRP A 106 0.55 -17.07 -16.70
N GLY A 107 0.94 -15.98 -16.07
CA GLY A 107 1.90 -15.99 -14.94
C GLY A 107 1.54 -16.77 -13.70
N ASP A 108 0.27 -17.08 -13.51
CA ASP A 108 -0.15 -17.99 -12.42
C ASP A 108 0.68 -19.30 -12.42
N TRP A 109 1.01 -19.80 -13.61
CA TRP A 109 1.79 -21.01 -13.77
C TRP A 109 3.10 -20.91 -13.00
N GLU A 110 3.75 -19.74 -13.10
CA GLU A 110 4.97 -19.46 -12.36
C GLU A 110 4.71 -19.14 -10.89
N GLU A 111 3.76 -18.25 -10.59
CA GLU A 111 3.45 -17.90 -9.21
C GLU A 111 3.13 -19.16 -8.40
N ASP A 112 2.46 -20.14 -9.01
CA ASP A 112 2.09 -21.39 -8.34
C ASP A 112 3.25 -22.38 -8.15
N GLY A 113 4.40 -22.08 -8.75
CA GLY A 113 5.57 -22.93 -8.68
C GLY A 113 5.66 -24.06 -9.69
N PHE A 114 4.78 -24.09 -10.67
CA PHE A 114 4.79 -25.17 -11.68
C PHE A 114 5.92 -25.05 -12.69
N GLY A 115 6.44 -23.85 -12.94
CA GLY A 115 7.39 -23.63 -14.02
C GLY A 115 7.47 -22.21 -14.52
N THR A 116 8.44 -21.94 -15.38
CA THR A 116 8.68 -20.56 -15.90
C THR A 116 8.22 -20.32 -17.35
N ASP A 117 7.90 -21.39 -18.08
CA ASP A 117 7.44 -21.32 -19.48
C ASP A 117 6.02 -21.96 -19.55
N PRO A 118 5.01 -21.18 -19.96
CA PRO A 118 3.61 -21.67 -19.90
C PRO A 118 3.26 -22.71 -20.96
N ILE A 119 4.13 -22.84 -21.98
CA ILE A 119 4.03 -23.86 -23.03
C ILE A 119 4.54 -25.22 -22.55
N GLU A 120 5.17 -25.29 -21.38
CA GLU A 120 5.76 -26.54 -20.83
C GLU A 120 5.17 -27.92 -21.09
N LYS A 121 4.58 -28.56 -20.10
CA LYS A 121 3.94 -29.80 -20.25
C LYS A 121 2.84 -29.52 -19.27
N GLU A 122 1.66 -29.93 -19.64
CA GLU A 122 0.56 -30.12 -18.75
C GLU A 122 -0.13 -28.82 -18.26
N ASN A 123 0.05 -27.73 -18.99
CA ASN A 123 -0.65 -26.48 -18.71
C ASN A 123 -1.67 -26.25 -19.81
N ILE A 124 -2.54 -27.23 -20.03
CA ILE A 124 -3.45 -27.17 -21.17
C ILE A 124 -4.61 -26.15 -20.99
N MSE A 125 -4.89 -25.77 -19.75
CA MSE A 125 -5.81 -24.66 -19.49
C MSE A 125 -5.43 -23.42 -20.26
O MSE A 125 -6.29 -22.71 -20.74
CB MSE A 125 -6.03 -24.23 -18.03
CG MSE A 125 -4.87 -23.84 -17.13
SE MSE A 125 -5.62 -23.64 -15.32
CE MSE A 125 -6.23 -21.80 -15.52
N TYR A 126 -4.13 -23.15 -20.36
CA TYR A 126 -3.63 -21.98 -21.08
C TYR A 126 -3.42 -22.37 -22.54
N LYS A 127 -2.67 -23.44 -22.76
CA LYS A 127 -2.21 -23.71 -24.09
C LYS A 127 -3.22 -24.32 -25.05
N GLY A 128 -4.28 -24.96 -24.54
CA GLY A 128 -5.43 -25.36 -25.34
C GLY A 128 -6.07 -24.16 -25.99
N HIS A 129 -6.43 -23.17 -25.18
CA HIS A 129 -7.07 -21.97 -25.69
C HIS A 129 -6.18 -21.19 -26.67
N LEU A 130 -4.89 -21.08 -26.34
CA LEU A 130 -3.94 -20.34 -27.16
C LEU A 130 -3.81 -21.00 -28.50
N ASN A 131 -3.75 -22.33 -28.51
CA ASN A 131 -3.66 -23.06 -29.76
C ASN A 131 -4.90 -22.94 -30.65
N LEU A 132 -6.08 -22.98 -30.04
CA LEU A 132 -7.35 -22.78 -30.74
C LEU A 132 -7.44 -21.37 -31.31
N MSE A 133 -6.99 -20.39 -30.53
CA MSE A 133 -6.95 -19.00 -30.97
C MSE A 133 -5.98 -18.78 -32.12
O MSE A 133 -6.33 -18.09 -33.09
CB MSE A 133 -6.56 -18.05 -29.84
CG MSE A 133 -7.67 -17.91 -28.82
SE MSE A 133 -6.97 -17.22 -27.11
CE MSE A 133 -6.26 -15.57 -27.88
N TYR A 134 -4.78 -19.37 -32.06
CA TYR A 134 -3.84 -19.30 -33.18
C TYR A 134 -4.57 -19.73 -34.47
N GLY A 135 -5.25 -20.88 -34.39
CA GLY A 135 -5.93 -21.45 -35.55
C GLY A 135 -7.04 -20.57 -36.07
N LEU A 136 -7.85 -20.06 -35.15
CA LEU A 136 -8.97 -19.24 -35.55
C LEU A 136 -8.48 -17.96 -36.18
N TYR A 137 -7.41 -17.38 -35.65
CA TYR A 137 -6.81 -16.18 -36.23
C TYR A 137 -6.42 -16.39 -37.70
N GLN A 138 -5.77 -17.53 -37.95
CA GLN A 138 -5.34 -17.85 -39.29
C GLN A 138 -6.51 -18.16 -40.24
N LEU A 139 -7.54 -18.86 -39.75
CA LEU A 139 -8.75 -19.11 -40.53
C LEU A 139 -9.43 -17.82 -40.94
N VAL A 140 -9.49 -16.88 -40.01
CA VAL A 140 -10.20 -15.65 -40.23
C VAL A 140 -9.41 -14.75 -41.21
N THR A 141 -8.10 -14.66 -41.05
CA THR A 141 -7.30 -13.66 -41.78
C THR A 141 -6.46 -14.18 -42.93
N GLY A 142 -6.04 -15.44 -42.89
CA GLY A 142 -5.08 -15.95 -43.87
C GLY A 142 -3.66 -15.62 -43.51
N SER A 143 -3.44 -14.85 -42.44
CA SER A 143 -2.08 -14.43 -42.02
C SER A 143 -1.28 -15.58 -41.38
N ARG A 144 -0.01 -15.66 -41.75
CA ARG A 144 0.88 -16.74 -41.27
C ARG A 144 1.80 -16.23 -40.20
N ARG A 145 1.49 -15.05 -39.68
CA ARG A 145 2.18 -14.42 -38.55
C ARG A 145 2.50 -15.33 -37.36
N TYR A 146 1.55 -16.18 -36.97
CA TYR A 146 1.73 -17.11 -35.82
C TYR A 146 1.96 -18.58 -36.21
N GLU A 147 2.13 -18.85 -37.50
CA GLU A 147 2.09 -20.21 -38.04
C GLU A 147 3.19 -21.07 -37.45
N ALA A 148 4.38 -20.50 -37.26
CA ALA A 148 5.48 -21.28 -36.66
C ALA A 148 5.13 -21.72 -35.22
N GLU A 149 4.70 -20.76 -34.39
CA GLU A 149 4.23 -21.04 -33.02
C GLU A 149 3.04 -22.03 -32.98
N HIS A 150 2.10 -21.88 -33.89
CA HIS A 150 0.93 -22.74 -34.00
C HIS A 150 1.35 -24.17 -34.24
N ALA A 151 2.30 -24.34 -35.17
CA ALA A 151 2.77 -25.68 -35.54
C ALA A 151 3.49 -26.32 -34.39
N HIS A 152 4.31 -25.53 -33.72
CA HIS A 152 5.04 -25.99 -32.54
C HIS A 152 4.12 -26.42 -31.40
N LEU A 153 3.13 -25.58 -31.09
CA LEU A 153 2.21 -25.85 -30.00
C LEU A 153 1.29 -27.05 -30.31
N THR A 154 0.82 -27.12 -31.55
CA THR A 154 0.03 -28.27 -32.00
C THR A 154 0.83 -29.56 -31.85
N ARG A 155 2.10 -29.57 -32.24
CA ARG A 155 2.94 -30.76 -32.13
C ARG A 155 3.05 -31.16 -30.66
N ILE A 156 3.40 -30.20 -29.80
CA ILE A 156 3.54 -30.43 -28.36
C ILE A 156 2.29 -31.06 -27.75
N ILE A 157 1.13 -30.49 -28.07
CA ILE A 157 -0.13 -31.01 -27.56
C ILE A 157 -0.33 -32.46 -28.00
N HIS A 158 -0.20 -32.70 -29.31
CA HIS A 158 -0.28 -34.06 -29.87
C HIS A 158 0.67 -35.03 -29.18
N ASP A 159 1.90 -34.62 -28.95
CA ASP A 159 2.90 -35.46 -28.25
C ASP A 159 2.47 -35.84 -26.81
N GLU A 160 1.92 -34.88 -26.06
CA GLU A 160 1.39 -35.19 -24.73
C GLU A 160 0.23 -36.19 -24.78
N ILE A 161 -0.64 -36.10 -25.80
CA ILE A 161 -1.76 -37.03 -25.92
C ILE A 161 -1.20 -38.43 -26.18
N ALA A 162 -0.32 -38.52 -27.17
CA ALA A 162 0.34 -39.79 -27.53
C ALA A 162 1.03 -40.47 -26.34
N ALA A 163 1.65 -39.67 -25.48
CA ALA A 163 2.43 -40.20 -24.33
C ALA A 163 1.60 -40.64 -23.12
N ASN A 164 0.31 -40.33 -23.07
CA ASN A 164 -0.48 -40.57 -21.85
C ASN A 164 -1.26 -41.90 -21.93
N PRO A 165 -1.26 -42.69 -20.84
CA PRO A 165 -1.98 -43.99 -20.82
C PRO A 165 -3.50 -43.83 -20.90
N PHE A 166 -4.01 -42.76 -20.31
CA PHE A 166 -5.39 -42.29 -20.51
C PHE A 166 -5.45 -41.48 -21.82
N ALA A 167 -6.65 -41.37 -22.39
CA ALA A 167 -6.88 -40.53 -23.56
C ALA A 167 -7.10 -39.05 -23.17
N GLY A 168 -6.20 -38.17 -23.59
CA GLY A 168 -6.29 -36.74 -23.31
C GLY A 168 -5.06 -36.22 -22.60
N ILE A 169 -5.20 -35.04 -21.99
CA ILE A 169 -4.13 -34.34 -21.28
C ILE A 169 -4.69 -33.68 -20.03
N VAL A 170 -3.83 -33.52 -19.04
CA VAL A 170 -4.25 -32.85 -17.82
C VAL A 170 -4.21 -31.34 -18.05
N CYS A 171 -5.17 -30.69 -17.44
CA CYS A 171 -5.37 -29.23 -17.51
C CYS A 171 -4.30 -28.48 -16.71
N GLU A 172 -3.80 -29.18 -15.71
CA GLU A 172 -2.72 -28.72 -14.84
C GLU A 172 -2.32 -29.98 -14.11
N PRO A 173 -1.20 -30.01 -13.37
CA PRO A 173 -0.75 -31.35 -12.94
C PRO A 173 -1.76 -32.15 -12.13
N ASP A 174 -1.94 -33.38 -12.58
CA ASP A 174 -2.89 -34.36 -12.04
C ASP A 174 -4.40 -33.98 -11.98
N ASN A 175 -4.80 -32.97 -12.75
CA ASN A 175 -6.19 -32.54 -12.82
C ASN A 175 -6.64 -32.60 -14.28
N TYR A 176 -7.51 -33.55 -14.61
CA TYR A 176 -8.06 -33.72 -15.95
C TYR A 176 -9.49 -33.24 -15.99
N PHE A 177 -9.77 -32.32 -16.88
CA PHE A 177 -11.10 -31.70 -17.04
C PHE A 177 -11.56 -31.92 -18.50
N VAL A 178 -12.75 -32.47 -18.72
CA VAL A 178 -13.22 -32.68 -20.08
C VAL A 178 -13.38 -31.41 -20.94
N GLN A 179 -13.74 -30.28 -20.33
CA GLN A 179 -13.90 -28.98 -21.04
C GLN A 179 -12.57 -28.60 -21.67
N CYS A 180 -11.54 -28.69 -20.82
CA CYS A 180 -10.16 -28.35 -21.14
C CYS A 180 -9.68 -29.14 -22.34
N ASN A 181 -9.93 -30.44 -22.29
CA ASN A 181 -9.60 -31.36 -23.38
C ASN A 181 -10.35 -31.01 -24.65
N SER A 182 -11.65 -30.76 -24.52
CA SER A 182 -12.47 -30.41 -25.67
C SER A 182 -11.88 -29.22 -26.44
N VAL A 183 -11.32 -28.24 -25.75
CA VAL A 183 -10.65 -27.10 -26.38
C VAL A 183 -9.40 -27.57 -27.13
N ALA A 184 -8.59 -28.39 -26.46
CA ALA A 184 -7.33 -28.87 -27.03
C ALA A 184 -7.61 -29.69 -28.28
N TYR A 185 -8.53 -30.63 -28.18
CA TYR A 185 -8.89 -31.46 -29.35
C TYR A 185 -9.47 -30.60 -30.50
N LEU A 186 -10.34 -29.65 -30.17
CA LEU A 186 -10.89 -28.77 -31.19
C LEU A 186 -9.79 -27.95 -31.90
N SER A 187 -8.73 -27.57 -31.17
CA SER A 187 -7.56 -26.90 -31.78
C SER A 187 -6.85 -27.78 -32.82
N LEU A 188 -6.90 -29.10 -32.64
CA LEU A 188 -6.30 -30.03 -33.57
C LEU A 188 -7.11 -30.11 -34.87
N TRP A 189 -8.42 -30.06 -34.74
CA TRP A 189 -9.28 -30.03 -35.91
C TRP A 189 -8.99 -28.78 -36.70
N VAL A 190 -8.78 -27.65 -36.02
CA VAL A 190 -8.54 -26.39 -36.71
C VAL A 190 -7.20 -26.44 -37.44
N TYR A 191 -6.18 -26.99 -36.79
CA TYR A 191 -4.86 -27.12 -37.43
C TYR A 191 -4.95 -27.99 -38.66
N ASP A 192 -5.68 -29.10 -38.56
CA ASP A 192 -5.90 -30.02 -39.68
C ASP A 192 -6.58 -29.36 -40.87
N ARG A 193 -7.56 -28.52 -40.59
CA ARG A 193 -8.24 -27.79 -41.65
C ARG A 193 -7.33 -26.83 -42.36
N LEU A 194 -6.45 -26.15 -41.64
CA LEU A 194 -5.49 -25.25 -42.27
C LEU A 194 -4.35 -25.96 -43.02
N HIS A 195 -3.99 -27.18 -42.62
CA HIS A 195 -2.77 -27.82 -43.13
C HIS A 195 -2.90 -29.25 -43.69
N GLY A 196 -4.11 -29.80 -43.78
CA GLY A 196 -4.31 -31.12 -44.34
C GLY A 196 -3.81 -32.28 -43.51
N THR A 197 -3.36 -32.00 -42.30
CA THR A 197 -2.84 -33.05 -41.39
C THR A 197 -3.99 -33.86 -40.76
N ASP A 198 -3.64 -34.87 -39.96
CA ASP A 198 -4.62 -35.73 -39.30
C ASP A 198 -4.35 -35.85 -37.78
N TYR A 199 -4.04 -34.71 -37.14
CA TYR A 199 -3.88 -34.65 -35.68
C TYR A 199 -5.16 -35.01 -34.95
N ARG A 200 -6.29 -34.73 -35.60
CA ARG A 200 -7.60 -35.07 -35.05
C ARG A 200 -7.93 -36.55 -34.95
N ALA A 201 -7.10 -37.43 -35.50
CA ALA A 201 -7.27 -38.87 -35.39
C ALA A 201 -7.48 -39.32 -33.92
N ALA A 202 -6.79 -38.66 -32.99
CA ALA A 202 -6.87 -38.96 -31.56
C ALA A 202 -8.28 -38.74 -30.96
N THR A 203 -9.13 -37.98 -31.65
CA THR A 203 -10.44 -37.67 -31.13
C THR A 203 -11.30 -38.90 -30.77
N ARG A 204 -11.32 -39.94 -31.60
CA ARG A 204 -12.22 -41.10 -31.36
C ARG A 204 -11.90 -41.76 -30.01
N ALA A 205 -10.62 -41.98 -29.76
CA ALA A 205 -10.17 -42.58 -28.49
C ALA A 205 -10.59 -41.73 -27.26
N TRP A 206 -10.49 -40.41 -27.40
CA TRP A 206 -10.85 -39.48 -26.37
C TRP A 206 -12.36 -39.51 -26.10
N LEU A 207 -13.15 -39.48 -27.15
CA LEU A 207 -14.59 -39.55 -27.00
C LEU A 207 -15.08 -40.90 -26.38
N ASP A 208 -14.42 -42.01 -26.73
CA ASP A 208 -14.69 -43.30 -26.10
C ASP A 208 -14.34 -43.27 -24.61
N PHE A 209 -13.19 -42.70 -24.28
CA PHE A 209 -12.72 -42.61 -22.90
C PHE A 209 -13.63 -41.77 -21.99
N ILE A 210 -14.01 -40.57 -22.46
CA ILE A 210 -14.86 -39.69 -21.64
C ILE A 210 -16.29 -40.24 -21.41
N GLN A 211 -16.68 -41.21 -22.22
CA GLN A 211 -17.96 -41.91 -22.07
C GLN A 211 -17.95 -43.10 -21.11
N LYS A 212 -16.78 -43.63 -20.77
CA LYS A 212 -16.61 -44.55 -19.59
C LYS A 212 -16.87 -43.92 -18.18
N ASP A 213 -15.87 -43.76 -17.29
CA ASP A 213 -16.17 -43.26 -15.91
C ASP A 213 -16.56 -41.80 -15.87
N LEU A 214 -16.16 -41.02 -16.89
CA LEU A 214 -16.33 -39.56 -16.85
C LEU A 214 -17.74 -39.00 -17.04
N ILE A 215 -18.66 -39.80 -17.57
CA ILE A 215 -20.04 -39.33 -17.77
C ILE A 215 -21.01 -40.22 -17.02
N ASP A 216 -22.14 -39.65 -16.63
CA ASP A 216 -23.32 -40.42 -16.21
C ASP A 216 -24.23 -40.41 -17.44
N PRO A 217 -24.30 -41.55 -18.16
CA PRO A 217 -25.03 -41.54 -19.43
C PRO A 217 -26.56 -41.37 -19.31
N GLU A 218 -27.18 -41.86 -18.23
CA GLU A 218 -28.64 -41.62 -17.98
C GLU A 218 -28.92 -40.12 -17.81
N ARG A 219 -28.08 -39.44 -17.03
CA ARG A 219 -28.32 -38.01 -16.69
C ARG A 219 -27.74 -37.06 -17.78
N GLY A 220 -26.90 -37.59 -18.67
CA GLY A 220 -26.33 -36.78 -19.76
C GLY A 220 -25.37 -35.71 -19.26
N ALA A 221 -24.57 -36.06 -18.26
CA ALA A 221 -23.79 -35.09 -17.50
C ALA A 221 -22.41 -35.63 -17.16
N PHE A 222 -21.40 -34.79 -17.33
CA PHE A 222 -20.04 -35.19 -16.92
C PHE A 222 -19.79 -34.95 -15.46
N TYR A 223 -18.93 -35.77 -14.90
CA TYR A 223 -18.38 -35.51 -13.60
C TYR A 223 -17.36 -34.37 -13.70
N LEU A 224 -17.09 -33.80 -12.56
CA LEU A 224 -16.38 -32.53 -12.44
C LEU A 224 -14.96 -32.61 -12.98
N SER A 225 -14.26 -33.68 -12.61
CA SER A 225 -12.86 -33.87 -12.98
C SER A 225 -12.42 -35.30 -12.75
N TYR A 226 -11.26 -35.63 -13.32
CA TYR A 226 -10.62 -36.94 -13.21
C TYR A 226 -9.15 -36.71 -12.83
N HIS A 227 -8.57 -37.61 -12.05
CA HIS A 227 -7.22 -37.42 -11.49
C HIS A 227 -6.41 -38.71 -11.64
N PRO A 228 -5.57 -38.78 -12.69
CA PRO A 228 -4.84 -39.98 -13.13
C PRO A 228 -3.99 -40.67 -12.08
N GLU A 229 -3.18 -39.92 -11.35
CA GLU A 229 -2.33 -40.46 -10.28
C GLU A 229 -3.12 -41.36 -9.30
N SER A 230 -4.29 -40.93 -8.85
CA SER A 230 -5.13 -41.71 -7.93
C SER A 230 -6.25 -42.51 -8.59
N GLY A 231 -6.60 -42.21 -9.83
CA GLY A 231 -7.76 -42.81 -10.49
C GLY A 231 -9.10 -42.19 -10.12
N ALA A 232 -9.07 -41.18 -9.26
CA ALA A 232 -10.30 -40.62 -8.73
C ALA A 232 -11.13 -39.86 -9.81
N VAL A 233 -12.44 -40.00 -9.75
CA VAL A 233 -13.36 -39.12 -10.42
C VAL A 233 -14.16 -38.41 -9.33
N LYS A 234 -14.13 -37.08 -9.31
CA LYS A 234 -14.88 -36.34 -8.31
C LYS A 234 -16.36 -36.69 -8.48
N PRO A 235 -17.02 -37.05 -7.39
CA PRO A 235 -18.34 -37.65 -7.50
C PRO A 235 -19.52 -36.70 -7.75
N TRP A 236 -19.30 -35.44 -8.12
CA TRP A 236 -20.38 -34.54 -8.45
C TRP A 236 -20.46 -34.32 -9.96
N ILE A 237 -21.67 -34.24 -10.50
CA ILE A 237 -21.87 -33.85 -11.90
C ILE A 237 -21.98 -32.33 -11.96
N SER A 238 -21.55 -31.75 -13.09
CA SER A 238 -21.46 -30.28 -13.28
C SER A 238 -22.12 -29.84 -14.60
N ALA A 239 -23.11 -28.96 -14.48
CA ALA A 239 -23.82 -28.43 -15.62
C ALA A 239 -22.95 -27.54 -16.48
N TYR A 240 -22.18 -26.63 -15.88
CA TYR A 240 -21.35 -25.72 -16.69
C TYR A 240 -20.33 -26.56 -17.48
N THR A 241 -19.74 -27.55 -16.81
CA THR A 241 -18.76 -28.42 -17.39
C THR A 241 -19.36 -29.12 -18.60
N THR A 242 -20.58 -29.60 -18.43
CA THR A 242 -21.22 -30.42 -19.44
C THR A 242 -21.64 -29.55 -20.60
N ALA A 243 -22.18 -28.38 -20.31
CA ALA A 243 -22.67 -27.49 -21.36
C ALA A 243 -21.55 -27.05 -22.32
N TRP A 244 -20.42 -26.64 -21.73
CA TRP A 244 -19.22 -26.25 -22.48
C TRP A 244 -18.73 -27.44 -23.32
N THR A 245 -18.58 -28.59 -22.68
CA THR A 245 -18.02 -29.77 -23.37
C THR A 245 -18.91 -30.23 -24.51
N LEU A 246 -20.21 -30.36 -24.26
CA LEU A 246 -21.12 -30.79 -25.31
C LEU A 246 -21.14 -29.80 -26.48
N ALA A 247 -21.00 -28.50 -26.19
CA ALA A 247 -21.04 -27.51 -27.25
C ALA A 247 -19.87 -27.70 -28.21
N MSE A 248 -18.67 -27.83 -27.65
CA MSE A 248 -17.48 -28.02 -28.47
C MSE A 248 -17.46 -29.38 -29.07
O MSE A 248 -17.07 -29.53 -30.25
CB MSE A 248 -16.21 -27.78 -27.65
CG MSE A 248 -16.08 -26.27 -27.40
SE MSE A 248 -14.29 -25.85 -26.71
CE MSE A 248 -14.40 -23.92 -27.06
N VAL A 249 -17.92 -30.40 -28.34
CA VAL A 249 -17.94 -31.74 -28.92
C VAL A 249 -18.87 -31.80 -30.15
N HIS A 250 -19.96 -31.06 -30.13
CA HIS A 250 -20.92 -31.06 -31.24
C HIS A 250 -20.29 -30.61 -32.58
N GLY A 251 -19.19 -29.86 -32.52
CA GLY A 251 -18.43 -29.53 -33.73
C GLY A 251 -17.56 -30.66 -34.31
N MSE A 252 -17.21 -31.65 -33.50
CA MSE A 252 -16.34 -32.73 -33.89
C MSE A 252 -17.11 -34.01 -34.15
O MSE A 252 -16.85 -34.70 -35.14
CB MSE A 252 -15.32 -32.93 -32.79
CG MSE A 252 -14.41 -31.72 -32.64
SE MSE A 252 -13.02 -31.97 -31.24
CE MSE A 252 -14.16 -31.52 -29.68
N ASP A 253 -18.08 -34.31 -33.27
CA ASP A 253 -18.96 -35.49 -33.40
C ASP A 253 -20.37 -35.09 -32.97
N PRO A 254 -21.16 -34.56 -33.91
CA PRO A 254 -22.50 -34.04 -33.59
C PRO A 254 -23.42 -35.04 -32.91
N ALA A 255 -23.28 -36.31 -33.27
CA ALA A 255 -24.15 -37.36 -32.73
C ALA A 255 -23.98 -37.55 -31.23
N PHE A 256 -22.73 -37.45 -30.76
CA PHE A 256 -22.38 -37.49 -29.33
C PHE A 256 -23.22 -36.50 -28.53
N SER A 257 -23.20 -35.23 -28.92
CA SER A 257 -23.92 -34.20 -28.21
C SER A 257 -25.43 -34.31 -28.37
N GLU A 258 -25.88 -34.74 -29.55
CA GLU A 258 -27.33 -34.97 -29.78
C GLU A 258 -27.87 -36.06 -28.86
N ARG A 259 -27.06 -37.11 -28.62
CA ARG A 259 -27.42 -38.20 -27.70
C ARG A 259 -27.68 -37.68 -26.28
N TYR A 260 -26.79 -36.85 -25.77
CA TYR A 260 -26.83 -36.43 -24.36
C TYR A 260 -27.63 -35.17 -24.07
N TYR A 261 -27.80 -34.32 -25.08
CA TYR A 261 -28.39 -32.99 -24.85
C TYR A 261 -29.77 -33.05 -24.16
N PRO A 262 -30.68 -33.93 -24.62
CA PRO A 262 -32.02 -33.93 -23.98
C PRO A 262 -31.98 -34.38 -22.53
N ARG A 263 -31.07 -35.29 -22.20
CA ARG A 263 -30.91 -35.80 -20.84
C ARG A 263 -30.29 -34.73 -19.92
N PHE A 264 -29.25 -34.05 -20.43
CA PHE A 264 -28.70 -32.85 -19.83
C PHE A 264 -29.80 -31.87 -19.42
N LYS A 265 -30.71 -31.56 -20.34
CA LYS A 265 -31.76 -30.59 -20.02
C LYS A 265 -32.69 -31.09 -18.91
N GLN A 266 -33.05 -32.37 -18.94
CA GLN A 266 -33.90 -32.97 -17.91
C GLN A 266 -33.20 -32.86 -16.55
N THR A 267 -31.89 -33.15 -16.55
CA THR A 267 -31.10 -33.18 -15.33
C THR A 267 -30.94 -31.80 -14.67
N PHE A 268 -30.67 -30.76 -15.46
CA PHE A 268 -30.23 -29.47 -14.94
C PHE A 268 -31.14 -28.23 -15.15
N VAL A 269 -31.93 -28.20 -16.21
CA VAL A 269 -32.60 -26.95 -16.62
C VAL A 269 -33.95 -26.83 -15.94
N GLU A 270 -34.15 -25.73 -15.23
CA GLU A 270 -35.44 -25.39 -14.67
C GLU A 270 -36.11 -24.32 -15.52
N VAL A 271 -37.22 -24.68 -16.17
CA VAL A 271 -38.06 -23.69 -16.85
C VAL A 271 -39.03 -23.10 -15.83
N TYR A 272 -39.28 -21.79 -15.87
CA TYR A 272 -40.14 -21.12 -14.91
C TYR A 272 -40.82 -19.90 -15.55
N ASP A 273 -41.61 -19.16 -14.76
CA ASP A 273 -42.35 -17.98 -15.23
C ASP A 273 -43.22 -18.30 -16.47
N GLU A 274 -44.03 -19.35 -16.31
CA GLU A 274 -44.99 -19.81 -17.34
C GLU A 274 -44.29 -20.06 -18.68
N GLY A 275 -43.17 -20.76 -18.63
CA GLY A 275 -42.35 -21.03 -19.82
C GLY A 275 -41.52 -19.90 -20.43
N ARG A 276 -41.57 -18.70 -19.86
CA ARG A 276 -40.86 -17.56 -20.47
C ARG A 276 -39.35 -17.54 -20.15
N LYS A 277 -38.96 -18.24 -19.08
CA LYS A 277 -37.59 -18.17 -18.55
C LYS A 277 -37.04 -19.53 -18.21
N ALA A 278 -35.73 -19.59 -18.13
CA ALA A 278 -35.04 -20.76 -17.64
C ALA A 278 -33.77 -20.41 -16.89
N ARG A 279 -33.41 -21.28 -15.95
CA ARG A 279 -32.14 -21.19 -15.25
C ARG A 279 -31.62 -22.60 -15.00
N VAL A 280 -30.31 -22.73 -14.81
CA VAL A 280 -29.67 -24.01 -14.77
C VAL A 280 -29.05 -24.31 -13.42
N ARG A 281 -29.38 -25.46 -12.87
CA ARG A 281 -28.72 -25.98 -11.68
C ARG A 281 -27.30 -26.44 -12.03
N GLU A 282 -26.34 -26.18 -11.16
CA GLU A 282 -24.94 -26.50 -11.42
C GLU A 282 -24.64 -27.96 -11.12
N THR A 283 -25.34 -28.56 -10.17
CA THR A 283 -25.11 -29.98 -9.85
C THR A 283 -26.40 -30.66 -9.45
N ALA A 284 -26.29 -31.96 -9.18
CA ALA A 284 -27.42 -32.76 -8.69
C ALA A 284 -27.64 -32.57 -7.20
N GLY A 285 -28.87 -32.85 -6.77
CA GLY A 285 -29.22 -32.84 -5.36
C GLY A 285 -29.35 -31.46 -4.79
N THR A 286 -29.88 -30.51 -5.58
CA THR A 286 -30.10 -29.15 -5.14
C THR A 286 -31.19 -28.56 -6.00
N ASP A 287 -31.90 -27.56 -5.48
CA ASP A 287 -32.81 -26.73 -6.29
C ASP A 287 -32.18 -25.40 -6.64
N ASP A 288 -31.00 -25.09 -6.09
CA ASP A 288 -30.33 -23.81 -6.33
C ASP A 288 -29.81 -23.75 -7.79
N ALA A 289 -30.01 -22.59 -8.43
CA ALA A 289 -29.48 -22.36 -9.78
C ALA A 289 -28.13 -21.68 -9.71
N ASP A 290 -27.27 -21.98 -10.68
CA ASP A 290 -26.01 -21.24 -10.90
C ASP A 290 -25.10 -21.18 -9.68
N GLY A 291 -25.05 -22.29 -8.95
CA GLY A 291 -24.05 -22.48 -7.95
C GLY A 291 -22.67 -22.74 -8.55
N GLY A 292 -21.73 -23.08 -7.68
CA GLY A 292 -20.36 -23.31 -8.08
C GLY A 292 -19.73 -22.04 -8.62
N VAL A 293 -19.11 -22.14 -9.80
CA VAL A 293 -18.55 -20.95 -10.47
C VAL A 293 -19.60 -19.96 -10.99
N GLY A 294 -20.87 -20.37 -11.04
CA GLY A 294 -21.97 -19.45 -11.37
C GLY A 294 -22.19 -19.29 -12.86
N LEU A 295 -21.67 -20.22 -13.66
CA LEU A 295 -21.70 -20.11 -15.12
C LEU A 295 -22.60 -21.14 -15.84
N ALA A 296 -23.39 -21.92 -15.08
CA ALA A 296 -24.18 -22.98 -15.69
C ALA A 296 -25.15 -22.40 -16.73
N SER A 297 -25.87 -21.36 -16.37
CA SER A 297 -26.86 -20.76 -17.27
C SER A 297 -26.22 -20.14 -18.52
N ALA A 298 -25.13 -19.39 -18.31
CA ALA A 298 -24.40 -18.80 -19.40
C ALA A 298 -23.83 -19.82 -20.38
N PHE A 299 -23.21 -20.88 -19.89
CA PHE A 299 -22.67 -21.92 -20.84
C PHE A 299 -23.80 -22.69 -21.51
N THR A 300 -24.91 -22.88 -20.80
CA THR A 300 -26.08 -23.52 -21.40
C THR A 300 -26.67 -22.63 -22.50
N LEU A 301 -26.59 -21.31 -22.33
CA LEU A 301 -26.99 -20.38 -23.40
C LEU A 301 -26.17 -20.62 -24.65
N LEU A 302 -24.86 -20.77 -24.50
CA LEU A 302 -24.00 -21.15 -25.63
C LEU A 302 -24.42 -22.49 -26.23
N LEU A 303 -24.67 -23.47 -25.37
CA LEU A 303 -25.02 -24.80 -25.83
C LEU A 303 -26.33 -24.78 -26.63
N ALA A 304 -27.35 -24.15 -26.10
CA ALA A 304 -28.59 -23.96 -26.80
C ALA A 304 -28.37 -23.36 -28.20
N ARG A 305 -27.52 -22.37 -28.29
CA ARG A 305 -27.18 -21.80 -29.59
C ARG A 305 -26.52 -22.85 -30.47
N GLU A 306 -25.55 -23.56 -29.94
CA GLU A 306 -24.86 -24.60 -30.69
C GLU A 306 -25.81 -25.68 -31.20
N MSE A 307 -26.81 -26.04 -30.40
CA MSE A 307 -27.78 -27.07 -30.80
C MSE A 307 -29.02 -26.55 -31.54
O MSE A 307 -29.94 -27.30 -31.79
CB MSE A 307 -28.32 -27.84 -29.55
CG MSE A 307 -27.28 -28.44 -28.60
SE MSE A 307 -25.95 -29.59 -29.49
CE MSE A 307 -27.18 -31.11 -29.76
N GLY A 308 -29.06 -25.27 -31.91
CA GLY A 308 -30.26 -24.73 -32.55
C GLY A 308 -31.54 -24.72 -31.73
N ASP A 309 -31.41 -24.74 -30.41
CA ASP A 309 -32.53 -24.75 -29.50
C ASP A 309 -32.93 -23.30 -29.20
N GLN A 310 -33.72 -22.73 -30.09
CA GLN A 310 -34.18 -21.35 -29.93
C GLN A 310 -35.02 -21.10 -28.69
N GLN A 311 -35.86 -22.05 -28.33
CA GLN A 311 -36.75 -21.86 -27.19
C GLN A 311 -35.94 -21.72 -25.90
N LEU A 312 -34.99 -22.63 -25.70
CA LEU A 312 -34.20 -22.58 -24.51
C LEU A 312 -33.31 -21.33 -24.48
N PHE A 313 -32.76 -20.97 -25.65
CA PHE A 313 -31.93 -19.78 -25.75
C PHE A 313 -32.71 -18.58 -25.25
N ASP A 314 -33.93 -18.41 -25.77
CA ASP A 314 -34.81 -17.30 -25.41
C ASP A 314 -35.13 -17.29 -23.91
N GLN A 315 -35.38 -18.48 -23.36
CA GLN A 315 -35.70 -18.63 -21.94
C GLN A 315 -34.52 -18.23 -21.05
N LEU A 316 -33.32 -18.75 -21.39
CA LEU A 316 -32.11 -18.44 -20.62
C LEU A 316 -31.78 -16.96 -20.69
N LEU A 317 -31.87 -16.39 -21.89
CA LEU A 317 -31.51 -15.00 -22.03
C LEU A 317 -32.50 -14.11 -21.30
N ASN A 318 -33.77 -14.52 -21.20
CA ASN A 318 -34.77 -13.74 -20.43
C ASN A 318 -34.50 -13.75 -18.93
N HIS A 319 -33.83 -14.81 -18.46
CA HIS A 319 -33.34 -14.89 -17.11
C HIS A 319 -32.01 -14.08 -16.94
N LEU A 320 -31.04 -14.26 -17.87
CA LEU A 320 -29.70 -13.68 -17.70
C LEU A 320 -29.61 -12.17 -17.95
N GLU A 321 -30.21 -11.69 -19.03
CA GLU A 321 -29.94 -10.33 -19.48
C GLU A 321 -30.66 -9.22 -18.67
N PRO A 322 -31.98 -9.35 -18.44
CA PRO A 322 -32.64 -8.16 -17.87
C PRO A 322 -32.12 -7.70 -16.50
N PRO A 323 -31.85 -8.63 -15.58
CA PRO A 323 -31.32 -8.20 -14.27
C PRO A 323 -29.94 -7.56 -14.35
N ALA A 324 -29.18 -7.83 -15.42
CA ALA A 324 -27.89 -7.20 -15.61
C ALA A 324 -27.97 -5.77 -16.09
N LYS A 325 -29.16 -5.31 -16.45
CA LYS A 325 -29.45 -3.90 -16.72
C LYS A 325 -28.53 -3.39 -17.84
N PRO A 326 -28.73 -3.90 -19.06
CA PRO A 326 -27.98 -3.38 -20.20
C PRO A 326 -28.38 -1.95 -20.47
N SER A 327 -27.42 -1.12 -20.90
CA SER A 327 -27.73 0.16 -21.56
C SER A 327 -26.80 0.40 -22.75
N ILE A 328 -27.30 1.12 -23.75
CA ILE A 328 -26.51 1.50 -24.92
C ILE A 328 -26.33 3.01 -24.85
N VAL A 329 -25.11 3.46 -24.57
CA VAL A 329 -24.77 4.88 -24.48
C VAL A 329 -23.69 5.14 -25.52
N SER A 330 -23.90 6.17 -26.36
CA SER A 330 -23.01 6.49 -27.48
C SER A 330 -22.69 5.27 -28.35
N ALA A 331 -23.75 4.52 -28.66
CA ALA A 331 -23.72 3.31 -29.51
C ALA A 331 -22.81 2.22 -28.97
N SER A 332 -22.64 2.17 -27.65
CA SER A 332 -21.76 1.17 -27.00
C SER A 332 -22.50 0.50 -25.83
N LEU A 333 -22.35 -0.81 -25.69
CA LEU A 333 -23.10 -1.61 -24.72
C LEU A 333 -22.37 -1.75 -23.38
N ARG A 334 -23.07 -1.47 -22.29
CA ARG A 334 -22.54 -1.64 -20.92
C ARG A 334 -23.64 -2.40 -20.12
N TYR A 335 -23.25 -3.28 -19.20
CA TYR A 335 -24.16 -3.88 -18.24
C TYR A 335 -23.89 -3.27 -16.86
N GLU A 336 -24.90 -2.64 -16.25
CA GLU A 336 -24.75 -2.04 -14.91
C GLU A 336 -24.51 -3.13 -13.84
N HIS A 337 -25.05 -4.35 -14.02
CA HIS A 337 -25.07 -5.35 -12.97
C HIS A 337 -24.83 -6.75 -13.53
N PRO A 338 -23.63 -6.99 -14.07
CA PRO A 338 -23.36 -8.34 -14.60
C PRO A 338 -23.52 -9.42 -13.53
N GLY A 339 -24.18 -10.53 -13.86
CA GLY A 339 -24.57 -11.55 -12.83
C GLY A 339 -23.56 -12.62 -12.51
N SER A 340 -22.41 -12.61 -13.18
CA SER A 340 -21.39 -13.63 -13.04
C SER A 340 -20.07 -13.13 -13.62
N LEU A 341 -19.02 -13.91 -13.44
CA LEU A 341 -17.78 -13.70 -14.18
C LEU A 341 -18.04 -13.97 -15.67
N LEU A 342 -17.16 -13.47 -16.52
CA LEU A 342 -17.23 -13.72 -17.94
C LEU A 342 -18.60 -13.38 -18.53
N PHE A 343 -19.28 -12.39 -17.97
CA PHE A 343 -20.67 -12.14 -18.31
C PHE A 343 -20.84 -11.56 -19.71
N ASP A 344 -20.25 -10.39 -20.01
CA ASP A 344 -20.38 -9.83 -21.37
C ASP A 344 -19.71 -10.73 -22.44
N GLU A 345 -18.65 -11.43 -22.07
CA GLU A 345 -17.97 -12.33 -22.97
C GLU A 345 -18.91 -13.45 -23.43
N LEU A 346 -19.55 -14.13 -22.49
CA LEU A 346 -20.39 -15.29 -22.81
C LEU A 346 -21.70 -14.94 -23.50
N LEU A 347 -22.32 -13.83 -23.09
CA LEU A 347 -23.50 -13.36 -23.81
C LEU A 347 -23.18 -12.92 -25.25
N PHE A 348 -22.03 -12.25 -25.42
CA PHE A 348 -21.54 -11.88 -26.74
C PHE A 348 -21.40 -13.12 -27.60
N LEU A 349 -20.63 -14.08 -27.08
CA LEU A 349 -20.39 -15.35 -27.77
C LEU A 349 -21.70 -16.03 -28.16
N ALA A 350 -22.60 -16.18 -27.20
CA ALA A 350 -23.84 -16.90 -27.46
C ALA A 350 -24.74 -16.20 -28.46
N LYS A 351 -24.77 -14.87 -28.41
CA LYS A 351 -25.49 -14.09 -29.39
C LYS A 351 -25.02 -14.29 -30.85
N VAL A 352 -23.71 -14.47 -31.06
CA VAL A 352 -23.16 -14.58 -32.41
C VAL A 352 -22.82 -15.99 -32.87
N HIS A 353 -22.81 -16.94 -31.94
CA HIS A 353 -22.18 -18.21 -32.19
C HIS A 353 -22.79 -18.91 -33.40
N ALA A 354 -21.95 -19.21 -34.38
CA ALA A 354 -22.41 -19.82 -35.63
C ALA A 354 -22.34 -21.34 -35.60
N GLY A 355 -21.77 -21.89 -34.54
CA GLY A 355 -21.52 -23.32 -34.41
C GLY A 355 -20.05 -23.63 -34.60
N PHE A 356 -19.49 -24.49 -33.74
CA PHE A 356 -18.09 -24.81 -33.84
C PHE A 356 -17.73 -25.51 -35.16
N GLY A 357 -18.65 -26.33 -35.66
CA GLY A 357 -18.48 -26.99 -36.95
C GLY A 357 -18.39 -26.00 -38.08
N ALA A 358 -19.28 -25.01 -38.06
CA ALA A 358 -19.24 -23.89 -39.03
C ALA A 358 -17.93 -23.09 -39.00
N LEU A 359 -17.33 -22.94 -37.84
CA LEU A 359 -16.03 -22.29 -37.73
C LEU A 359 -14.97 -23.12 -38.46
N LEU A 360 -14.96 -24.41 -38.22
CA LEU A 360 -14.05 -25.33 -38.92
C LEU A 360 -14.17 -25.24 -40.44
N ARG A 361 -15.41 -25.11 -40.92
CA ARG A 361 -15.69 -25.02 -42.34
C ARG A 361 -15.76 -23.57 -42.83
N MSE A 362 -15.02 -22.65 -42.20
CA MSE A 362 -15.09 -21.25 -42.57
C MSE A 362 -14.49 -21.06 -43.95
O MSE A 362 -13.33 -21.44 -44.13
CB MSE A 362 -14.32 -20.40 -41.57
CG MSE A 362 -14.64 -18.94 -41.82
SE MSE A 362 -13.57 -17.82 -40.61
CE MSE A 362 -14.26 -18.44 -38.87
N PRO A 363 -15.21 -20.49 -44.90
CA PRO A 363 -14.58 -20.18 -46.22
C PRO A 363 -13.36 -19.25 -46.08
N PRO A 364 -12.36 -19.40 -46.94
CA PRO A 364 -11.20 -18.50 -46.81
C PRO A 364 -11.50 -17.05 -47.22
N PRO A 365 -10.52 -16.16 -47.01
CA PRO A 365 -10.59 -14.76 -47.49
C PRO A 365 -9.99 -14.67 -48.90
N ALA B 2 -7.91 48.12 22.27
CA ALA B 2 -7.84 46.64 22.55
C ALA B 2 -6.62 46.27 23.45
N GLU B 3 -5.48 45.95 22.82
CA GLU B 3 -4.21 45.54 23.52
C GLU B 3 -4.03 44.00 23.47
N LEU B 4 -4.81 43.18 24.26
CA LEU B 4 -5.00 41.70 24.02
C LEU B 4 -6.32 41.13 23.43
N PRO B 5 -6.42 41.07 22.11
CA PRO B 5 -7.66 40.54 21.53
C PRO B 5 -7.78 39.03 21.75
N PRO B 6 -8.97 38.45 21.57
CA PRO B 6 -9.03 37.00 21.69
C PRO B 6 -8.13 36.34 20.65
N GLY B 7 -7.48 35.23 21.04
CA GLY B 7 -6.60 34.47 20.16
C GLY B 7 -5.22 35.07 20.07
N ARG B 8 -4.97 36.12 20.83
CA ARG B 8 -3.63 36.64 20.98
C ARG B 8 -3.07 36.23 22.29
N LEU B 9 -1.77 35.97 22.31
CA LEU B 9 -1.09 35.44 23.49
C LEU B 9 -0.23 36.46 24.24
N ALA B 10 0.31 37.44 23.52
CA ALA B 10 1.05 38.55 24.14
C ALA B 10 0.96 39.80 23.28
N THR B 11 1.19 40.96 23.87
CA THR B 11 1.09 42.18 23.11
C THR B 11 2.25 42.35 22.17
N THR B 12 2.02 43.13 21.12
CA THR B 12 3.08 43.56 20.23
C THR B 12 4.18 44.30 21.02
N GLU B 13 3.79 45.14 21.95
CA GLU B 13 4.73 45.86 22.81
C GLU B 13 5.66 44.88 23.52
N ASP B 14 5.09 43.79 24.03
CA ASP B 14 5.89 42.73 24.69
C ASP B 14 6.88 42.05 23.72
N TYR B 15 6.46 41.74 22.49
CA TYR B 15 7.36 41.07 21.53
C TYR B 15 8.53 41.98 21.23
N PHE B 16 8.24 43.24 20.97
CA PHE B 16 9.28 44.22 20.62
C PHE B 16 10.21 44.53 21.80
N ALA B 17 9.73 44.38 23.03
CA ALA B 17 10.53 44.63 24.23
C ALA B 17 11.43 43.46 24.66
N GLN B 18 11.32 42.28 24.02
CA GLN B 18 12.05 41.07 24.50
C GLN B 18 13.56 41.30 24.65
N GLN B 19 14.15 41.93 23.66
CA GLN B 19 15.59 42.13 23.63
C GLN B 19 16.06 43.03 24.78
N ALA B 20 15.31 44.09 25.03
CA ALA B 20 15.56 44.99 26.14
C ALA B 20 15.31 44.34 27.51
N LYS B 21 14.26 43.55 27.65
CA LYS B 21 13.99 42.82 28.90
C LYS B 21 14.93 41.58 29.06
N GLN B 22 15.74 41.27 28.05
CA GLN B 22 16.56 40.06 28.02
C GLN B 22 15.82 38.77 28.35
N ALA B 23 14.60 38.66 27.83
CA ALA B 23 13.76 37.50 28.07
C ALA B 23 12.75 37.36 26.93
N VAL B 24 12.50 36.13 26.51
CA VAL B 24 11.41 35.85 25.60
C VAL B 24 10.09 35.89 26.35
N THR B 25 8.98 36.01 25.63
CA THR B 25 7.65 36.01 26.20
C THR B 25 7.28 34.59 26.56
N PRO B 26 6.29 34.41 27.44
CA PRO B 26 5.89 33.02 27.79
C PRO B 26 5.40 32.19 26.60
N ASP B 27 4.80 32.83 25.61
CA ASP B 27 4.34 32.08 24.43
C ASP B 27 5.49 31.66 23.53
N VAL B 28 6.55 32.47 23.45
CA VAL B 28 7.73 32.10 22.75
C VAL B 28 8.42 30.95 23.46
N MSE B 29 8.48 30.99 24.80
CA MSE B 29 8.99 29.86 25.60
C MSE B 29 8.19 28.61 25.28
O MSE B 29 8.75 27.53 25.03
CB MSE B 29 8.97 30.23 27.08
CG MSE B 29 9.59 29.23 28.06
SE MSE B 29 11.52 29.00 27.69
CE MSE B 29 12.16 30.51 28.84
N ALA B 30 6.87 28.75 25.22
CA ALA B 30 6.00 27.63 24.90
C ALA B 30 6.22 27.08 23.50
N GLN B 31 6.57 27.94 22.55
CA GLN B 31 6.94 27.50 21.20
C GLN B 31 8.28 26.75 21.24
N LEU B 32 9.24 27.24 22.01
CA LEU B 32 10.51 26.51 22.18
C LEU B 32 10.29 25.11 22.80
N ALA B 33 9.28 24.99 23.66
CA ALA B 33 8.89 23.71 24.24
C ALA B 33 8.33 22.78 23.18
N TYR B 34 7.43 23.28 22.35
CA TYR B 34 6.95 22.45 21.24
C TYR B 34 8.14 21.93 20.46
N MSE B 35 9.11 22.81 20.23
CA MSE B 35 10.32 22.50 19.43
C MSE B 35 11.24 21.50 20.07
O MSE B 35 11.88 20.72 19.37
CB MSE B 35 11.10 23.76 19.08
CG MSE B 35 10.32 24.61 18.09
SE MSE B 35 11.01 26.46 17.93
CE MSE B 35 12.72 26.11 16.98
N ASN B 36 11.29 21.47 21.41
CA ASN B 36 12.30 20.74 22.16
C ASN B 36 11.83 19.67 23.14
N TYR B 37 10.57 19.68 23.56
CA TYR B 37 10.19 19.00 24.81
C TYR B 37 10.03 17.46 24.70
N ILE B 38 9.10 17.02 23.85
CA ILE B 38 8.63 15.64 23.88
C ILE B 38 9.60 14.72 23.15
N ASP B 39 9.91 13.60 23.78
CA ASP B 39 10.80 12.61 23.20
C ASP B 39 10.27 12.15 21.83
N PHE B 40 11.18 12.02 20.87
CA PHE B 40 10.98 11.46 19.54
C PHE B 40 10.27 12.35 18.53
N ILE B 41 9.17 12.95 18.95
CA ILE B 41 8.28 13.67 18.05
C ILE B 41 8.52 15.17 18.00
N SER B 42 9.30 15.73 18.93
CA SER B 42 9.61 17.14 18.82
C SER B 42 10.62 17.35 17.68
N PRO B 43 10.54 18.49 16.97
CA PRO B 43 11.40 18.62 15.81
C PRO B 43 12.91 18.65 16.10
N PHE B 44 13.31 19.22 17.23
CA PHE B 44 14.73 19.38 17.56
C PHE B 44 15.18 18.42 18.66
N TYR B 45 14.60 17.25 18.67
CA TYR B 45 14.95 16.18 19.60
C TYR B 45 16.29 15.52 19.30
N SER B 46 16.57 15.27 18.04
CA SER B 46 17.67 14.42 17.61
C SER B 46 18.42 14.95 16.37
N ARG B 47 19.74 14.74 16.31
CA ARG B 47 20.49 15.09 15.06
C ARG B 47 20.27 14.09 13.95
N GLY B 48 19.63 12.99 14.25
CA GLY B 48 19.43 11.93 13.26
C GLY B 48 18.51 12.32 12.15
N CYS B 49 18.50 11.51 11.12
CA CYS B 49 17.60 11.71 9.98
C CYS B 49 16.18 11.14 10.23
N SER B 50 15.50 11.70 11.21
CA SER B 50 14.13 11.36 11.56
C SER B 50 13.34 12.64 11.42
N PHE B 51 12.14 12.52 10.87
CA PHE B 51 11.33 13.67 10.61
C PHE B 51 9.90 13.55 11.16
N GLU B 52 9.72 12.91 12.31
CA GLU B 52 8.38 12.69 12.88
C GLU B 52 7.58 13.99 13.06
N ALA B 53 8.21 15.05 13.58
CA ALA B 53 7.51 16.32 13.80
C ALA B 53 6.88 16.84 12.52
N TRP B 54 7.59 16.65 11.42
CA TRP B 54 7.15 17.11 10.12
C TRP B 54 6.07 16.19 9.54
N GLU B 55 6.20 14.89 9.74
CA GLU B 55 5.14 13.94 9.37
C GLU B 55 3.85 14.29 10.09
N LEU B 56 3.93 14.57 11.38
CA LEU B 56 2.72 14.90 12.19
C LEU B 56 2.03 16.20 11.77
N LYS B 57 2.79 17.23 11.43
CA LYS B 57 2.29 18.46 10.83
C LYS B 57 1.86 18.34 9.36
N HIS B 58 2.14 17.21 8.70
CA HIS B 58 1.88 17.08 7.25
C HIS B 58 2.67 18.06 6.36
N THR B 59 3.90 18.39 6.75
CA THR B 59 4.77 19.21 5.92
C THR B 59 5.14 18.49 4.63
N PRO B 60 4.86 19.09 3.45
CA PRO B 60 5.28 18.45 2.19
C PRO B 60 6.79 18.35 2.13
N GLN B 61 7.35 17.36 1.43
CA GLN B 61 8.81 17.20 1.54
C GLN B 61 9.58 18.38 1.00
N ARG B 62 9.06 19.01 -0.05
CA ARG B 62 9.73 20.16 -0.64
C ARG B 62 9.83 21.37 0.31
N VAL B 63 9.02 21.39 1.36
CA VAL B 63 8.95 22.52 2.25
C VAL B 63 9.85 22.34 3.47
N ILE B 64 10.29 21.11 3.73
CA ILE B 64 11.04 20.82 4.98
C ILE B 64 12.30 21.67 5.11
N LYS B 65 13.02 21.86 4.00
CA LYS B 65 14.22 22.66 4.02
C LYS B 65 13.94 24.06 4.49
N TYR B 66 12.81 24.61 4.06
CA TYR B 66 12.41 25.96 4.49
C TYR B 66 11.98 25.96 5.94
N SER B 67 11.31 24.91 6.38
CA SER B 67 10.85 24.84 7.77
C SER B 67 12.05 24.92 8.69
N ILE B 68 13.06 24.11 8.37
CA ILE B 68 14.27 24.03 9.17
C ILE B 68 14.96 25.40 9.15
N ALA B 69 15.14 25.97 7.95
CA ALA B 69 15.79 27.27 7.84
C ALA B 69 15.10 28.34 8.67
N PHE B 70 13.78 28.46 8.55
CA PHE B 70 13.09 29.56 9.21
C PHE B 70 13.09 29.36 10.71
N TYR B 71 13.01 28.11 11.19
CA TYR B 71 13.23 27.82 12.61
C TYR B 71 14.64 28.30 13.06
N ALA B 72 15.66 27.99 12.26
CA ALA B 72 17.02 28.39 12.55
C ALA B 72 17.19 29.91 12.65
N TYR B 73 16.55 30.64 11.75
CA TYR B 73 16.64 32.09 11.79
C TYR B 73 16.01 32.63 13.07
N GLY B 74 14.91 32.04 13.50
CA GLY B 74 14.26 32.43 14.74
C GLY B 74 15.14 32.08 15.93
N LEU B 75 15.76 30.90 15.88
CA LEU B 75 16.68 30.53 16.95
C LEU B 75 17.86 31.48 17.10
N ALA B 76 18.37 31.99 15.98
CA ALA B 76 19.45 32.96 16.03
C ALA B 76 19.06 34.21 16.78
N SER B 77 17.83 34.69 16.59
CA SER B 77 17.34 35.81 17.38
C SER B 77 17.09 35.47 18.83
N VAL B 78 16.64 34.26 19.12
CA VAL B 78 16.46 33.83 20.51
C VAL B 78 17.80 33.97 21.25
N ALA B 79 18.89 33.57 20.61
CA ALA B 79 20.23 33.67 21.17
C ALA B 79 20.64 35.09 21.55
N LEU B 80 20.27 36.04 20.70
CA LEU B 80 20.53 37.47 20.91
C LEU B 80 19.67 38.04 22.02
N ILE B 81 18.43 37.61 22.08
CA ILE B 81 17.47 38.08 23.08
C ILE B 81 17.87 37.75 24.50
N ASP B 82 18.12 36.48 24.78
CA ASP B 82 18.25 35.96 26.16
C ASP B 82 19.51 35.12 26.29
N PRO B 83 20.55 35.68 26.94
CA PRO B 83 21.81 34.94 27.07
C PRO B 83 21.66 33.59 27.79
N LYS B 84 20.70 33.50 28.71
CA LYS B 84 20.35 32.24 29.37
C LYS B 84 19.85 31.14 28.37
N LEU B 85 19.27 31.53 27.22
CA LEU B 85 18.83 30.58 26.19
C LEU B 85 19.79 30.38 25.02
N ARG B 86 20.91 31.08 25.02
CA ARG B 86 21.82 31.03 23.89
C ARG B 86 22.40 29.61 23.64
N ALA B 87 22.73 28.90 24.70
CA ALA B 87 23.30 27.56 24.52
C ALA B 87 22.24 26.64 23.89
N LEU B 88 21.01 26.70 24.42
CA LEU B 88 19.89 25.96 23.85
C LEU B 88 19.69 26.26 22.37
N ALA B 89 19.67 27.54 22.02
CA ALA B 89 19.54 27.94 20.61
C ALA B 89 20.67 27.34 19.78
N GLY B 90 21.87 27.36 20.34
CA GLY B 90 23.04 26.83 19.63
C GLY B 90 22.91 25.34 19.43
N HIS B 91 22.40 24.67 20.45
CA HIS B 91 22.13 23.23 20.35
C HIS B 91 21.10 22.94 19.26
N ASP B 92 19.99 23.67 19.27
CA ASP B 92 18.96 23.51 18.22
C ASP B 92 19.49 23.81 16.82
N LEU B 93 20.35 24.81 16.68
CA LEU B 93 20.98 25.10 15.38
C LEU B 93 21.89 23.98 14.88
N ASP B 94 22.56 23.34 15.83
CA ASP B 94 23.42 22.21 15.51
C ASP B 94 22.57 21.10 14.88
N ILE B 95 21.46 20.81 15.56
CA ILE B 95 20.50 19.85 15.06
C ILE B 95 19.91 20.28 13.72
N ALA B 96 19.58 21.56 13.62
CA ALA B 96 19.05 22.08 12.37
C ALA B 96 19.98 21.78 11.19
N VAL B 97 21.25 22.09 11.36
CA VAL B 97 22.23 21.91 10.30
C VAL B 97 22.31 20.44 10.00
N SER B 98 22.38 19.65 11.03
CA SER B 98 22.52 18.20 10.83
C SER B 98 21.34 17.60 10.06
N LYS B 99 20.11 18.00 10.45
CA LYS B 99 18.91 17.53 9.75
C LYS B 99 18.86 18.03 8.31
N MSE B 100 19.30 19.27 8.09
CA MSE B 100 19.33 19.84 6.76
C MSE B 100 20.12 19.01 5.79
O MSE B 100 19.88 19.04 4.59
CB MSE B 100 19.91 21.24 6.87
CG MSE B 100 19.76 22.11 5.62
SE MSE B 100 17.94 22.80 5.54
CE MSE B 100 18.26 24.27 4.27
N LYS B 101 21.11 18.26 6.29
CA LYS B 101 21.98 17.46 5.43
C LYS B 101 21.41 16.10 5.09
N CYS B 102 20.29 15.72 5.69
CA CYS B 102 19.65 14.42 5.40
C CYS B 102 18.97 14.40 4.03
N LYS B 103 18.98 13.22 3.41
CA LYS B 103 18.46 13.08 2.05
C LYS B 103 16.97 13.38 1.96
N ARG B 104 16.24 13.13 3.04
CA ARG B 104 14.81 13.48 3.06
C ARG B 104 14.59 14.96 2.77
N VAL B 105 15.50 15.82 3.22
CA VAL B 105 15.42 17.27 3.02
C VAL B 105 15.84 17.69 1.60
N TRP B 106 16.98 17.19 1.11
CA TRP B 106 17.51 17.68 -0.16
C TRP B 106 17.18 16.82 -1.34
N GLY B 107 16.72 15.61 -1.09
CA GLY B 107 16.53 14.57 -2.12
C GLY B 107 15.67 14.87 -3.33
N ASP B 108 14.79 15.88 -3.26
CA ASP B 108 14.05 16.34 -4.44
C ASP B 108 14.95 16.63 -5.64
N TRP B 109 16.12 17.16 -5.35
CA TRP B 109 17.14 17.42 -6.35
C TRP B 109 17.42 16.17 -7.20
N GLU B 110 17.58 15.03 -6.53
CA GLU B 110 17.80 13.77 -7.22
C GLU B 110 16.52 13.21 -7.83
N GLU B 111 15.41 13.16 -7.07
CA GLU B 111 14.14 12.62 -7.60
C GLU B 111 13.77 13.37 -8.86
N ASP B 112 14.03 14.67 -8.95
CA ASP B 112 13.70 15.47 -10.15
C ASP B 112 14.64 15.25 -11.35
N GLY B 113 15.73 14.50 -11.13
CA GLY B 113 16.70 14.23 -12.17
C GLY B 113 17.77 15.29 -12.35
N PHE B 114 17.86 16.28 -11.48
CA PHE B 114 18.90 17.30 -11.58
C PHE B 114 20.32 16.85 -11.20
N GLY B 115 20.48 15.81 -10.39
CA GLY B 115 21.81 15.41 -9.88
C GLY B 115 21.78 14.59 -8.61
N THR B 116 22.94 14.11 -8.18
CA THR B 116 23.04 13.25 -6.97
C THR B 116 23.66 13.95 -5.73
N ASP B 117 24.24 15.13 -5.94
CA ASP B 117 24.89 15.89 -4.87
C ASP B 117 24.20 17.28 -4.80
N PRO B 118 23.58 17.62 -3.65
CA PRO B 118 22.79 18.86 -3.56
C PRO B 118 23.61 20.16 -3.50
N ILE B 119 24.89 20.03 -3.23
CA ILE B 119 25.87 21.12 -3.26
C ILE B 119 26.31 21.46 -4.69
N GLU B 120 25.95 20.63 -5.67
CA GLU B 120 26.26 20.85 -7.09
C GLU B 120 25.81 22.23 -7.55
N LYS B 121 26.29 22.65 -8.69
CA LYS B 121 25.80 23.91 -9.26
C LYS B 121 24.27 24.09 -9.25
N GLU B 122 23.87 25.31 -8.93
CA GLU B 122 22.55 25.84 -9.26
C GLU B 122 21.38 25.31 -8.44
N ASN B 123 21.66 24.80 -7.25
CA ASN B 123 20.61 24.40 -6.31
C ASN B 123 20.59 25.33 -5.12
N ILE B 124 20.45 26.62 -5.39
CA ILE B 124 20.66 27.61 -4.34
C ILE B 124 19.48 27.72 -3.35
N MSE B 125 18.33 27.17 -3.75
CA MSE B 125 17.20 26.97 -2.82
C MSE B 125 17.60 26.21 -1.61
O MSE B 125 17.16 26.52 -0.53
CB MSE B 125 15.95 26.33 -3.38
CG MSE B 125 15.98 24.96 -4.04
SE MSE B 125 14.18 24.70 -4.84
CE MSE B 125 13.35 24.01 -3.22
N TYR B 126 18.43 25.20 -1.79
CA TYR B 126 18.91 24.40 -0.69
C TYR B 126 20.16 25.07 -0.12
N LYS B 127 21.12 25.32 -0.98
CA LYS B 127 22.46 25.64 -0.46
C LYS B 127 22.64 27.07 0.03
N GLY B 128 21.78 27.99 -0.42
CA GLY B 128 21.70 29.32 0.19
C GLY B 128 21.35 29.24 1.67
N HIS B 129 20.26 28.53 1.99
CA HIS B 129 19.80 28.41 3.36
C HIS B 129 20.82 27.68 4.22
N LEU B 130 21.38 26.62 3.66
CA LEU B 130 22.37 25.80 4.40
C LEU B 130 23.57 26.67 4.76
N ASN B 131 24.03 27.49 3.81
CA ASN B 131 25.17 28.34 4.04
C ASN B 131 24.94 29.41 5.06
N LEU B 132 23.75 29.97 5.05
CA LEU B 132 23.36 30.94 6.04
C LEU B 132 23.24 30.32 7.44
N MSE B 133 22.71 29.11 7.49
CA MSE B 133 22.60 28.37 8.76
C MSE B 133 23.96 28.05 9.30
O MSE B 133 24.18 28.13 10.51
CB MSE B 133 21.80 27.08 8.58
CG MSE B 133 20.33 27.35 8.39
SE MSE B 133 19.40 25.80 7.56
CE MSE B 133 19.87 24.57 9.01
N TYR B 134 24.88 27.59 8.44
CA TYR B 134 26.25 27.29 8.90
C TYR B 134 26.81 28.53 9.65
N GLY B 135 26.68 29.69 9.01
CA GLY B 135 27.17 30.95 9.53
C GLY B 135 26.51 31.36 10.83
N LEU B 136 25.18 31.26 10.88
CA LEU B 136 24.47 31.59 12.11
C LEU B 136 24.82 30.66 13.26
N TYR B 137 24.99 29.36 12.97
CA TYR B 137 25.41 28.42 14.00
C TYR B 137 26.72 28.86 14.66
N GLN B 138 27.67 29.23 13.80
CA GLN B 138 28.98 29.64 14.29
C GLN B 138 28.95 30.95 15.04
N LEU B 139 28.17 31.92 14.57
CA LEU B 139 27.99 33.18 15.29
C LEU B 139 27.40 32.96 16.67
N VAL B 140 26.43 32.03 16.77
CA VAL B 140 25.74 31.80 18.03
C VAL B 140 26.64 31.05 19.02
N THR B 141 27.35 30.03 18.55
CA THR B 141 28.08 29.13 19.45
C THR B 141 29.59 29.36 19.56
N GLY B 142 30.23 29.88 18.52
CA GLY B 142 31.69 29.90 18.44
C GLY B 142 32.30 28.58 17.95
N SER B 143 31.48 27.56 17.72
CA SER B 143 31.99 26.25 17.33
C SER B 143 32.45 26.28 15.87
N ARG B 144 33.57 25.60 15.61
CA ARG B 144 34.14 25.49 14.24
C ARG B 144 33.83 24.14 13.61
N ARG B 145 32.93 23.39 14.23
CA ARG B 145 32.44 22.10 13.75
C ARG B 145 32.14 22.06 12.26
N TYR B 146 31.49 23.10 11.73
CA TYR B 146 31.07 23.12 10.32
C TYR B 146 31.88 24.14 9.49
N GLU B 147 32.95 24.68 10.06
CA GLU B 147 33.75 25.72 9.40
C GLU B 147 34.32 25.29 8.04
N ALA B 148 34.77 24.05 7.92
CA ALA B 148 35.35 23.59 6.66
C ALA B 148 34.28 23.60 5.58
N GLU B 149 33.15 22.95 5.89
CA GLU B 149 31.99 22.91 4.98
C GLU B 149 31.46 24.31 4.62
N HIS B 150 31.44 25.19 5.62
CA HIS B 150 31.02 26.56 5.44
C HIS B 150 31.91 27.29 4.44
N ALA B 151 33.21 27.14 4.61
CA ALA B 151 34.18 27.79 3.74
C ALA B 151 34.03 27.27 2.32
N HIS B 152 33.88 25.96 2.19
CA HIS B 152 33.72 25.34 0.88
C HIS B 152 32.48 25.85 0.17
N LEU B 153 31.35 25.87 0.88
CA LEU B 153 30.05 26.23 0.30
C LEU B 153 30.02 27.71 -0.03
N THR B 154 30.61 28.53 0.83
CA THR B 154 30.77 29.93 0.55
C THR B 154 31.62 30.18 -0.71
N ARG B 155 32.75 29.46 -0.86
CA ARG B 155 33.61 29.58 -2.05
C ARG B 155 32.78 29.20 -3.30
N ILE B 156 32.10 28.05 -3.27
CA ILE B 156 31.24 27.60 -4.38
C ILE B 156 30.20 28.65 -4.83
N ILE B 157 29.48 29.19 -3.85
CA ILE B 157 28.45 30.18 -4.13
C ILE B 157 29.06 31.40 -4.81
N HIS B 158 30.09 31.95 -4.19
CA HIS B 158 30.85 33.05 -4.78
C HIS B 158 31.30 32.77 -6.24
N ASP B 159 31.82 31.58 -6.49
CA ASP B 159 32.27 31.21 -7.85
C ASP B 159 31.12 31.20 -8.86
N GLU B 160 29.97 30.69 -8.46
CA GLU B 160 28.80 30.74 -9.36
C GLU B 160 28.37 32.17 -9.69
N ILE B 161 28.45 33.07 -8.70
CA ILE B 161 28.08 34.46 -8.92
C ILE B 161 29.04 35.05 -9.93
N ALA B 162 30.33 34.89 -9.65
CA ALA B 162 31.39 35.38 -10.55
C ALA B 162 31.22 34.90 -12.01
N ALA B 163 30.80 33.64 -12.19
CA ALA B 163 30.69 33.02 -13.51
C ALA B 163 29.47 33.41 -14.32
N ASN B 164 28.48 34.06 -13.71
CA ASN B 164 27.18 34.31 -14.40
C ASN B 164 27.13 35.68 -15.05
N PRO B 165 26.61 35.77 -16.28
CA PRO B 165 26.50 37.08 -16.98
C PRO B 165 25.51 38.05 -16.32
N PHE B 166 24.45 37.50 -15.76
CA PHE B 166 23.53 38.23 -14.85
C PHE B 166 24.12 38.24 -13.42
N ALA B 167 23.68 39.21 -12.62
CA ALA B 167 24.12 39.29 -11.21
C ALA B 167 23.27 38.36 -10.31
N GLY B 168 23.89 37.36 -9.73
CA GLY B 168 23.20 36.38 -8.90
C GLY B 168 23.31 34.95 -9.42
N ILE B 169 22.45 34.07 -8.91
CA ILE B 169 22.45 32.63 -9.20
C ILE B 169 21.02 32.13 -9.30
N VAL B 170 20.85 31.09 -10.08
CA VAL B 170 19.55 30.49 -10.24
C VAL B 170 19.28 29.59 -9.05
N CYS B 171 18.01 29.60 -8.64
CA CYS B 171 17.51 28.84 -7.48
C CYS B 171 17.39 27.35 -7.80
N GLU B 172 17.18 27.07 -9.07
CA GLU B 172 17.21 25.73 -9.63
C GLU B 172 17.35 26.02 -11.13
N PRO B 173 17.56 25.01 -11.99
CA PRO B 173 18.02 25.40 -13.34
C PRO B 173 17.05 26.29 -14.08
N ASP B 174 17.63 27.35 -14.64
CA ASP B 174 16.93 28.41 -15.36
C ASP B 174 15.75 29.14 -14.63
N ASN B 175 15.70 29.04 -13.32
CA ASN B 175 14.73 29.76 -12.53
C ASN B 175 15.48 30.66 -11.53
N TYR B 176 15.41 31.97 -11.73
CA TYR B 176 16.02 32.92 -10.82
C TYR B 176 14.93 33.61 -9.96
N PHE B 177 15.09 33.54 -8.63
CA PHE B 177 14.16 34.11 -7.67
C PHE B 177 14.91 35.10 -6.75
N VAL B 178 14.45 36.32 -6.61
CA VAL B 178 15.19 37.29 -5.77
C VAL B 178 15.31 36.88 -4.30
N GLN B 179 14.30 36.19 -3.76
CA GLN B 179 14.29 35.76 -2.34
C GLN B 179 15.43 34.84 -2.10
N CYS B 180 15.53 33.88 -3.01
CA CYS B 180 16.58 32.86 -3.03
C CYS B 180 17.97 33.49 -3.00
N ASN B 181 18.20 34.45 -3.90
CA ASN B 181 19.43 35.22 -3.98
C ASN B 181 19.69 35.96 -2.68
N SER B 182 18.67 36.62 -2.17
CA SER B 182 18.83 37.38 -0.92
C SER B 182 19.41 36.51 0.20
N VAL B 183 19.00 35.25 0.27
CA VAL B 183 19.52 34.32 1.29
C VAL B 183 21.01 34.06 1.02
N ALA B 184 21.34 33.79 -0.24
CA ALA B 184 22.68 33.46 -0.64
C ALA B 184 23.63 34.60 -0.35
N TYR B 185 23.23 35.80 -0.77
CA TYR B 185 24.05 36.99 -0.49
C TYR B 185 24.21 37.25 1.01
N LEU B 186 23.13 37.10 1.77
CA LEU B 186 23.18 37.32 3.22
C LEU B 186 24.15 36.34 3.88
N SER B 187 24.23 35.13 3.34
CA SER B 187 25.18 34.15 3.84
C SER B 187 26.64 34.63 3.64
N LEU B 188 26.89 35.43 2.63
CA LEU B 188 28.22 35.93 2.33
C LEU B 188 28.60 37.02 3.33
N TRP B 189 27.63 37.83 3.71
CA TRP B 189 27.85 38.79 4.76
C TRP B 189 28.19 38.09 6.08
N VAL B 190 27.51 36.98 6.37
CA VAL B 190 27.74 36.28 7.62
C VAL B 190 29.15 35.67 7.61
N TYR B 191 29.54 35.09 6.48
CA TYR B 191 30.89 34.54 6.36
C TYR B 191 31.97 35.63 6.58
N ASP B 192 31.78 36.77 5.93
CA ASP B 192 32.68 37.92 6.06
C ASP B 192 32.78 38.42 7.51
N ARG B 193 31.66 38.44 8.25
CA ARG B 193 31.70 38.79 9.68
C ARG B 193 32.59 37.85 10.47
N LEU B 194 32.47 36.55 10.21
CA LEU B 194 33.25 35.58 10.96
C LEU B 194 34.74 35.58 10.59
N HIS B 195 35.10 35.98 9.36
CA HIS B 195 36.45 35.71 8.82
C HIS B 195 37.19 36.93 8.23
N GLY B 196 36.62 38.12 8.30
CA GLY B 196 37.26 39.30 7.74
C GLY B 196 37.36 39.40 6.21
N THR B 197 36.76 38.46 5.48
CA THR B 197 36.80 38.45 4.01
C THR B 197 35.88 39.50 3.41
N ASP B 198 35.86 39.58 2.09
CA ASP B 198 35.02 40.54 1.36
C ASP B 198 34.26 39.83 0.20
N TYR B 199 33.69 38.65 0.50
CA TYR B 199 32.73 38.00 -0.40
C TYR B 199 31.47 38.83 -0.70
N ARG B 200 31.07 39.68 0.25
CA ARG B 200 29.94 40.55 0.10
C ARG B 200 30.09 41.68 -0.90
N ALA B 201 31.28 41.85 -1.45
CA ALA B 201 31.53 42.84 -2.51
C ALA B 201 30.55 42.72 -3.69
N ALA B 202 30.16 41.48 -4.03
CA ALA B 202 29.21 41.22 -5.10
C ALA B 202 27.81 41.81 -4.87
N THR B 203 27.49 42.16 -3.63
CA THR B 203 26.17 42.66 -3.29
C THR B 203 25.74 43.88 -4.11
N ARG B 204 26.62 44.86 -4.31
CA ARG B 204 26.21 46.11 -4.98
C ARG B 204 25.69 45.80 -6.40
N ALA B 205 26.42 44.98 -7.15
CA ALA B 205 26.03 44.62 -8.52
C ALA B 205 24.67 43.92 -8.55
N TRP B 206 24.43 43.04 -7.56
CA TRP B 206 23.17 42.34 -7.43
C TRP B 206 22.02 43.30 -7.14
N LEU B 207 22.20 44.18 -6.17
CA LEU B 207 21.18 45.16 -5.85
C LEU B 207 20.87 46.11 -7.02
N ASP B 208 21.88 46.50 -7.79
CA ASP B 208 21.66 47.30 -9.00
C ASP B 208 20.83 46.51 -10.02
N PHE B 209 21.17 45.24 -10.21
CA PHE B 209 20.50 44.37 -11.19
C PHE B 209 19.02 44.16 -10.85
N ILE B 210 18.72 43.81 -9.59
CA ILE B 210 17.35 43.49 -9.21
C ILE B 210 16.43 44.72 -9.24
N GLN B 211 17.04 45.90 -9.23
CA GLN B 211 16.33 47.17 -9.35
C GLN B 211 16.10 47.69 -10.76
N LYS B 212 17.00 47.37 -11.67
CA LYS B 212 17.00 48.01 -12.95
C LYS B 212 15.81 47.21 -13.55
N ASP B 213 15.91 45.89 -13.39
CA ASP B 213 15.09 44.91 -14.10
C ASP B 213 13.94 44.11 -13.47
N LEU B 214 13.99 43.81 -12.18
CA LEU B 214 13.18 42.71 -11.59
C LEU B 214 12.17 43.32 -10.60
N ILE B 215 12.17 44.64 -10.50
CA ILE B 215 11.25 45.35 -9.64
C ILE B 215 10.38 46.34 -10.42
N ASP B 216 9.19 46.60 -9.92
CA ASP B 216 8.36 47.69 -10.39
C ASP B 216 8.59 48.76 -9.31
N PRO B 217 9.39 49.80 -9.63
CA PRO B 217 9.76 50.75 -8.58
C PRO B 217 8.62 51.62 -8.06
N GLU B 218 7.63 51.95 -8.87
CA GLU B 218 6.45 52.69 -8.37
C GLU B 218 5.68 51.86 -7.31
N ARG B 219 5.47 50.57 -7.60
CA ARG B 219 4.65 49.71 -6.76
C ARG B 219 5.45 49.11 -5.60
N GLY B 220 6.77 49.22 -5.68
CA GLY B 220 7.65 48.71 -4.64
C GLY B 220 7.61 47.19 -4.51
N ALA B 221 7.53 46.51 -5.64
CA ALA B 221 7.23 45.08 -5.70
C ALA B 221 8.08 44.36 -6.73
N PHE B 222 8.65 43.20 -6.36
CA PHE B 222 9.37 42.39 -7.31
C PHE B 222 8.44 41.51 -8.15
N TYR B 223 8.85 41.27 -9.39
CA TYR B 223 8.23 40.25 -10.20
C TYR B 223 8.61 38.85 -9.67
N LEU B 224 7.81 37.88 -10.07
CA LEU B 224 7.79 36.54 -9.46
C LEU B 224 9.09 35.78 -9.65
N SER B 225 9.62 35.87 -10.87
CA SER B 225 10.85 35.19 -11.21
C SER B 225 11.41 35.70 -12.53
N TYR B 226 12.67 35.34 -12.78
CA TYR B 226 13.41 35.72 -13.96
C TYR B 226 13.99 34.42 -14.51
N HIS B 227 14.08 34.31 -15.85
CA HIS B 227 14.57 33.09 -16.50
C HIS B 227 15.60 33.42 -17.56
N PRO B 228 16.89 33.32 -17.20
CA PRO B 228 18.02 33.71 -18.06
C PRO B 228 18.03 33.15 -19.49
N GLU B 229 17.87 31.83 -19.68
CA GLU B 229 17.94 31.20 -21.03
C GLU B 229 17.00 31.93 -22.00
N SER B 230 15.81 32.33 -21.57
CA SER B 230 14.84 33.04 -22.41
C SER B 230 14.78 34.57 -22.20
N GLY B 231 15.33 35.07 -21.09
CA GLY B 231 15.22 36.49 -20.73
C GLY B 231 13.91 36.85 -20.03
N ALA B 232 13.02 35.87 -19.83
CA ALA B 232 11.64 36.16 -19.43
C ALA B 232 11.57 36.59 -17.99
N VAL B 233 10.72 37.57 -17.74
CA VAL B 233 10.37 37.94 -16.39
C VAL B 233 8.91 37.64 -16.30
N LYS B 234 8.50 36.76 -15.40
CA LYS B 234 7.07 36.44 -15.26
C LYS B 234 6.33 37.73 -14.90
N PRO B 235 5.27 38.03 -15.64
CA PRO B 235 4.70 39.38 -15.58
C PRO B 235 3.82 39.68 -14.35
N TRP B 236 3.84 38.87 -13.29
CA TRP B 236 3.07 39.15 -12.08
C TRP B 236 3.99 39.60 -10.97
N ILE B 237 3.54 40.56 -10.19
CA ILE B 237 4.25 40.94 -8.96
C ILE B 237 3.75 40.08 -7.82
N SER B 238 4.64 39.85 -6.83
CA SER B 238 4.39 38.90 -5.71
C SER B 238 4.72 39.54 -4.37
N ALA B 239 3.72 39.56 -3.51
CA ALA B 239 3.87 40.11 -2.18
C ALA B 239 4.80 39.28 -1.31
N TYR B 240 4.63 37.96 -1.32
CA TYR B 240 5.43 37.12 -0.41
C TYR B 240 6.88 37.24 -0.83
N THR B 241 7.11 37.19 -2.14
CA THR B 241 8.44 37.33 -2.69
C THR B 241 9.09 38.66 -2.26
N THR B 242 8.32 39.75 -2.32
CA THR B 242 8.83 41.08 -2.03
C THR B 242 9.08 41.26 -0.55
N ALA B 243 8.17 40.76 0.27
CA ALA B 243 8.31 40.88 1.72
C ALA B 243 9.58 40.18 2.25
N TRP B 244 9.78 38.95 1.81
CA TRP B 244 10.95 38.16 2.20
C TRP B 244 12.21 38.88 1.72
N THR B 245 12.23 39.27 0.44
CA THR B 245 13.42 39.89 -0.13
C THR B 245 13.79 41.22 0.54
N LEU B 246 12.81 42.10 0.70
CA LEU B 246 13.07 43.36 1.39
C LEU B 246 13.56 43.17 2.82
N ALA B 247 13.05 42.14 3.51
CA ALA B 247 13.44 41.92 4.91
C ALA B 247 14.92 41.58 5.01
N MSE B 248 15.35 40.64 4.18
CA MSE B 248 16.77 40.28 4.15
C MSE B 248 17.63 41.38 3.57
O MSE B 248 18.72 41.64 4.08
CB MSE B 248 16.98 38.98 3.40
CG MSE B 248 16.42 37.85 4.28
SE MSE B 248 16.99 36.11 3.53
CE MSE B 248 16.56 35.10 5.17
N VAL B 249 17.16 42.07 2.55
CA VAL B 249 17.93 43.14 1.97
C VAL B 249 18.18 44.26 2.99
N HIS B 250 17.21 44.53 3.85
CA HIS B 250 17.35 45.57 4.86
C HIS B 250 18.56 45.35 5.78
N GLY B 251 19.02 44.11 5.90
CA GLY B 251 20.21 43.83 6.69
C GLY B 251 21.52 44.16 6.01
N MSE B 252 21.49 44.26 4.70
CA MSE B 252 22.67 44.51 3.87
C MSE B 252 22.74 45.97 3.40
O MSE B 252 23.79 46.57 3.44
CB MSE B 252 22.65 43.55 2.68
CG MSE B 252 22.79 42.12 3.16
SE MSE B 252 22.78 40.80 1.66
CE MSE B 252 20.83 40.70 1.36
N ASP B 253 21.61 46.51 2.94
CA ASP B 253 21.47 47.86 2.48
C ASP B 253 20.11 48.39 2.96
N PRO B 254 20.06 48.91 4.19
CA PRO B 254 18.80 49.41 4.77
C PRO B 254 18.05 50.43 3.94
N ALA B 255 18.78 51.28 3.22
CA ALA B 255 18.16 52.34 2.44
C ALA B 255 17.31 51.80 1.30
N PHE B 256 17.79 50.71 0.68
CA PHE B 256 17.06 50.00 -0.38
C PHE B 256 15.65 49.65 0.10
N SER B 257 15.55 48.97 1.23
CA SER B 257 14.27 48.52 1.72
C SER B 257 13.42 49.68 2.20
N GLU B 258 14.06 50.70 2.76
CA GLU B 258 13.34 51.87 3.26
C GLU B 258 12.67 52.61 2.11
N ARG B 259 13.35 52.66 0.97
CA ARG B 259 12.81 53.28 -0.25
C ARG B 259 11.49 52.62 -0.69
N TYR B 260 11.47 51.28 -0.69
CA TYR B 260 10.37 50.53 -1.29
C TYR B 260 9.24 50.13 -0.33
N TYR B 261 9.54 50.07 0.96
CA TYR B 261 8.62 49.53 1.93
C TYR B 261 7.29 50.23 1.91
N PRO B 262 7.27 51.58 1.94
CA PRO B 262 5.96 52.23 1.91
C PRO B 262 5.12 51.93 0.66
N ARG B 263 5.77 51.78 -0.48
CA ARG B 263 5.08 51.54 -1.75
C ARG B 263 4.53 50.11 -1.76
N PHE B 264 5.36 49.19 -1.29
CA PHE B 264 4.96 47.79 -1.01
C PHE B 264 3.66 47.72 -0.22
N LYS B 265 3.57 48.51 0.85
CA LYS B 265 2.36 48.51 1.65
C LYS B 265 1.17 49.05 0.87
N GLN B 266 1.34 50.13 0.10
CA GLN B 266 0.23 50.75 -0.71
C GLN B 266 -0.26 49.70 -1.71
N THR B 267 0.69 48.98 -2.30
CA THR B 267 0.37 48.01 -3.33
C THR B 267 -0.41 46.77 -2.85
N PHE B 268 0.00 46.19 -1.70
CA PHE B 268 -0.46 44.85 -1.26
C PHE B 268 -1.27 44.78 0.05
N VAL B 269 -1.05 45.69 1.00
CA VAL B 269 -1.59 45.54 2.35
C VAL B 269 -2.99 46.13 2.43
N GLU B 270 -3.96 45.31 2.81
CA GLU B 270 -5.30 45.78 3.11
C GLU B 270 -5.46 45.88 4.64
N VAL B 271 -5.60 47.11 5.15
CA VAL B 271 -6.00 47.35 6.57
C VAL B 271 -7.53 47.33 6.67
N TYR B 272 -8.07 46.66 7.69
CA TYR B 272 -9.51 46.45 7.82
C TYR B 272 -9.91 46.37 9.29
N ASP B 273 -11.20 46.17 9.56
CA ASP B 273 -11.72 46.08 10.93
C ASP B 273 -11.32 47.33 11.74
N GLU B 274 -11.59 48.49 11.14
CA GLU B 274 -11.39 49.81 11.76
C GLU B 274 -9.95 49.99 12.22
N GLY B 275 -9.03 49.63 11.34
CA GLY B 275 -7.59 49.67 11.66
C GLY B 275 -6.99 48.59 12.60
N ARG B 276 -7.79 47.66 13.13
CA ARG B 276 -7.26 46.65 14.06
C ARG B 276 -6.53 45.49 13.38
N LYS B 277 -6.79 45.27 12.09
CA LYS B 277 -6.31 44.10 11.36
C LYS B 277 -5.78 44.45 10.01
N ALA B 278 -4.97 43.55 9.47
CA ALA B 278 -4.46 43.67 8.11
C ALA B 278 -4.22 42.30 7.48
N ARG B 279 -4.34 42.25 6.16
CA ARG B 279 -4.05 41.06 5.39
C ARG B 279 -3.49 41.50 4.05
N VAL B 280 -2.72 40.61 3.42
CA VAL B 280 -1.89 41.00 2.29
C VAL B 280 -2.32 40.24 1.04
N ARG B 281 -2.57 40.98 0.00
CA ARG B 281 -2.80 40.41 -1.33
C ARG B 281 -1.47 39.92 -1.89
N GLU B 282 -1.53 38.77 -2.56
CA GLU B 282 -0.31 38.12 -3.06
C GLU B 282 0.12 38.72 -4.40
N THR B 283 -0.81 39.20 -5.20
CA THR B 283 -0.45 39.84 -6.48
C THR B 283 -1.40 41.00 -6.79
N ALA B 284 -1.14 41.66 -7.92
CA ALA B 284 -1.97 42.76 -8.37
C ALA B 284 -3.21 42.26 -9.08
N GLY B 285 -4.23 43.12 -9.13
CA GLY B 285 -5.44 42.84 -9.91
C GLY B 285 -6.37 41.83 -9.27
N THR B 286 -6.42 41.83 -7.93
CA THR B 286 -7.27 40.92 -7.18
C THR B 286 -7.57 41.55 -5.85
N ASP B 287 -8.69 41.18 -5.25
CA ASP B 287 -9.00 41.58 -3.88
C ASP B 287 -8.74 40.42 -2.91
N ASP B 288 -8.41 39.22 -3.43
CA ASP B 288 -8.15 38.06 -2.60
C ASP B 288 -6.84 38.22 -1.81
N ALA B 289 -6.88 37.87 -0.52
CA ALA B 289 -5.69 37.92 0.32
C ALA B 289 -5.08 36.54 0.37
N ASP B 290 -3.76 36.51 0.46
CA ASP B 290 -3.00 35.29 0.71
C ASP B 290 -3.28 34.21 -0.32
N GLY B 291 -3.40 34.62 -1.58
CA GLY B 291 -3.37 33.66 -2.69
C GLY B 291 -1.98 33.07 -2.95
N GLY B 292 -1.87 32.34 -4.05
CA GLY B 292 -0.60 31.73 -4.42
C GLY B 292 -0.16 30.68 -3.38
N VAL B 293 1.08 30.76 -2.90
CA VAL B 293 1.54 29.86 -1.82
C VAL B 293 0.90 30.15 -0.47
N GLY B 294 0.19 31.28 -0.32
CA GLY B 294 -0.55 31.58 0.90
C GLY B 294 0.29 32.18 2.02
N LEU B 295 1.48 32.70 1.68
CA LEU B 295 2.43 33.23 2.68
C LEU B 295 2.67 34.73 2.68
N ALA B 296 1.88 35.48 1.93
CA ALA B 296 2.07 36.92 1.85
C ALA B 296 1.97 37.59 3.22
N SER B 297 0.91 37.30 3.96
CA SER B 297 0.70 37.93 5.26
C SER B 297 1.81 37.55 6.22
N ALA B 298 2.16 36.27 6.24
CA ALA B 298 3.18 35.76 7.15
C ALA B 298 4.54 36.37 6.88
N PHE B 299 4.95 36.44 5.63
CA PHE B 299 6.24 37.09 5.33
C PHE B 299 6.18 38.63 5.59
N THR B 300 5.04 39.24 5.37
CA THR B 300 4.89 40.65 5.67
C THR B 300 5.02 40.89 7.17
N LEU B 301 4.56 39.94 7.97
CA LEU B 301 4.71 40.03 9.42
C LEU B 301 6.18 40.11 9.77
N LEU B 302 6.98 39.24 9.16
CA LEU B 302 8.44 39.28 9.32
C LEU B 302 9.04 40.61 8.86
N LEU B 303 8.59 41.09 7.71
CA LEU B 303 9.03 42.37 7.20
C LEU B 303 8.71 43.53 8.15
N ALA B 304 7.48 43.61 8.60
CA ALA B 304 7.12 44.61 9.56
C ALA B 304 8.05 44.59 10.77
N ARG B 305 8.37 43.40 11.27
CA ARG B 305 9.24 43.29 12.42
C ARG B 305 10.63 43.82 12.04
N GLU B 306 11.11 43.43 10.87
CA GLU B 306 12.41 43.90 10.38
C GLU B 306 12.45 45.41 10.25
N MSE B 307 11.36 46.03 9.82
CA MSE B 307 11.30 47.49 9.63
C MSE B 307 10.90 48.25 10.89
O MSE B 307 10.69 49.46 10.81
CB MSE B 307 10.35 47.90 8.51
CG MSE B 307 10.55 47.23 7.16
SE MSE B 307 12.40 47.38 6.47
CE MSE B 307 12.24 49.29 5.97
N GLY B 308 10.73 47.59 12.03
CA GLY B 308 10.20 48.29 13.22
C GLY B 308 8.79 48.87 13.12
N ASP B 309 7.97 48.34 12.21
CA ASP B 309 6.59 48.80 11.99
C ASP B 309 5.67 48.03 12.97
N GLN B 310 5.59 48.51 14.21
CA GLN B 310 4.75 47.90 15.24
C GLN B 310 3.28 47.87 14.91
N GLN B 311 2.78 48.92 14.27
CA GLN B 311 1.36 49.00 13.95
C GLN B 311 0.99 47.89 12.97
N LEU B 312 1.76 47.74 11.90
CA LEU B 312 1.42 46.74 10.90
C LEU B 312 1.59 45.35 11.48
N PHE B 313 2.63 45.17 12.29
CA PHE B 313 2.86 43.88 12.93
C PHE B 313 1.61 43.47 13.70
N ASP B 314 1.12 44.37 14.52
CA ASP B 314 -0.05 44.13 15.40
C ASP B 314 -1.29 43.82 14.57
N GLN B 315 -1.44 44.54 13.47
CA GLN B 315 -2.57 44.31 12.56
C GLN B 315 -2.53 42.95 11.89
N LEU B 316 -1.36 42.59 11.37
CA LEU B 316 -1.17 41.30 10.74
C LEU B 316 -1.36 40.12 11.69
N LEU B 317 -0.78 40.24 12.86
CA LEU B 317 -0.88 39.16 13.83
C LEU B 317 -2.31 39.04 14.34
N ASN B 318 -3.05 40.15 14.40
CA ASN B 318 -4.49 40.06 14.74
C ASN B 318 -5.33 39.30 13.68
N HIS B 319 -4.88 39.34 12.44
CA HIS B 319 -5.49 38.57 11.38
C HIS B 319 -5.01 37.11 11.42
N LEU B 320 -3.71 36.90 11.58
CA LEU B 320 -3.14 35.56 11.46
C LEU B 320 -3.36 34.60 12.63
N GLU B 321 -3.16 35.08 13.87
CA GLU B 321 -3.08 34.19 15.03
C GLU B 321 -4.44 33.71 15.56
N PRO B 322 -5.39 34.62 15.79
CA PRO B 322 -6.67 34.12 16.39
C PRO B 322 -7.43 33.00 15.67
N PRO B 323 -7.59 33.06 14.35
CA PRO B 323 -8.27 31.95 13.63
C PRO B 323 -7.54 30.63 13.67
N ALA B 324 -6.22 30.67 13.90
CA ALA B 324 -5.44 29.43 14.06
C ALA B 324 -5.65 28.75 15.42
N LYS B 325 -6.30 29.42 16.38
CA LYS B 325 -6.74 28.84 17.66
C LYS B 325 -5.56 28.31 18.43
N PRO B 326 -4.71 29.20 18.92
CA PRO B 326 -3.58 28.76 19.73
C PRO B 326 -4.05 28.27 21.05
N SER B 327 -3.39 27.27 21.58
CA SER B 327 -3.56 26.89 23.00
C SER B 327 -2.21 26.51 23.58
N ILE B 328 -2.09 26.68 24.89
CA ILE B 328 -0.92 26.27 25.61
C ILE B 328 -1.37 25.11 26.49
N VAL B 329 -0.90 23.89 26.19
CA VAL B 329 -1.17 22.71 26.97
C VAL B 329 0.16 22.17 27.48
N SER B 330 0.24 21.92 28.79
CA SER B 330 1.46 21.46 29.44
C SER B 330 2.68 22.34 29.09
N ALA B 331 2.44 23.65 29.13
CA ALA B 331 3.45 24.70 28.86
C ALA B 331 4.03 24.67 27.46
N SER B 332 3.26 24.14 26.52
CA SER B 332 3.73 23.98 25.17
C SER B 332 2.67 24.51 24.19
N LEU B 333 3.10 25.16 23.12
CA LEU B 333 2.17 25.81 22.20
C LEU B 333 1.76 24.91 21.07
N ARG B 334 0.45 24.82 20.82
CA ARG B 334 -0.14 24.09 19.66
C ARG B 334 -1.16 25.06 18.97
N TYR B 335 -1.26 25.00 17.64
CA TYR B 335 -2.29 25.73 16.90
C TYR B 335 -3.25 24.69 16.36
N GLU B 336 -4.52 24.78 16.73
CA GLU B 336 -5.52 23.84 16.26
C GLU B 336 -5.79 23.97 14.73
N HIS B 337 -5.67 25.18 14.16
CA HIS B 337 -6.04 25.46 12.76
C HIS B 337 -5.02 26.35 12.05
N PRO B 338 -3.80 25.84 11.81
CA PRO B 338 -2.80 26.72 11.15
C PRO B 338 -3.30 27.12 9.78
N GLY B 339 -3.15 28.38 9.42
CA GLY B 339 -3.75 28.87 8.18
C GLY B 339 -2.96 28.72 6.90
N SER B 340 -1.72 28.23 6.99
CA SER B 340 -0.83 28.13 5.85
C SER B 340 0.25 27.11 6.13
N LEU B 341 1.06 26.83 5.13
CA LEU B 341 2.34 26.14 5.34
C LEU B 341 3.28 27.02 6.17
N LEU B 342 4.28 26.40 6.76
CA LEU B 342 5.27 27.14 7.52
C LEU B 342 4.69 28.07 8.60
N PHE B 343 3.54 27.69 9.18
CA PHE B 343 2.77 28.58 10.01
C PHE B 343 3.46 28.82 11.34
N ASP B 344 3.66 27.79 12.15
CA ASP B 344 4.30 28.03 13.46
C ASP B 344 5.75 28.54 13.31
N GLU B 345 6.43 28.13 12.23
CA GLU B 345 7.80 28.60 11.92
C GLU B 345 7.88 30.10 11.71
N LEU B 346 7.03 30.62 10.84
CA LEU B 346 7.05 32.05 10.53
C LEU B 346 6.55 32.94 11.66
N LEU B 347 5.51 32.52 12.37
CA LEU B 347 5.03 33.29 13.51
C LEU B 347 6.10 33.31 14.63
N PHE B 348 6.77 32.19 14.83
CA PHE B 348 7.88 32.11 15.77
C PHE B 348 8.95 33.11 15.39
N LEU B 349 9.41 33.01 14.16
CA LEU B 349 10.43 33.90 13.62
C LEU B 349 10.06 35.36 13.80
N ALA B 350 8.87 35.73 13.34
CA ALA B 350 8.47 37.12 13.42
C ALA B 350 8.36 37.63 14.85
N LYS B 351 7.93 36.77 15.76
CA LYS B 351 7.83 37.15 17.17
C LYS B 351 9.17 37.48 17.82
N VAL B 352 10.21 36.76 17.42
CA VAL B 352 11.55 36.97 18.02
C VAL B 352 12.54 37.78 17.19
N HIS B 353 12.21 38.02 15.91
CA HIS B 353 13.19 38.53 14.98
C HIS B 353 13.82 39.85 15.44
N ALA B 354 15.14 39.83 15.60
CA ALA B 354 15.88 41.00 16.10
C ALA B 354 16.39 41.91 14.98
N GLY B 355 16.22 41.47 13.74
CA GLY B 355 16.71 42.19 12.57
C GLY B 355 17.93 41.46 12.00
N PHE B 356 17.99 41.33 10.68
CA PHE B 356 19.06 40.60 10.03
C PHE B 356 20.41 41.30 10.24
N GLY B 357 20.42 42.63 10.27
CA GLY B 357 21.60 43.42 10.59
C GLY B 357 22.11 43.15 12.00
N ALA B 358 21.20 43.11 12.98
CA ALA B 358 21.55 42.73 14.37
C ALA B 358 22.14 41.31 14.49
N LEU B 359 21.69 40.39 13.64
CA LEU B 359 22.27 39.04 13.63
C LEU B 359 23.73 39.09 13.14
N LEU B 360 23.98 39.84 12.06
CA LEU B 360 25.33 40.07 11.57
C LEU B 360 26.25 40.63 12.67
N ARG B 361 25.73 41.55 13.47
CA ARG B 361 26.53 42.21 14.50
C ARG B 361 26.43 41.50 15.84
N MSE B 362 26.19 40.21 15.84
CA MSE B 362 25.92 39.52 17.10
C MSE B 362 27.17 39.48 17.92
O MSE B 362 28.16 39.00 17.42
CB MSE B 362 25.45 38.08 16.84
CG MSE B 362 24.94 37.45 18.14
SE MSE B 362 24.43 35.58 17.84
CE MSE B 362 23.01 35.82 16.51
N PRO B 363 27.16 39.94 19.19
CA PRO B 363 28.36 39.80 20.04
C PRO B 363 28.75 38.32 20.26
N PRO B 364 30.06 38.01 20.45
CA PRO B 364 30.45 36.60 20.68
C PRO B 364 30.00 36.08 22.06
N PRO B 365 30.14 34.78 22.34
CA PRO B 365 29.69 34.27 23.64
C PRO B 365 30.78 34.35 24.72
N GLU C 3 -34.27 -37.74 17.16
CA GLU C 3 -34.70 -36.31 16.86
C GLU C 3 -33.46 -35.42 16.46
N LEU C 4 -33.71 -34.41 15.60
CA LEU C 4 -32.67 -33.39 15.20
C LEU C 4 -32.75 -32.18 16.08
N PRO C 5 -31.71 -31.91 16.90
CA PRO C 5 -31.79 -30.65 17.69
C PRO C 5 -31.78 -29.42 16.79
N PRO C 6 -32.15 -28.26 17.31
CA PRO C 6 -32.21 -27.09 16.38
C PRO C 6 -30.85 -26.69 15.77
N GLY C 7 -30.82 -26.27 14.50
CA GLY C 7 -29.57 -25.80 13.81
C GLY C 7 -28.51 -26.85 13.43
N ARG C 8 -28.90 -28.09 13.53
CA ARG C 8 -27.99 -29.20 13.29
C ARG C 8 -28.33 -29.83 11.96
N LEU C 9 -27.37 -30.51 11.33
CA LEU C 9 -27.55 -31.04 9.99
C LEU C 9 -27.84 -32.54 9.96
N ALA C 10 -27.27 -33.27 10.91
CA ALA C 10 -27.50 -34.72 11.04
C ALA C 10 -27.37 -35.13 12.51
N THR C 11 -27.93 -36.28 12.87
CA THR C 11 -27.83 -36.76 14.24
C THR C 11 -26.43 -37.31 14.54
N THR C 12 -26.06 -37.24 15.81
CA THR C 12 -24.86 -37.86 16.32
C THR C 12 -24.86 -39.34 16.00
N GLU C 13 -26.01 -39.99 16.17
CA GLU C 13 -26.17 -41.39 15.80
C GLU C 13 -25.75 -41.63 14.31
N ASP C 14 -26.19 -40.75 13.39
CA ASP C 14 -25.77 -40.80 11.98
C ASP C 14 -24.25 -40.65 11.76
N TYR C 15 -23.61 -39.71 12.44
CA TYR C 15 -22.17 -39.54 12.30
C TYR C 15 -21.44 -40.78 12.75
N PHE C 16 -21.80 -41.28 13.92
CA PHE C 16 -21.15 -42.47 14.45
C PHE C 16 -21.41 -43.73 13.60
N ALA C 17 -22.55 -43.79 12.90
CA ALA C 17 -22.90 -44.95 12.08
C ALA C 17 -22.25 -44.97 10.67
N GLN C 18 -21.55 -43.90 10.27
CA GLN C 18 -21.02 -43.78 8.91
C GLN C 18 -20.17 -44.96 8.47
N GLN C 19 -19.26 -45.37 9.33
CA GLN C 19 -18.35 -46.46 9.01
C GLN C 19 -19.10 -47.78 8.77
N ALA C 20 -20.08 -48.06 9.61
CA ALA C 20 -20.91 -49.26 9.47
C ALA C 20 -21.83 -49.20 8.25
N LYS C 21 -22.37 -48.03 7.94
CA LYS C 21 -23.20 -47.86 6.72
C LYS C 21 -22.33 -47.72 5.44
N GLN C 22 -21.01 -47.66 5.59
CA GLN C 22 -20.08 -47.41 4.49
C GLN C 22 -20.41 -46.20 3.61
N ALA C 23 -20.86 -45.14 4.27
CA ALA C 23 -21.28 -43.92 3.58
C ALA C 23 -21.15 -42.73 4.51
N VAL C 24 -20.67 -41.62 3.97
CA VAL C 24 -20.67 -40.37 4.74
C VAL C 24 -22.08 -39.80 4.73
N THR C 25 -22.37 -38.89 5.66
CA THR C 25 -23.65 -38.23 5.74
C THR C 25 -23.72 -37.20 4.61
N PRO C 26 -24.92 -36.77 4.25
CA PRO C 26 -25.02 -35.71 3.23
C PRO C 26 -24.28 -34.42 3.57
N ASP C 27 -24.19 -34.06 4.84
CA ASP C 27 -23.52 -32.82 5.21
C ASP C 27 -22.02 -32.98 5.11
N VAL C 28 -21.52 -34.17 5.39
CA VAL C 28 -20.09 -34.47 5.16
C VAL C 28 -19.77 -34.41 3.65
N MSE C 29 -20.65 -34.96 2.82
CA MSE C 29 -20.51 -34.89 1.38
C MSE C 29 -20.44 -33.43 0.97
O MSE C 29 -19.59 -33.02 0.18
CB MSE C 29 -21.65 -35.67 0.71
CG MSE C 29 -21.63 -35.81 -0.81
SE MSE C 29 -20.01 -36.79 -1.38
CE MSE C 29 -20.79 -38.62 -1.27
N ALA C 30 -21.33 -32.63 1.55
CA ALA C 30 -21.37 -31.20 1.26
C ALA C 30 -20.10 -30.46 1.71
N GLN C 31 -19.47 -30.91 2.80
CA GLN C 31 -18.18 -30.36 3.22
C GLN C 31 -17.06 -30.78 2.23
N LEU C 32 -17.09 -32.03 1.76
CA LEU C 32 -16.15 -32.45 0.73
C LEU C 32 -16.29 -31.65 -0.58
N ALA C 33 -17.51 -31.22 -0.86
CA ALA C 33 -17.78 -30.33 -1.99
C ALA C 33 -17.17 -28.96 -1.78
N TYR C 34 -17.36 -28.36 -0.61
CA TYR C 34 -16.67 -27.11 -0.32
C TYR C 34 -15.18 -27.26 -0.58
N MSE C 35 -14.64 -28.38 -0.16
CA MSE C 35 -13.23 -28.67 -0.27
C MSE C 35 -12.75 -28.87 -1.70
O MSE C 35 -11.60 -28.54 -1.98
CB MSE C 35 -12.85 -29.89 0.57
CG MSE C 35 -12.94 -29.55 2.06
SE MSE C 35 -12.92 -31.16 3.20
CE MSE C 35 -11.03 -31.72 2.98
N ASN C 36 -13.61 -29.39 -2.58
CA ASN C 36 -13.20 -29.86 -3.90
C ASN C 36 -13.88 -29.23 -5.11
N TYR C 37 -15.02 -28.56 -4.94
CA TYR C 37 -15.94 -28.33 -6.08
C TYR C 37 -15.53 -27.16 -7.00
N ILE C 38 -15.42 -25.97 -6.45
CA ILE C 38 -15.35 -24.76 -7.26
C ILE C 38 -13.94 -24.55 -7.77
N ASP C 39 -13.83 -24.24 -9.07
CA ASP C 39 -12.54 -23.94 -9.68
C ASP C 39 -11.84 -22.81 -8.93
N PHE C 40 -10.53 -23.00 -8.70
CA PHE C 40 -9.59 -21.98 -8.21
C PHE C 40 -9.64 -21.70 -6.72
N ILE C 41 -10.83 -21.48 -6.21
CA ILE C 41 -11.04 -21.06 -4.83
C ILE C 41 -11.29 -22.19 -3.83
N SER C 42 -11.55 -23.42 -4.29
CA SER C 42 -11.67 -24.52 -3.36
C SER C 42 -10.27 -24.87 -2.85
N PRO C 43 -10.17 -25.28 -1.57
CA PRO C 43 -8.84 -25.52 -1.03
C PRO C 43 -8.06 -26.66 -1.68
N PHE C 44 -8.73 -27.71 -2.15
CA PHE C 44 -8.07 -28.88 -2.74
C PHE C 44 -8.24 -28.95 -4.25
N TYR C 45 -8.27 -27.77 -4.86
CA TYR C 45 -8.37 -27.68 -6.30
C TYR C 45 -7.07 -28.05 -7.02
N SER C 46 -5.93 -27.59 -6.48
CA SER C 46 -4.66 -27.60 -7.19
C SER C 46 -3.46 -28.00 -6.32
N ARG C 47 -2.47 -28.71 -6.86
CA ARG C 47 -1.23 -28.96 -6.09
C ARG C 47 -0.32 -27.75 -6.01
N GLY C 48 -0.64 -26.69 -6.74
CA GLY C 48 0.20 -25.51 -6.79
C GLY C 48 0.22 -24.73 -5.52
N CYS C 49 1.18 -23.82 -5.42
CA CYS C 49 1.32 -22.98 -4.24
C CYS C 49 0.38 -21.78 -4.30
N SER C 50 -0.91 -22.07 -4.30
CA SER C 50 -1.98 -21.07 -4.30
C SER C 50 -2.79 -21.32 -3.05
N PHE C 51 -3.19 -20.25 -2.40
CA PHE C 51 -3.91 -20.37 -1.15
C PHE C 51 -5.23 -19.58 -1.11
N GLU C 52 -5.93 -19.45 -2.25
CA GLU C 52 -7.13 -18.59 -2.31
C GLU C 52 -8.17 -18.97 -1.20
N ALA C 53 -8.40 -20.28 -1.00
CA ALA C 53 -9.40 -20.71 -0.05
C ALA C 53 -9.11 -20.18 1.33
N TRP C 54 -7.84 -20.14 1.67
CA TRP C 54 -7.38 -19.64 2.95
C TRP C 54 -7.43 -18.10 3.05
N GLU C 55 -7.10 -17.40 1.96
CA GLU C 55 -7.26 -15.94 1.88
C GLU C 55 -8.74 -15.53 2.07
N LEU C 56 -9.65 -16.23 1.41
CA LEU C 56 -11.09 -15.97 1.56
C LEU C 56 -11.62 -16.19 2.99
N LYS C 57 -11.17 -17.24 3.66
CA LYS C 57 -11.49 -17.51 5.08
C LYS C 57 -10.75 -16.64 6.05
N HIS C 58 -9.78 -15.86 5.58
CA HIS C 58 -8.94 -15.06 6.51
C HIS C 58 -8.07 -15.89 7.48
N THR C 59 -7.63 -17.07 7.05
CA THR C 59 -6.74 -17.87 7.84
C THR C 59 -5.39 -17.15 8.04
N PRO C 60 -4.97 -16.90 9.28
CA PRO C 60 -3.62 -16.32 9.50
C PRO C 60 -2.54 -17.24 8.97
N GLN C 61 -1.40 -16.73 8.52
CA GLN C 61 -0.44 -17.65 7.87
C GLN C 61 0.12 -18.73 8.78
N ARG C 62 0.31 -18.41 10.05
CA ARG C 62 0.80 -19.39 10.99
C ARG C 62 -0.12 -20.60 11.20
N VAL C 63 -1.41 -20.46 10.84
CA VAL C 63 -2.43 -21.48 11.08
C VAL C 63 -2.60 -22.38 9.87
N ILE C 64 -2.11 -21.96 8.71
CA ILE C 64 -2.37 -22.71 7.47
C ILE C 64 -1.87 -24.17 7.58
N LYS C 65 -0.67 -24.36 8.16
CA LYS C 65 -0.11 -25.70 8.29
C LYS C 65 -1.04 -26.61 9.08
N TYR C 66 -1.66 -26.05 10.11
CA TYR C 66 -2.62 -26.80 10.89
C TYR C 66 -3.92 -27.02 10.12
N SER C 67 -4.35 -26.05 9.31
CA SER C 67 -5.59 -26.23 8.53
C SER C 67 -5.44 -27.40 7.59
N ILE C 68 -4.30 -27.42 6.90
CA ILE C 68 -4.02 -28.49 5.96
C ILE C 68 -3.94 -29.85 6.66
N ALA C 69 -3.19 -29.89 7.77
CA ALA C 69 -3.04 -31.15 8.54
C ALA C 69 -4.40 -31.70 9.01
N PHE C 70 -5.25 -30.86 9.60
CA PHE C 70 -6.49 -31.35 10.17
C PHE C 70 -7.44 -31.76 9.08
N TYR C 71 -7.44 -31.06 7.94
CA TYR C 71 -8.17 -31.56 6.77
C TYR C 71 -7.70 -32.97 6.37
N ALA C 72 -6.38 -33.16 6.30
CA ALA C 72 -5.78 -34.42 5.89
C ALA C 72 -6.19 -35.55 6.84
N TYR C 73 -6.21 -35.28 8.14
CA TYR C 73 -6.62 -36.29 9.11
C TYR C 73 -8.07 -36.70 8.91
N GLY C 74 -8.93 -35.74 8.60
CA GLY C 74 -10.31 -36.04 8.27
C GLY C 74 -10.45 -36.83 6.97
N LEU C 75 -9.67 -36.46 5.97
CA LEU C 75 -9.66 -37.21 4.72
C LEU C 75 -9.24 -38.66 4.87
N ALA C 76 -8.26 -38.91 5.75
CA ALA C 76 -7.86 -40.28 6.04
C ALA C 76 -9.03 -41.11 6.60
N SER C 77 -9.85 -40.53 7.48
CA SER C 77 -11.06 -41.23 7.95
C SER C 77 -12.14 -41.37 6.87
N VAL C 78 -12.26 -40.39 5.96
CA VAL C 78 -13.22 -40.51 4.81
C VAL C 78 -12.85 -41.73 4.00
N ALA C 79 -11.56 -41.95 3.79
CA ALA C 79 -11.08 -43.14 3.07
C ALA C 79 -11.51 -44.47 3.70
N LEU C 80 -11.47 -44.54 5.02
CA LEU C 80 -11.83 -45.75 5.79
C LEU C 80 -13.32 -45.97 5.78
N ILE C 81 -14.07 -44.88 5.88
CA ILE C 81 -15.55 -44.89 5.88
C ILE C 81 -16.18 -45.46 4.62
N ASP C 82 -15.81 -44.90 3.47
CA ASP C 82 -16.49 -45.18 2.21
C ASP C 82 -15.47 -45.52 1.12
N PRO C 83 -15.36 -46.80 0.77
CA PRO C 83 -14.42 -47.20 -0.27
C PRO C 83 -14.62 -46.49 -1.63
N LYS C 84 -15.86 -46.14 -1.98
CA LYS C 84 -16.16 -45.34 -3.19
C LYS C 84 -15.49 -43.91 -3.13
N LEU C 85 -15.20 -43.37 -1.93
CA LEU C 85 -14.51 -42.09 -1.77
C LEU C 85 -13.01 -42.17 -1.48
N ARG C 86 -12.47 -43.37 -1.38
CA ARG C 86 -11.06 -43.51 -1.01
C ARG C 86 -10.11 -42.90 -2.04
N ALA C 87 -10.42 -43.02 -3.33
CA ALA C 87 -9.54 -42.45 -4.37
C ALA C 87 -9.52 -40.93 -4.28
N LEU C 88 -10.72 -40.35 -4.13
CA LEU C 88 -10.85 -38.92 -3.89
C LEU C 88 -10.05 -38.44 -2.67
N ALA C 89 -10.21 -39.13 -1.55
CA ALA C 89 -9.47 -38.81 -0.35
C ALA C 89 -7.94 -38.87 -0.59
N GLY C 90 -7.52 -39.87 -1.32
CA GLY C 90 -6.12 -40.00 -1.67
C GLY C 90 -5.61 -38.90 -2.58
N HIS C 91 -6.44 -38.52 -3.53
CA HIS C 91 -6.14 -37.33 -4.36
C HIS C 91 -6.00 -36.03 -3.52
N ASP C 92 -6.97 -35.76 -2.66
CA ASP C 92 -6.89 -34.61 -1.76
C ASP C 92 -5.66 -34.64 -0.85
N LEU C 93 -5.28 -35.82 -0.35
CA LEU C 93 -4.08 -35.96 0.50
C LEU C 93 -2.79 -35.66 -0.27
N ASP C 94 -2.80 -36.04 -1.53
CA ASP C 94 -1.69 -35.73 -2.42
C ASP C 94 -1.51 -34.20 -2.51
N ILE C 95 -2.61 -33.51 -2.79
CA ILE C 95 -2.62 -32.07 -2.81
C ILE C 95 -2.22 -31.49 -1.43
N ALA C 96 -2.75 -32.06 -0.36
CA ALA C 96 -2.43 -31.58 0.97
C ALA C 96 -0.92 -31.56 1.18
N VAL C 97 -0.29 -32.67 0.85
CA VAL C 97 1.17 -32.82 1.04
C VAL C 97 1.88 -31.81 0.18
N SER C 98 1.45 -31.71 -1.07
CA SER C 98 2.08 -30.81 -1.99
C SER C 98 1.99 -29.33 -1.50
N LYS C 99 0.80 -28.92 -1.06
CA LYS C 99 0.62 -27.56 -0.51
C LYS C 99 1.42 -27.32 0.76
N MSE C 100 1.51 -28.35 1.59
CA MSE C 100 2.27 -28.26 2.84
C MSE C 100 3.71 -27.89 2.62
O MSE C 100 4.35 -27.27 3.47
CB MSE C 100 2.17 -29.61 3.55
CG MSE C 100 2.66 -29.60 4.99
SE MSE C 100 1.27 -28.81 6.15
CE MSE C 100 1.94 -29.48 7.87
N LYS C 101 4.25 -28.25 1.45
CA LYS C 101 5.65 -27.96 1.14
C LYS C 101 5.92 -26.54 0.61
N CYS C 102 4.87 -25.76 0.33
CA CYS C 102 5.00 -24.39 -0.16
C CYS C 102 5.50 -23.43 0.92
N LYS C 103 6.29 -22.45 0.51
CA LYS C 103 6.92 -21.49 1.45
C LYS C 103 5.88 -20.64 2.21
N ARG C 104 4.73 -20.39 1.60
CA ARG C 104 3.64 -19.74 2.28
C ARG C 104 3.28 -20.48 3.59
N VAL C 105 3.34 -21.81 3.59
CA VAL C 105 2.97 -22.61 4.76
C VAL C 105 4.07 -22.67 5.81
N TRP C 106 5.32 -22.89 5.39
CA TRP C 106 6.42 -23.08 6.34
C TRP C 106 7.25 -21.85 6.63
N GLY C 107 7.09 -20.81 5.82
CA GLY C 107 7.98 -19.66 5.81
C GLY C 107 8.13 -18.83 7.07
N ASP C 108 7.20 -18.93 8.00
CA ASP C 108 7.38 -18.31 9.34
C ASP C 108 8.71 -18.68 10.02
N TRP C 109 9.15 -19.90 9.79
CA TRP C 109 10.45 -20.38 10.26
C TRP C 109 11.59 -19.44 9.83
N GLU C 110 11.58 -19.05 8.58
CA GLU C 110 12.55 -18.11 8.05
C GLU C 110 12.28 -16.67 8.51
N GLU C 111 11.03 -16.18 8.37
CA GLU C 111 10.66 -14.81 8.74
C GLU C 111 11.06 -14.57 10.22
N ASP C 112 10.94 -15.57 11.08
CA ASP C 112 11.31 -15.47 12.52
C ASP C 112 12.81 -15.56 12.81
N GLY C 113 13.61 -15.85 11.79
CA GLY C 113 15.05 -15.90 11.93
C GLY C 113 15.59 -17.22 12.42
N PHE C 114 14.77 -18.26 12.48
CA PHE C 114 15.25 -19.57 12.89
C PHE C 114 16.07 -20.33 11.87
N GLY C 115 15.90 -20.06 10.57
CA GLY C 115 16.55 -20.87 9.52
C GLY C 115 15.90 -20.80 8.17
N THR C 116 16.53 -21.40 7.15
CA THR C 116 16.04 -21.32 5.77
C THR C 116 15.39 -22.60 5.26
N ASP C 117 15.53 -23.66 6.03
CA ASP C 117 15.01 -24.97 5.70
C ASP C 117 14.09 -25.40 6.81
N PRO C 118 12.84 -25.67 6.48
CA PRO C 118 11.88 -26.04 7.55
C PRO C 118 12.03 -27.46 8.14
N ILE C 119 12.76 -28.33 7.43
CA ILE C 119 13.10 -29.69 7.84
C ILE C 119 14.25 -29.68 8.85
N GLU C 120 14.94 -28.55 9.03
CA GLU C 120 16.12 -28.43 9.91
C GLU C 120 16.23 -29.24 11.15
N LYS C 121 15.81 -28.70 12.26
CA LYS C 121 16.11 -29.22 13.55
C LYS C 121 15.15 -28.39 14.26
N GLU C 122 14.35 -29.05 15.06
CA GLU C 122 13.59 -28.41 16.08
C GLU C 122 12.39 -27.59 15.59
N ASN C 123 11.91 -27.87 14.38
CA ASN C 123 10.69 -27.25 13.87
C ASN C 123 9.57 -28.29 13.76
N ILE C 124 9.30 -28.95 14.85
CA ILE C 124 8.43 -30.13 14.82
C ILE C 124 6.92 -29.77 14.69
N MSE C 125 6.58 -28.51 14.99
CA MSE C 125 5.26 -27.97 14.63
C MSE C 125 4.94 -28.18 13.18
O MSE C 125 3.82 -28.49 12.85
CB MSE C 125 4.99 -26.52 14.96
CG MSE C 125 5.86 -25.41 14.40
SE MSE C 125 5.30 -23.77 15.34
CE MSE C 125 3.84 -23.36 14.11
N TYR C 126 5.91 -27.99 12.29
CA TYR C 126 5.70 -28.19 10.86
C TYR C 126 5.96 -29.65 10.53
N LYS C 127 7.13 -30.12 10.91
CA LYS C 127 7.56 -31.40 10.35
C LYS C 127 6.88 -32.65 10.96
N GLY C 128 6.33 -32.52 12.18
CA GLY C 128 5.52 -33.57 12.75
C GLY C 128 4.32 -33.83 11.87
N HIS C 129 3.58 -32.77 11.57
CA HIS C 129 2.37 -32.90 10.77
C HIS C 129 2.70 -33.43 9.37
N LEU C 130 3.76 -32.89 8.79
CA LEU C 130 4.14 -33.27 7.43
C LEU C 130 4.42 -34.76 7.40
N ASN C 131 5.15 -35.24 8.40
CA ASN C 131 5.52 -36.66 8.44
C ASN C 131 4.34 -37.56 8.62
N LEU C 132 3.39 -37.13 9.44
CA LEU C 132 2.16 -37.89 9.65
C LEU C 132 1.34 -37.93 8.37
N MSE C 133 1.30 -36.80 7.67
CA MSE C 133 0.57 -36.70 6.40
C MSE C 133 1.21 -37.60 5.35
O MSE C 133 0.49 -38.25 4.59
CB MSE C 133 0.52 -35.25 5.89
CG MSE C 133 -0.43 -34.39 6.70
SE MSE C 133 -0.01 -32.48 6.47
CE MSE C 133 -0.30 -32.51 4.53
N TYR C 134 2.56 -37.61 5.26
CA TYR C 134 3.25 -38.48 4.31
C TYR C 134 2.77 -39.91 4.50
N GLY C 135 2.76 -40.35 5.77
CA GLY C 135 2.31 -41.68 6.14
C GLY C 135 0.88 -41.99 5.81
N LEU C 136 -0.02 -41.06 6.15
CA LEU C 136 -1.42 -41.27 5.87
C LEU C 136 -1.70 -41.33 4.38
N TYR C 137 -1.02 -40.49 3.61
CA TYR C 137 -1.16 -40.51 2.15
C TYR C 137 -0.85 -41.92 1.61
N GLN C 138 0.24 -42.50 2.09
CA GLN C 138 0.66 -43.81 1.63
C GLN C 138 -0.26 -44.91 2.08
N LEU C 139 -0.73 -44.84 3.34
CA LEU C 139 -1.72 -45.81 3.82
C LEU C 139 -3.00 -45.81 3.00
N VAL C 140 -3.45 -44.62 2.63
CA VAL C 140 -4.69 -44.44 1.89
C VAL C 140 -4.54 -44.90 0.45
N THR C 141 -3.45 -44.53 -0.21
CA THR C 141 -3.32 -44.77 -1.67
C THR C 141 -2.48 -45.96 -2.07
N GLY C 142 -1.49 -46.34 -1.25
CA GLY C 142 -0.46 -47.29 -1.70
C GLY C 142 0.67 -46.66 -2.51
N SER C 143 0.59 -45.37 -2.82
CA SER C 143 1.57 -44.70 -3.65
C SER C 143 2.88 -44.48 -2.88
N ARG C 144 4.00 -44.69 -3.57
CA ARG C 144 5.33 -44.49 -2.99
C ARG C 144 5.96 -43.18 -3.42
N ARG C 145 5.15 -42.32 -4.05
CA ARG C 145 5.53 -40.97 -4.48
C ARG C 145 6.37 -40.19 -3.45
N TYR C 146 5.99 -40.25 -2.17
CA TYR C 146 6.67 -39.49 -1.12
C TYR C 146 7.48 -40.37 -0.18
N GLU C 147 7.64 -41.64 -0.51
CA GLU C 147 8.33 -42.61 0.35
C GLU C 147 9.76 -42.23 0.70
N ALA C 148 10.50 -41.69 -0.24
CA ALA C 148 11.88 -41.28 0.04
C ALA C 148 11.89 -40.19 1.09
N GLU C 149 11.12 -39.14 0.84
CA GLU C 149 10.99 -37.98 1.76
C GLU C 149 10.49 -38.40 3.14
N HIS C 150 9.52 -39.32 3.14
CA HIS C 150 8.97 -39.89 4.37
C HIS C 150 10.03 -40.60 5.20
N ALA C 151 10.85 -41.42 4.53
CA ALA C 151 11.93 -42.16 5.20
C ALA C 151 12.97 -41.21 5.77
N HIS C 152 13.33 -40.19 4.99
CA HIS C 152 14.28 -39.18 5.41
C HIS C 152 13.78 -38.40 6.65
N LEU C 153 12.53 -37.94 6.61
CA LEU C 153 11.96 -37.13 7.68
C LEU C 153 11.72 -37.96 8.96
N THR C 154 11.27 -39.20 8.78
CA THR C 154 11.17 -40.14 9.87
C THR C 154 12.52 -40.38 10.56
N ARG C 155 13.59 -40.60 9.77
CA ARG C 155 14.94 -40.83 10.32
C ARG C 155 15.33 -39.57 11.12
N ILE C 156 15.17 -38.39 10.51
CA ILE C 156 15.50 -37.12 11.21
C ILE C 156 14.82 -36.97 12.58
N ILE C 157 13.52 -37.22 12.59
CA ILE C 157 12.72 -37.07 13.81
C ILE C 157 13.21 -38.00 14.89
N HIS C 158 13.34 -39.28 14.53
CA HIS C 158 13.95 -40.30 15.39
C HIS C 158 15.33 -39.89 15.97
N ASP C 159 16.21 -39.37 15.11
CA ASP C 159 17.53 -38.90 15.57
C ASP C 159 17.45 -37.75 16.60
N GLU C 160 16.55 -36.78 16.39
CA GLU C 160 16.37 -35.70 17.38
C GLU C 160 15.89 -36.23 18.72
N ILE C 161 15.01 -37.23 18.70
CA ILE C 161 14.52 -37.80 19.94
C ILE C 161 15.68 -38.47 20.65
N ALA C 162 16.41 -39.32 19.92
CA ALA C 162 17.58 -40.04 20.46
C ALA C 162 18.61 -39.08 21.08
N ALA C 163 18.80 -37.92 20.48
CA ALA C 163 19.80 -36.94 20.94
C ALA C 163 19.43 -36.10 22.15
N ASN C 164 18.16 -36.11 22.57
CA ASN C 164 17.71 -35.16 23.61
C ASN C 164 17.71 -35.79 25.00
N PRO C 165 18.20 -35.07 26.01
CA PRO C 165 18.21 -35.59 27.39
C PRO C 165 16.80 -35.80 27.98
N PHE C 166 15.87 -34.92 27.62
CA PHE C 166 14.42 -35.10 27.86
C PHE C 166 13.82 -35.98 26.74
N ALA C 167 12.71 -36.61 27.04
CA ALA C 167 12.03 -37.47 26.07
C ALA C 167 11.13 -36.62 25.14
N GLY C 168 11.43 -36.61 23.86
CA GLY C 168 10.67 -35.85 22.88
C GLY C 168 11.54 -34.85 22.15
N ILE C 169 10.88 -33.89 21.52
CA ILE C 169 11.51 -32.81 20.73
C ILE C 169 10.77 -31.50 21.00
N VAL C 170 11.49 -30.42 20.82
CA VAL C 170 10.89 -29.11 20.95
C VAL C 170 10.16 -28.77 19.64
N CYS C 171 9.02 -28.10 19.82
CA CYS C 171 8.12 -27.68 18.75
C CYS C 171 8.70 -26.51 17.94
N GLU C 172 9.52 -25.72 18.64
CA GLU C 172 10.33 -24.67 18.06
C GLU C 172 11.37 -24.40 19.16
N PRO C 173 12.37 -23.55 18.93
CA PRO C 173 13.50 -23.63 19.90
C PRO C 173 13.11 -23.30 21.30
N ASP C 174 13.53 -24.19 22.19
CA ASP C 174 13.26 -24.15 23.62
C ASP C 174 11.78 -24.13 24.09
N ASN C 175 10.87 -24.52 23.21
CA ASN C 175 9.48 -24.62 23.53
C ASN C 175 9.04 -26.03 23.25
N TYR C 176 8.74 -26.77 24.30
CA TYR C 176 8.21 -28.13 24.19
C TYR C 176 6.68 -28.15 24.48
N PHE C 177 5.92 -28.71 23.55
CA PHE C 177 4.48 -28.82 23.66
C PHE C 177 4.09 -30.30 23.50
N VAL C 178 3.31 -30.85 24.42
CA VAL C 178 2.91 -32.27 24.30
C VAL C 178 2.07 -32.62 23.05
N GLN C 179 1.23 -31.69 22.56
CA GLN C 179 0.41 -31.92 21.36
C GLN C 179 1.31 -32.20 20.17
N CYS C 180 2.28 -31.31 20.04
CA CYS C 180 3.27 -31.31 19.00
C CYS C 180 4.00 -32.65 18.94
N ASN C 181 4.49 -33.08 20.10
CA ASN C 181 5.13 -34.38 20.25
C ASN C 181 4.19 -35.53 19.87
N SER C 182 2.96 -35.48 20.36
CA SER C 182 2.00 -36.51 20.04
C SER C 182 1.90 -36.75 18.52
N VAL C 183 1.97 -35.68 17.73
CA VAL C 183 1.87 -35.81 16.30
C VAL C 183 3.10 -36.53 15.80
N ALA C 184 4.26 -36.11 16.29
CA ALA C 184 5.53 -36.65 15.84
C ALA C 184 5.62 -38.13 16.14
N TYR C 185 5.28 -38.49 17.38
CA TYR C 185 5.32 -39.90 17.75
C TYR C 185 4.33 -40.70 16.90
N LEU C 186 3.13 -40.17 16.70
CA LEU C 186 2.12 -40.90 15.91
C LEU C 186 2.60 -41.14 14.48
N SER C 187 3.38 -40.21 13.94
CA SER C 187 3.97 -40.38 12.61
C SER C 187 4.93 -41.55 12.57
N LEU C 188 5.57 -41.86 13.69
CA LEU C 188 6.50 -43.00 13.78
C LEU C 188 5.75 -44.32 13.77
N TRP C 189 4.59 -44.35 14.43
CA TRP C 189 3.74 -45.51 14.38
C TRP C 189 3.30 -45.77 12.96
N VAL C 190 2.95 -44.71 12.24
CA VAL C 190 2.45 -44.87 10.87
C VAL C 190 3.59 -45.39 10.00
N TYR C 191 4.81 -44.85 10.17
CA TYR C 191 5.94 -45.33 9.40
C TYR C 191 6.19 -46.84 9.65
N ASP C 192 6.17 -47.23 10.93
CA ASP C 192 6.35 -48.63 11.35
C ASP C 192 5.32 -49.57 10.76
N ARG C 193 4.07 -49.14 10.71
CA ARG C 193 3.03 -49.93 10.06
C ARG C 193 3.35 -50.15 8.57
N LEU C 194 3.83 -49.14 7.87
CA LEU C 194 4.09 -49.28 6.45
C LEU C 194 5.32 -50.13 6.15
N HIS C 195 6.29 -50.17 7.07
CA HIS C 195 7.63 -50.70 6.76
C HIS C 195 8.17 -51.77 7.72
N GLY C 196 7.39 -52.19 8.72
CA GLY C 196 7.87 -53.17 9.69
C GLY C 196 8.98 -52.74 10.66
N THR C 197 9.34 -51.46 10.66
CA THR C 197 10.37 -50.94 11.58
C THR C 197 9.86 -50.77 13.02
N ASP C 198 10.72 -50.31 13.92
CA ASP C 198 10.39 -50.12 15.33
C ASP C 198 10.91 -48.75 15.79
N TYR C 199 10.66 -47.72 14.97
CA TYR C 199 10.80 -46.31 15.45
C TYR C 199 9.93 -45.91 16.64
N ARG C 200 8.74 -46.55 16.75
CA ARG C 200 7.83 -46.29 17.85
C ARG C 200 8.33 -46.69 19.24
N ALA C 201 9.47 -47.38 19.30
CA ALA C 201 10.04 -47.86 20.59
C ALA C 201 10.21 -46.74 21.59
N ALA C 202 10.53 -45.56 21.08
CA ALA C 202 10.69 -44.35 21.90
C ALA C 202 9.41 -43.89 22.61
N THR C 203 8.24 -44.36 22.15
CA THR C 203 7.00 -43.95 22.75
C THR C 203 6.92 -44.13 24.27
N ARG C 204 7.31 -45.27 24.81
CA ARG C 204 7.14 -45.48 26.24
C ARG C 204 7.84 -44.45 27.06
N ALA C 205 9.07 -44.17 26.72
CA ALA C 205 9.85 -43.18 27.48
C ALA C 205 9.17 -41.80 27.46
N TRP C 206 8.58 -41.46 26.32
CA TRP C 206 7.86 -40.19 26.15
C TRP C 206 6.60 -40.16 27.02
N LEU C 207 5.82 -41.23 27.00
CA LEU C 207 4.62 -41.30 27.81
C LEU C 207 4.91 -41.27 29.32
N ASP C 208 6.02 -41.88 29.72
CA ASP C 208 6.47 -41.81 31.14
C ASP C 208 6.85 -40.37 31.50
N PHE C 209 7.57 -39.72 30.60
CA PHE C 209 8.06 -38.35 30.82
C PHE C 209 6.91 -37.32 30.95
N ILE C 210 5.96 -37.37 30.00
CA ILE C 210 4.87 -36.39 30.03
C ILE C 210 3.96 -36.54 31.24
N GLN C 211 4.03 -37.69 31.90
CA GLN C 211 3.25 -37.96 33.11
C GLN C 211 3.91 -37.43 34.37
N LYS C 212 5.21 -37.11 34.32
CA LYS C 212 5.92 -36.40 35.41
C LYS C 212 5.47 -34.92 35.57
N ASP C 213 6.34 -33.93 35.33
CA ASP C 213 5.96 -32.53 35.64
C ASP C 213 4.91 -32.00 34.66
N LEU C 214 4.83 -32.58 33.46
CA LEU C 214 3.95 -32.05 32.42
C LEU C 214 2.43 -32.18 32.65
N ILE C 215 1.98 -33.09 33.52
CA ILE C 215 0.53 -33.31 33.72
C ILE C 215 0.18 -33.06 35.16
N ASP C 216 -1.04 -32.64 35.42
CA ASP C 216 -1.66 -32.70 36.75
C ASP C 216 -2.56 -33.95 36.74
N PRO C 217 -2.14 -35.02 37.42
CA PRO C 217 -2.85 -36.30 37.24
C PRO C 217 -4.23 -36.32 37.87
N GLU C 218 -4.45 -35.59 38.97
CA GLU C 218 -5.80 -35.47 39.57
C GLU C 218 -6.77 -34.80 38.60
N ARG C 219 -6.33 -33.72 37.96
CA ARG C 219 -7.19 -32.93 37.08
C ARG C 219 -7.26 -33.51 35.63
N GLY C 220 -6.34 -34.41 35.30
CA GLY C 220 -6.34 -35.06 33.99
C GLY C 220 -5.99 -34.11 32.86
N ALA C 221 -5.04 -33.21 33.13
CA ALA C 221 -4.79 -32.07 32.28
C ALA C 221 -3.32 -31.76 32.17
N PHE C 222 -2.86 -31.49 30.95
CA PHE C 222 -1.48 -31.09 30.74
C PHE C 222 -1.26 -29.59 30.96
N TYR C 223 -0.06 -29.26 31.44
CA TYR C 223 0.36 -27.91 31.47
C TYR C 223 0.70 -27.46 30.03
N LEU C 224 0.73 -26.15 29.86
CA LEU C 224 0.71 -25.51 28.57
C LEU C 224 1.94 -25.86 27.74
N SER C 225 3.11 -25.82 28.38
CA SER C 225 4.36 -26.07 27.72
C SER C 225 5.45 -26.32 28.75
N TYR C 226 6.57 -26.83 28.23
CA TYR C 226 7.77 -27.09 29.01
C TYR C 226 8.95 -26.44 28.26
N HIS C 227 9.97 -25.95 28.99
CA HIS C 227 11.09 -25.23 28.39
C HIS C 227 12.42 -25.75 28.95
N PRO C 228 13.09 -26.64 28.20
CA PRO C 228 14.28 -27.38 28.62
C PRO C 228 15.43 -26.54 29.16
N GLU C 229 15.81 -25.50 28.43
CA GLU C 229 16.91 -24.61 28.84
C GLU C 229 16.77 -24.13 30.31
N SER C 230 15.58 -23.73 30.71
CA SER C 230 15.34 -23.24 32.08
C SER C 230 14.72 -24.29 33.02
N GLY C 231 14.19 -25.38 32.47
CA GLY C 231 13.40 -26.35 33.25
C GLY C 231 11.97 -25.93 33.54
N ALA C 232 11.56 -24.76 33.05
CA ALA C 232 10.25 -24.22 33.42
C ALA C 232 9.07 -25.04 32.82
N VAL C 233 8.02 -25.19 33.62
CA VAL C 233 6.72 -25.63 33.11
C VAL C 233 5.75 -24.48 33.33
N LYS C 234 5.14 -23.98 32.27
CA LYS C 234 4.19 -22.86 32.42
C LYS C 234 3.07 -23.32 33.33
N PRO C 235 2.81 -22.54 34.38
CA PRO C 235 1.92 -22.99 35.45
C PRO C 235 0.40 -22.97 35.16
N TRP C 236 -0.05 -22.84 33.92
CA TRP C 236 -1.47 -23.01 33.59
C TRP C 236 -1.74 -24.34 32.89
N ILE C 237 -2.86 -24.97 33.23
CA ILE C 237 -3.32 -26.16 32.48
C ILE C 237 -4.16 -25.67 31.28
N SER C 238 -4.21 -26.47 30.22
CA SER C 238 -4.87 -26.11 28.94
C SER C 238 -5.74 -27.24 28.42
N ALA C 239 -7.01 -26.93 28.24
CA ALA C 239 -7.97 -27.90 27.75
C ALA C 239 -7.71 -28.27 26.31
N TYR C 240 -7.43 -27.30 25.44
CA TYR C 240 -7.27 -27.62 24.01
C TYR C 240 -6.03 -28.50 23.84
N THR C 241 -4.97 -28.16 24.57
CA THR C 241 -3.73 -28.92 24.59
C THR C 241 -3.99 -30.37 25.01
N THR C 242 -4.80 -30.52 26.07
CA THR C 242 -5.05 -31.84 26.62
C THR C 242 -5.94 -32.65 25.70
N ALA C 243 -6.96 -32.03 25.13
CA ALA C 243 -7.91 -32.75 24.32
C ALA C 243 -7.21 -33.34 23.10
N TRP C 244 -6.40 -32.52 22.45
CA TRP C 244 -5.64 -32.92 21.24
C TRP C 244 -4.66 -34.04 21.61
N THR C 245 -3.90 -33.83 22.67
CA THR C 245 -2.92 -34.83 23.09
C THR C 245 -3.56 -36.18 23.47
N LEU C 246 -4.61 -36.15 24.29
CA LEU C 246 -5.27 -37.40 24.68
C LEU C 246 -5.85 -38.11 23.47
N ALA C 247 -6.34 -37.37 22.49
CA ALA C 247 -6.98 -38.00 21.33
C ALA C 247 -5.96 -38.81 20.54
N MSE C 248 -4.81 -38.21 20.27
CA MSE C 248 -3.74 -38.90 19.56
C MSE C 248 -3.09 -39.95 20.40
O MSE C 248 -2.77 -41.04 19.89
CB MSE C 248 -2.71 -37.90 19.06
CG MSE C 248 -3.33 -37.11 17.90
SE MSE C 248 -1.94 -36.10 16.97
CE MSE C 248 -3.04 -35.75 15.37
N VAL C 249 -2.91 -39.69 21.70
CA VAL C 249 -2.30 -40.69 22.55
C VAL C 249 -3.16 -41.97 22.61
N HIS C 250 -4.47 -41.81 22.58
CA HIS C 250 -5.39 -42.95 22.59
C HIS C 250 -5.14 -43.96 21.45
N GLY C 251 -4.53 -43.50 20.34
CA GLY C 251 -4.17 -44.40 19.24
C GLY C 251 -2.92 -45.23 19.47
N MSE C 252 -2.08 -44.80 20.39
CA MSE C 252 -0.81 -45.45 20.70
C MSE C 252 -0.88 -46.26 21.99
O MSE C 252 -0.38 -47.37 22.05
CB MSE C 252 0.28 -44.38 20.81
CG MSE C 252 0.47 -43.72 19.43
SE MSE C 252 1.87 -42.35 19.47
CE MSE C 252 0.80 -40.86 20.23
N ASP C 253 -1.49 -45.68 23.04
CA ASP C 253 -1.66 -46.31 24.34
C ASP C 253 -3.07 -45.93 24.84
N PRO C 254 -4.09 -46.71 24.45
CA PRO C 254 -5.48 -46.40 24.82
C PRO C 254 -5.72 -46.26 26.31
N ALA C 255 -5.00 -47.03 27.11
CA ALA C 255 -5.21 -47.03 28.57
C ALA C 255 -4.84 -45.67 29.17
N PHE C 256 -3.78 -45.03 28.64
CA PHE C 256 -3.34 -43.68 29.05
C PHE C 256 -4.53 -42.71 28.98
N SER C 257 -5.17 -42.64 27.84
CA SER C 257 -6.23 -41.67 27.62
C SER C 257 -7.50 -42.05 28.38
N GLU C 258 -7.76 -43.34 28.52
CA GLU C 258 -8.89 -43.80 29.29
C GLU C 258 -8.72 -43.40 30.75
N ARG C 259 -7.52 -43.51 31.28
CA ARG C 259 -7.21 -43.10 32.64
C ARG C 259 -7.59 -41.61 32.91
N TYR C 260 -7.19 -40.71 31.99
CA TYR C 260 -7.31 -39.27 32.22
C TYR C 260 -8.61 -38.60 31.71
N TYR C 261 -9.27 -39.24 30.75
CA TYR C 261 -10.40 -38.64 30.10
C TYR C 261 -11.51 -38.21 31.08
N PRO C 262 -11.97 -39.09 31.99
CA PRO C 262 -13.01 -38.65 32.91
C PRO C 262 -12.64 -37.48 33.79
N ARG C 263 -11.37 -37.40 34.18
CA ARG C 263 -10.89 -36.30 35.02
C ARG C 263 -10.84 -34.99 34.22
N PHE C 264 -10.32 -35.10 33.00
CA PHE C 264 -10.36 -34.02 32.03
C PHE C 264 -11.75 -33.42 31.91
N LYS C 265 -12.76 -34.27 31.79
CA LYS C 265 -14.15 -33.77 31.68
C LYS C 265 -14.62 -33.04 32.94
N GLN C 266 -14.30 -33.60 34.11
CA GLN C 266 -14.64 -32.94 35.37
C GLN C 266 -13.97 -31.54 35.45
N THR C 267 -12.72 -31.47 35.03
CA THR C 267 -11.95 -30.27 35.15
C THR C 267 -12.47 -29.13 34.26
N PHE C 268 -12.82 -29.44 33.00
CA PHE C 268 -13.00 -28.44 31.97
C PHE C 268 -14.39 -28.31 31.40
N VAL C 269 -15.16 -29.37 31.36
CA VAL C 269 -16.38 -29.40 30.54
C VAL C 269 -17.58 -28.87 31.35
N GLU C 270 -18.26 -27.84 30.84
CA GLU C 270 -19.47 -27.33 31.42
C GLU C 270 -20.66 -27.80 30.60
N VAL C 271 -21.50 -28.66 31.20
CA VAL C 271 -22.75 -29.06 30.58
C VAL C 271 -23.80 -28.01 30.96
N TYR C 272 -24.64 -27.61 30.01
CA TYR C 272 -25.67 -26.59 30.27
C TYR C 272 -26.91 -26.83 29.40
N ASP C 273 -27.89 -25.94 29.51
CA ASP C 273 -29.16 -26.06 28.79
C ASP C 273 -29.84 -27.43 29.04
N GLU C 274 -29.97 -27.77 30.34
CA GLU C 274 -30.65 -29.00 30.80
C GLU C 274 -30.03 -30.24 30.17
N GLY C 275 -28.71 -30.29 30.16
CA GLY C 275 -27.98 -31.41 29.52
C GLY C 275 -27.91 -31.49 28.00
N ARG C 276 -28.53 -30.56 27.27
CA ARG C 276 -28.51 -30.61 25.80
C ARG C 276 -27.22 -30.08 25.16
N LYS C 277 -26.46 -29.28 25.91
CA LYS C 277 -25.27 -28.61 25.38
C LYS C 277 -24.11 -28.67 26.31
N ALA C 278 -22.92 -28.44 25.74
CA ALA C 278 -21.70 -28.35 26.51
C ALA C 278 -20.72 -27.37 25.86
N ARG C 279 -19.88 -26.77 26.70
CA ARG C 279 -18.76 -25.97 26.23
C ARG C 279 -17.59 -26.20 27.20
N VAL C 280 -16.37 -25.93 26.73
CA VAL C 280 -15.17 -26.27 27.44
C VAL C 280 -14.37 -25.04 27.86
N ARG C 281 -14.05 -24.97 29.14
CA ARG C 281 -13.14 -23.98 29.66
C ARG C 281 -11.71 -24.33 29.18
N GLU C 282 -10.94 -23.30 28.83
CA GLU C 282 -9.59 -23.49 28.33
C GLU C 282 -8.58 -23.69 29.45
N THR C 283 -8.80 -23.09 30.61
CA THR C 283 -7.89 -23.28 31.74
C THR C 283 -8.65 -23.34 33.07
N ALA C 284 -7.92 -23.53 34.16
CA ALA C 284 -8.45 -23.51 35.51
C ALA C 284 -8.62 -22.09 36.03
N GLY C 285 -9.49 -21.96 37.01
CA GLY C 285 -9.69 -20.69 37.69
C GLY C 285 -10.43 -19.65 36.87
N THR C 286 -11.38 -20.10 36.05
CA THR C 286 -12.22 -19.22 35.24
C THR C 286 -13.53 -19.93 34.98
N ASP C 287 -14.59 -19.17 34.71
CA ASP C 287 -15.86 -19.74 34.22
C ASP C 287 -15.99 -19.57 32.72
N ASP C 288 -15.07 -18.82 32.10
CA ASP C 288 -15.16 -18.49 30.68
C ASP C 288 -14.88 -19.73 29.87
N ALA C 289 -15.67 -19.92 28.81
CA ALA C 289 -15.43 -21.04 27.88
C ALA C 289 -14.62 -20.56 26.67
N ASP C 290 -13.79 -21.45 26.14
CA ASP C 290 -13.07 -21.24 24.88
C ASP C 290 -12.23 -19.98 24.88
N GLY C 291 -11.59 -19.71 26.01
CA GLY C 291 -10.54 -18.71 26.05
C GLY C 291 -9.25 -19.17 25.35
N GLY C 292 -8.20 -18.36 25.48
CA GLY C 292 -6.96 -18.64 24.84
C GLY C 292 -7.11 -18.62 23.32
N VAL C 293 -6.62 -19.67 22.65
CA VAL C 293 -6.77 -19.80 21.20
C VAL C 293 -8.20 -20.04 20.74
N GLY C 294 -9.10 -20.38 21.66
CA GLY C 294 -10.53 -20.49 21.35
C GLY C 294 -10.91 -21.83 20.76
N LEU C 295 -10.05 -22.85 20.95
CA LEU C 295 -10.25 -24.20 20.37
C LEU C 295 -10.54 -25.34 21.36
N ALA C 296 -10.75 -25.03 22.63
CA ALA C 296 -11.02 -26.08 23.62
C ALA C 296 -12.22 -26.95 23.23
N SER C 297 -13.34 -26.33 22.93
CA SER C 297 -14.56 -27.08 22.58
C SER C 297 -14.40 -27.94 21.34
N ALA C 298 -13.82 -27.33 20.31
CA ALA C 298 -13.59 -28.03 19.06
C ALA C 298 -12.65 -29.26 19.20
N PHE C 299 -11.54 -29.12 19.90
CA PHE C 299 -10.67 -30.26 20.12
C PHE C 299 -11.33 -31.30 21.04
N THR C 300 -12.14 -30.85 22.00
CA THR C 300 -12.89 -31.77 22.85
C THR C 300 -13.92 -32.55 22.04
N LEU C 301 -14.48 -31.92 21.02
CA LEU C 301 -15.36 -32.61 20.11
C LEU C 301 -14.65 -33.77 19.40
N LEU C 302 -13.45 -33.51 18.89
CA LEU C 302 -12.59 -34.58 18.36
C LEU C 302 -12.30 -35.68 19.40
N LEU C 303 -11.95 -35.26 20.62
CA LEU C 303 -11.65 -36.21 21.68
C LEU C 303 -12.87 -37.10 21.99
N ALA C 304 -14.03 -36.50 22.16
CA ALA C 304 -15.25 -37.25 22.39
C ALA C 304 -15.48 -38.31 21.31
N ARG C 305 -15.20 -37.94 20.05
CA ARG C 305 -15.34 -38.88 18.96
C ARG C 305 -14.31 -40.01 19.11
N GLU C 306 -13.06 -39.65 19.42
CA GLU C 306 -12.00 -40.61 19.63
C GLU C 306 -12.35 -41.59 20.76
N MSE C 307 -12.96 -41.12 21.84
CA MSE C 307 -13.30 -41.97 22.97
C MSE C 307 -14.68 -42.65 22.87
O MSE C 307 -15.12 -43.24 23.84
CB MSE C 307 -13.29 -41.16 24.28
CG MSE C 307 -12.03 -40.38 24.59
SE MSE C 307 -10.38 -41.48 24.50
CE MSE C 307 -10.69 -42.41 26.21
N GLY C 308 -15.39 -42.55 21.75
CA GLY C 308 -16.76 -43.08 21.67
C GLY C 308 -17.83 -42.44 22.57
N ASP C 309 -17.59 -41.22 23.05
CA ASP C 309 -18.48 -40.53 23.99
C ASP C 309 -19.55 -39.77 23.16
N GLN C 310 -20.58 -40.50 22.74
CA GLN C 310 -21.64 -39.91 21.94
C GLN C 310 -22.43 -38.79 22.62
N GLN C 311 -22.66 -38.90 23.93
CA GLN C 311 -23.38 -37.87 24.66
C GLN C 311 -22.62 -36.53 24.63
N LEU C 312 -21.33 -36.55 24.97
CA LEU C 312 -20.58 -35.31 24.97
C LEU C 312 -20.44 -34.73 23.55
N PHE C 313 -20.26 -35.60 22.57
CA PHE C 313 -20.14 -35.16 21.19
C PHE C 313 -21.37 -34.37 20.82
N ASP C 314 -22.53 -34.94 21.08
CA ASP C 314 -23.83 -34.32 20.78
C ASP C 314 -23.99 -32.98 21.49
N GLN C 315 -23.58 -32.94 22.75
CA GLN C 315 -23.64 -31.71 23.53
C GLN C 315 -22.76 -30.59 22.96
N LEU C 316 -21.50 -30.93 22.68
CA LEU C 316 -20.56 -29.98 22.12
C LEU C 316 -21.01 -29.46 20.75
N LEU C 317 -21.46 -30.37 19.91
CA LEU C 317 -21.87 -29.98 18.57
C LEU C 317 -23.14 -29.14 18.63
N ASN C 318 -24.03 -29.38 19.60
CA ASN C 318 -25.20 -28.48 19.80
C ASN C 318 -24.82 -27.07 20.24
N HIS C 319 -23.67 -26.92 20.90
CA HIS C 319 -23.10 -25.64 21.23
C HIS C 319 -22.39 -25.01 20.01
N LEU C 320 -21.56 -25.80 19.32
CA LEU C 320 -20.67 -25.27 18.28
C LEU C 320 -21.33 -24.95 16.95
N GLU C 321 -22.19 -25.83 16.47
CA GLU C 321 -22.68 -25.74 15.10
C GLU C 321 -23.80 -24.70 14.87
N PRO C 322 -24.88 -24.73 15.67
CA PRO C 322 -26.00 -23.83 15.33
C PRO C 322 -25.68 -22.33 15.25
N PRO C 323 -24.89 -21.79 16.16
CA PRO C 323 -24.58 -20.36 16.07
C PRO C 323 -23.74 -20.01 14.87
N ALA C 324 -22.99 -20.99 14.32
CA ALA C 324 -22.19 -20.76 13.13
C ALA C 324 -23.02 -20.69 11.86
N LYS C 325 -24.32 -21.03 11.94
CA LYS C 325 -25.30 -20.82 10.86
C LYS C 325 -24.87 -21.55 9.59
N PRO C 326 -24.90 -22.89 9.62
CA PRO C 326 -24.57 -23.66 8.43
C PRO C 326 -25.64 -23.50 7.41
N SER C 327 -25.25 -23.46 6.15
CA SER C 327 -26.22 -23.62 5.05
C SER C 327 -25.61 -24.47 3.94
N ILE C 328 -26.48 -25.16 3.23
CA ILE C 328 -26.08 -26.00 2.14
C ILE C 328 -26.66 -25.36 0.91
N VAL C 329 -25.80 -24.79 0.08
CA VAL C 329 -26.22 -24.17 -1.17
C VAL C 329 -25.50 -24.91 -2.29
N SER C 330 -26.25 -25.34 -3.31
CA SER C 330 -25.72 -26.08 -4.44
C SER C 330 -24.88 -27.28 -3.97
N ALA C 331 -25.45 -27.99 -3.00
CA ALA C 331 -24.91 -29.20 -2.42
C ALA C 331 -23.54 -29.01 -1.76
N SER C 332 -23.27 -27.79 -1.31
CA SER C 332 -21.98 -27.47 -0.72
C SER C 332 -22.21 -26.74 0.62
N LEU C 333 -21.38 -27.03 1.61
CA LEU C 333 -21.56 -26.51 2.97
C LEU C 333 -20.78 -25.24 3.21
N ARG C 334 -21.43 -24.24 3.76
CA ARG C 334 -20.76 -23.00 4.19
C ARG C 334 -21.27 -22.72 5.61
N TYR C 335 -20.44 -22.09 6.43
CA TYR C 335 -20.86 -21.55 7.72
C TYR C 335 -20.84 -20.04 7.61
N GLU C 336 -21.97 -19.38 7.86
CA GLU C 336 -22.06 -17.91 7.82
C GLU C 336 -21.24 -17.27 8.96
N HIS C 337 -21.12 -17.91 10.13
CA HIS C 337 -20.50 -17.29 11.33
C HIS C 337 -19.59 -18.27 12.08
N PRO C 338 -18.49 -18.72 11.45
CA PRO C 338 -17.64 -19.67 12.16
C PRO C 338 -17.16 -19.07 13.47
N GLY C 339 -17.17 -19.85 14.54
CA GLY C 339 -16.88 -19.30 15.87
C GLY C 339 -15.43 -19.27 16.33
N SER C 340 -14.52 -19.81 15.52
CA SER C 340 -13.14 -19.92 15.90
C SER C 340 -12.29 -20.12 14.65
N LEU C 341 -10.96 -20.11 14.83
CA LEU C 341 -10.05 -20.57 13.79
C LEU C 341 -10.27 -22.06 13.58
N LEU C 342 -9.84 -22.56 12.42
CA LEU C 342 -9.89 -23.97 12.14
C LEU C 342 -11.26 -24.57 12.33
N PHE C 343 -12.29 -23.76 12.09
CA PHE C 343 -13.66 -24.16 12.44
C PHE C 343 -14.18 -25.27 11.54
N ASP C 344 -14.26 -25.04 10.23
CA ASP C 344 -14.81 -26.11 9.35
C ASP C 344 -13.88 -27.33 9.34
N GLU C 345 -12.58 -27.10 9.48
CA GLU C 345 -11.59 -28.18 9.52
C GLU C 345 -11.84 -29.16 10.70
N LEU C 346 -11.97 -28.62 11.90
CA LEU C 346 -12.17 -29.44 13.07
C LEU C 346 -13.57 -30.10 13.18
N LEU C 347 -14.62 -29.40 12.78
CA LEU C 347 -15.95 -30.01 12.71
C LEU C 347 -15.99 -31.15 11.67
N PHE C 348 -15.34 -30.93 10.54
CA PHE C 348 -15.23 -31.95 9.51
C PHE C 348 -14.56 -33.17 10.11
N LEU C 349 -13.37 -32.96 10.64
CA LEU C 349 -12.57 -34.02 11.25
C LEU C 349 -13.38 -34.79 12.30
N ALA C 350 -13.97 -34.08 13.25
CA ALA C 350 -14.71 -34.74 14.30
C ALA C 350 -15.91 -35.54 13.78
N LYS C 351 -16.58 -35.02 12.76
CA LYS C 351 -17.72 -35.71 12.17
C LYS C 351 -17.35 -37.06 11.56
N VAL C 352 -16.16 -37.16 10.96
CA VAL C 352 -15.75 -38.39 10.28
C VAL C 352 -14.78 -39.26 11.04
N HIS C 353 -14.21 -38.73 12.12
CA HIS C 353 -13.04 -39.37 12.74
C HIS C 353 -13.30 -40.82 13.17
N ALA C 354 -12.51 -41.72 12.60
CA ALA C 354 -12.68 -43.14 12.83
C ALA C 354 -11.84 -43.65 13.99
N GLY C 355 -11.01 -42.78 14.56
CA GLY C 355 -10.08 -43.15 15.62
C GLY C 355 -8.66 -43.26 15.06
N PHE C 356 -7.69 -42.73 15.80
CA PHE C 356 -6.30 -42.75 15.33
C PHE C 356 -5.73 -44.16 15.23
N GLY C 357 -6.13 -45.02 16.15
CA GLY C 357 -5.79 -46.45 16.08
C GLY C 357 -6.31 -47.10 14.81
N ALA C 358 -7.58 -46.85 14.47
CA ALA C 358 -8.19 -47.36 13.23
C ALA C 358 -7.46 -46.88 11.97
N LEU C 359 -6.91 -45.68 11.99
CA LEU C 359 -6.12 -45.19 10.88
C LEU C 359 -4.81 -45.98 10.74
N LEU C 360 -4.12 -46.23 11.86
CA LEU C 360 -2.95 -47.14 11.88
C LEU C 360 -3.25 -48.51 11.31
N ARG C 361 -4.40 -49.06 11.62
CA ARG C 361 -4.68 -50.37 11.10
C ARG C 361 -5.56 -50.34 9.87
N MSE C 362 -5.40 -49.34 9.02
CA MSE C 362 -6.22 -49.19 7.83
C MSE C 362 -5.93 -50.31 6.87
O MSE C 362 -4.76 -50.50 6.52
CB MSE C 362 -5.92 -47.87 7.15
CG MSE C 362 -6.95 -47.61 6.06
SE MSE C 362 -6.52 -45.96 5.09
CE MSE C 362 -6.66 -44.67 6.58
N PRO C 363 -6.93 -51.07 6.41
CA PRO C 363 -6.66 -52.09 5.39
C PRO C 363 -6.08 -51.48 4.09
N PRO C 364 -5.20 -52.22 3.35
CA PRO C 364 -4.69 -51.65 2.09
C PRO C 364 -5.77 -51.58 0.99
N PRO C 365 -5.48 -50.94 -0.16
CA PRO C 365 -6.47 -51.00 -1.24
C PRO C 365 -6.22 -52.22 -2.15
N LEU D 4 -22.82 38.28 -22.46
CA LEU D 4 -21.95 37.34 -21.63
C LEU D 4 -22.85 36.43 -20.74
N PRO D 5 -23.10 35.16 -21.15
CA PRO D 5 -23.93 34.32 -20.31
C PRO D 5 -23.23 33.96 -18.98
N PRO D 6 -23.98 33.48 -17.97
CA PRO D 6 -23.31 33.06 -16.74
C PRO D 6 -22.33 31.92 -17.02
N GLY D 7 -21.18 31.94 -16.36
CA GLY D 7 -20.14 30.93 -16.53
C GLY D 7 -19.23 31.19 -17.73
N ARG D 8 -19.47 32.30 -18.43
CA ARG D 8 -18.56 32.78 -19.47
C ARG D 8 -17.73 33.93 -18.97
N LEU D 9 -16.48 33.96 -19.39
CA LEU D 9 -15.49 34.90 -18.87
C LEU D 9 -15.16 36.06 -19.82
N ALA D 10 -15.25 35.81 -21.12
CA ALA D 10 -15.07 36.84 -22.15
C ALA D 10 -15.86 36.47 -23.40
N THR D 11 -16.12 37.44 -24.25
CA THR D 11 -16.90 37.18 -25.45
C THR D 11 -16.05 36.47 -26.51
N THR D 12 -16.74 35.75 -27.38
CA THR D 12 -16.13 35.15 -28.54
C THR D 12 -15.45 36.22 -29.38
N GLU D 13 -16.12 37.36 -29.56
CA GLU D 13 -15.53 38.50 -30.27
C GLU D 13 -14.16 38.87 -29.67
N ASP D 14 -14.07 38.93 -28.32
CA ASP D 14 -12.81 39.22 -27.64
C ASP D 14 -11.73 38.16 -27.92
N TYR D 15 -12.08 36.89 -27.91
CA TYR D 15 -11.07 35.83 -28.16
C TYR D 15 -10.52 35.97 -29.56
N PHE D 16 -11.43 36.14 -30.51
CA PHE D 16 -11.02 36.25 -31.93
C PHE D 16 -10.25 37.52 -32.22
N ALA D 17 -10.47 38.55 -31.42
CA ALA D 17 -9.73 39.81 -31.60
C ALA D 17 -8.31 39.87 -30.97
N GLN D 18 -7.91 38.87 -30.19
CA GLN D 18 -6.68 38.98 -29.39
C GLN D 18 -5.46 39.33 -30.23
N GLN D 19 -5.34 38.65 -31.36
CA GLN D 19 -4.18 38.83 -32.21
C GLN D 19 -4.08 40.26 -32.76
N ALA D 20 -5.22 40.78 -33.17
CA ALA D 20 -5.31 42.15 -33.65
C ALA D 20 -5.09 43.20 -32.55
N LYS D 21 -5.58 42.93 -31.33
CA LYS D 21 -5.34 43.82 -30.19
C LYS D 21 -3.93 43.64 -29.61
N GLN D 22 -3.17 42.65 -30.09
CA GLN D 22 -1.88 42.24 -29.51
C GLN D 22 -1.88 42.02 -27.99
N ALA D 23 -2.95 41.41 -27.49
CA ALA D 23 -3.12 41.18 -26.08
C ALA D 23 -4.03 39.98 -25.86
N VAL D 24 -3.68 39.14 -24.90
CA VAL D 24 -4.60 38.07 -24.49
C VAL D 24 -5.69 38.69 -23.63
N THR D 25 -6.79 37.96 -23.46
CA THR D 25 -7.90 38.37 -22.61
C THR D 25 -7.49 38.18 -21.15
N PRO D 26 -8.13 38.87 -20.21
CA PRO D 26 -7.81 38.63 -18.79
C PRO D 26 -7.95 37.17 -18.31
N ASP D 27 -8.87 36.41 -18.91
CA ASP D 27 -9.06 35.01 -18.49
C ASP D 27 -7.97 34.10 -19.04
N VAL D 28 -7.45 34.44 -20.22
CA VAL D 28 -6.29 33.76 -20.75
C VAL D 28 -5.07 34.07 -19.90
N MSE D 29 -4.90 35.31 -19.48
CA MSE D 29 -3.84 35.68 -18.55
C MSE D 29 -3.96 34.87 -17.28
O MSE D 29 -2.98 34.31 -16.77
CB MSE D 29 -3.88 37.21 -18.30
CG MSE D 29 -2.76 37.82 -17.44
SE MSE D 29 -0.99 37.55 -18.28
CE MSE D 29 -1.04 39.22 -19.41
N ALA D 30 -5.18 34.75 -16.78
CA ALA D 30 -5.43 33.97 -15.56
C ALA D 30 -5.13 32.48 -15.72
N GLN D 31 -5.35 31.95 -16.91
CA GLN D 31 -4.94 30.56 -17.22
C GLN D 31 -3.42 30.44 -17.24
N LEU D 32 -2.73 31.43 -17.80
CA LEU D 32 -1.26 31.42 -17.80
C LEU D 32 -0.70 31.48 -16.38
N ALA D 33 -1.45 32.11 -15.49
CA ALA D 33 -1.12 32.16 -14.08
C ALA D 33 -1.28 30.80 -13.42
N TYR D 34 -2.40 30.15 -13.64
CA TYR D 34 -2.52 28.77 -13.17
C TYR D 34 -1.31 27.96 -13.62
N MSE D 35 -0.92 28.13 -14.89
CA MSE D 35 0.18 27.38 -15.49
C MSE D 35 1.53 27.69 -14.88
O MSE D 35 2.38 26.80 -14.84
CB MSE D 35 0.23 27.58 -17.02
CG MSE D 35 -0.95 26.90 -17.68
SE MSE D 35 -1.25 27.51 -19.53
CE MSE D 35 0.32 26.66 -20.39
N ASN D 36 1.73 28.92 -14.40
CA ASN D 36 3.05 29.44 -14.03
C ASN D 36 3.26 29.95 -12.63
N TYR D 37 2.19 30.24 -11.89
CA TYR D 37 2.33 31.11 -10.70
C TYR D 37 2.86 30.42 -9.44
N ILE D 38 2.16 29.42 -8.98
CA ILE D 38 2.41 28.87 -7.64
C ILE D 38 3.62 27.95 -7.62
N ASP D 39 4.49 28.15 -6.61
CA ASP D 39 5.66 27.30 -6.40
C ASP D 39 5.27 25.83 -6.27
N PHE D 40 6.03 24.98 -6.96
CA PHE D 40 6.00 23.49 -6.88
C PHE D 40 4.86 22.80 -7.61
N ILE D 41 3.65 23.33 -7.44
CA ILE D 41 2.45 22.70 -7.95
C ILE D 41 1.97 23.21 -9.30
N SER D 42 2.47 24.35 -9.79
CA SER D 42 2.05 24.81 -11.10
C SER D 42 2.73 23.89 -12.14
N PRO D 43 2.04 23.63 -13.27
CA PRO D 43 2.62 22.69 -14.22
C PRO D 43 3.93 23.12 -14.85
N PHE D 44 4.12 24.42 -15.06
CA PHE D 44 5.32 24.92 -15.74
C PHE D 44 6.25 25.64 -14.78
N TYR D 45 6.28 25.16 -13.54
CA TYR D 45 7.20 25.67 -12.57
C TYR D 45 8.67 25.29 -12.81
N SER D 46 8.90 24.03 -13.20
CA SER D 46 10.25 23.43 -13.18
C SER D 46 10.54 22.54 -14.41
N ARG D 47 11.79 22.53 -14.89
CA ARG D 47 12.17 21.58 -15.95
C ARG D 47 12.37 20.15 -15.43
N GLY D 48 12.38 19.96 -14.12
CA GLY D 48 12.61 18.66 -13.56
C GLY D 48 11.48 17.68 -13.85
N CYS D 49 11.74 16.41 -13.61
CA CYS D 49 10.76 15.36 -13.76
C CYS D 49 9.86 15.27 -12.51
N SER D 50 9.09 16.32 -12.28
CA SER D 50 8.06 16.39 -11.24
C SER D 50 6.73 16.65 -11.94
N PHE D 51 5.69 16.00 -11.46
CA PHE D 51 4.40 16.08 -12.12
C PHE D 51 3.26 16.41 -11.14
N GLU D 52 3.53 17.23 -10.12
CA GLU D 52 2.54 17.54 -9.10
C GLU D 52 1.24 18.05 -9.71
N ALA D 53 1.34 18.95 -10.68
CA ALA D 53 0.15 19.56 -11.25
C ALA D 53 -0.77 18.52 -11.81
N TRP D 54 -0.17 17.51 -12.42
CA TRP D 54 -0.90 16.43 -13.04
C TRP D 54 -1.45 15.39 -12.01
N GLU D 55 -0.70 15.11 -10.96
CA GLU D 55 -1.19 14.36 -9.82
C GLU D 55 -2.42 15.03 -9.15
N LEU D 56 -2.35 16.34 -8.92
CA LEU D 56 -3.48 17.08 -8.34
C LEU D 56 -4.74 17.08 -9.19
N LYS D 57 -4.58 17.24 -10.51
CA LYS D 57 -5.70 17.11 -11.49
C LYS D 57 -6.14 15.67 -11.75
N HIS D 58 -5.42 14.67 -11.24
CA HIS D 58 -5.75 13.24 -11.50
C HIS D 58 -5.62 12.85 -12.98
N THR D 59 -4.68 13.46 -13.70
CA THR D 59 -4.44 13.11 -15.08
C THR D 59 -3.91 11.67 -15.14
N PRO D 60 -4.55 10.79 -15.93
CA PRO D 60 -4.02 9.42 -16.09
C PRO D 60 -2.68 9.46 -16.76
N GLN D 61 -1.78 8.52 -16.50
CA GLN D 61 -0.42 8.69 -17.03
C GLN D 61 -0.37 8.70 -18.54
N ARG D 62 -1.23 7.93 -19.17
CA ARG D 62 -1.24 7.86 -20.63
C ARG D 62 -1.65 9.16 -21.31
N VAL D 63 -2.27 10.06 -20.56
CA VAL D 63 -2.78 11.33 -21.08
C VAL D 63 -1.78 12.49 -20.89
N ILE D 64 -0.80 12.31 -20.00
CA ILE D 64 0.13 13.40 -19.69
C ILE D 64 0.84 13.94 -20.94
N LYS D 65 1.30 13.05 -21.82
CA LYS D 65 1.97 13.46 -23.06
C LYS D 65 1.08 14.39 -23.91
N TYR D 66 -0.23 14.09 -23.96
CA TYR D 66 -1.18 14.94 -24.66
C TYR D 66 -1.46 16.25 -23.92
N SER D 67 -1.50 16.22 -22.59
CA SER D 67 -1.67 17.45 -21.82
C SER D 67 -0.56 18.45 -22.11
N ILE D 68 0.67 17.94 -22.05
CA ILE D 68 1.85 18.76 -22.30
C ILE D 68 1.84 19.32 -23.73
N ALA D 69 1.59 18.45 -24.69
CA ALA D 69 1.51 18.87 -26.08
C ALA D 69 0.47 19.96 -26.31
N PHE D 70 -0.74 19.77 -25.83
CA PHE D 70 -1.81 20.72 -26.12
C PHE D 70 -1.57 22.04 -25.41
N TYR D 71 -1.02 22.02 -24.21
CA TYR D 71 -0.52 23.26 -23.58
C TYR D 71 0.50 23.96 -24.48
N ALA D 72 1.46 23.19 -25.00
CA ALA D 72 2.53 23.72 -25.87
C ALA D 72 1.97 24.38 -27.14
N TYR D 73 0.97 23.75 -27.76
CA TYR D 73 0.34 24.34 -28.94
C TYR D 73 -0.37 25.66 -28.64
N GLY D 74 -1.00 25.74 -27.47
CA GLY D 74 -1.58 27.00 -27.01
C GLY D 74 -0.51 28.05 -26.75
N LEU D 75 0.58 27.64 -26.10
CA LEU D 75 1.68 28.57 -25.84
C LEU D 75 2.28 29.16 -27.12
N ALA D 76 2.38 28.36 -28.17
CA ALA D 76 2.87 28.85 -29.45
C ALA D 76 1.98 29.96 -30.00
N SER D 77 0.67 29.83 -29.87
CA SER D 77 -0.24 30.93 -30.24
C SER D 77 -0.17 32.15 -29.31
N VAL D 78 0.07 31.95 -28.02
CA VAL D 78 0.27 33.06 -27.08
C VAL D 78 1.45 33.91 -27.56
N ALA D 79 2.52 33.23 -28.00
CA ALA D 79 3.71 33.94 -28.52
C ALA D 79 3.39 34.85 -29.73
N LEU D 80 2.53 34.37 -30.62
CA LEU D 80 2.13 35.10 -31.80
C LEU D 80 1.20 36.26 -31.45
N ILE D 81 0.30 36.05 -30.50
CA ILE D 81 -0.67 37.06 -30.06
C ILE D 81 -0.05 38.30 -29.45
N ASP D 82 0.82 38.12 -28.45
CA ASP D 82 1.34 39.21 -27.65
C ASP D 82 2.85 39.11 -27.57
N PRO D 83 3.56 39.94 -28.32
CA PRO D 83 5.03 39.96 -28.20
C PRO D 83 5.58 40.11 -26.77
N LYS D 84 4.89 40.86 -25.91
CA LYS D 84 5.30 41.02 -24.49
C LYS D 84 5.29 39.67 -23.74
N LEU D 85 4.48 38.70 -24.18
CA LEU D 85 4.45 37.35 -23.58
C LEU D 85 5.28 36.26 -24.31
N ARG D 86 5.94 36.63 -25.39
CA ARG D 86 6.64 35.64 -26.21
C ARG D 86 7.79 34.96 -25.43
N ALA D 87 8.53 35.72 -24.61
CA ALA D 87 9.65 35.13 -23.87
C ALA D 87 9.14 34.12 -22.82
N LEU D 88 8.09 34.52 -22.09
CA LEU D 88 7.37 33.60 -21.20
C LEU D 88 6.88 32.32 -21.90
N ALA D 89 6.22 32.46 -23.04
CA ALA D 89 5.78 31.31 -23.82
C ALA D 89 6.94 30.39 -24.21
N GLY D 90 8.05 31.01 -24.61
CA GLY D 90 9.23 30.27 -24.94
C GLY D 90 9.80 29.53 -23.75
N HIS D 91 9.83 30.19 -22.61
CA HIS D 91 10.26 29.54 -21.36
C HIS D 91 9.37 28.32 -21.05
N ASP D 92 8.05 28.51 -21.09
CA ASP D 92 7.13 27.40 -20.84
C ASP D 92 7.32 26.25 -21.81
N LEU D 93 7.58 26.56 -23.09
CA LEU D 93 7.84 25.52 -24.12
C LEU D 93 9.13 24.72 -23.82
N ASP D 94 10.12 25.41 -23.28
CA ASP D 94 11.36 24.78 -22.90
C ASP D 94 11.10 23.74 -21.82
N ILE D 95 10.37 24.16 -20.80
CA ILE D 95 9.93 23.25 -19.76
C ILE D 95 9.06 22.12 -20.34
N ALA D 96 8.15 22.45 -21.24
CA ALA D 96 7.29 21.43 -21.86
C ALA D 96 8.11 20.33 -22.49
N VAL D 97 9.08 20.73 -23.30
CA VAL D 97 9.96 19.77 -24.00
C VAL D 97 10.73 18.95 -22.98
N SER D 98 11.27 19.62 -21.98
CA SER D 98 12.03 18.95 -20.95
C SER D 98 11.19 17.92 -20.18
N LYS D 99 10.00 18.30 -19.75
CA LYS D 99 9.09 17.35 -19.10
C LYS D 99 8.67 16.19 -19.99
N MSE D 100 8.47 16.48 -21.28
CA MSE D 100 8.07 15.47 -22.27
C MSE D 100 9.06 14.34 -22.37
O MSE D 100 8.69 13.21 -22.65
CB MSE D 100 7.91 16.12 -23.62
CG MSE D 100 7.23 15.27 -24.68
SE MSE D 100 5.29 15.29 -24.38
CE MSE D 100 4.73 14.67 -26.17
N LYS D 101 10.31 14.63 -22.05
CA LYS D 101 11.35 13.62 -22.10
C LYS D 101 11.48 12.75 -20.83
N CYS D 102 10.76 13.08 -19.77
CA CYS D 102 10.79 12.28 -18.54
C CYS D 102 10.08 10.91 -18.72
N LYS D 103 10.57 9.89 -18.03
CA LYS D 103 10.04 8.53 -18.14
C LYS D 103 8.57 8.44 -17.69
N ARG D 104 8.15 9.27 -16.75
CA ARG D 104 6.76 9.30 -16.33
C ARG D 104 5.84 9.54 -17.54
N VAL D 105 6.29 10.35 -18.50
CA VAL D 105 5.49 10.69 -19.68
C VAL D 105 5.50 9.61 -20.76
N TRP D 106 6.69 9.09 -21.08
CA TRP D 106 6.81 8.12 -22.18
C TRP D 106 6.78 6.64 -21.75
N GLY D 107 6.93 6.38 -20.44
CA GLY D 107 7.19 5.06 -19.92
C GLY D 107 6.18 3.97 -20.20
N ASP D 108 4.95 4.33 -20.56
CA ASP D 108 3.97 3.32 -21.00
C ASP D 108 4.51 2.40 -22.10
N TRP D 109 5.33 2.95 -22.96
CA TRP D 109 5.99 2.22 -24.05
C TRP D 109 6.75 1.02 -23.51
N GLU D 110 7.47 1.24 -22.42
CA GLU D 110 8.20 0.16 -21.75
C GLU D 110 7.30 -0.73 -20.90
N GLU D 111 6.43 -0.15 -20.06
CA GLU D 111 5.51 -0.92 -19.20
C GLU D 111 4.70 -1.89 -20.10
N ASP D 112 4.32 -1.48 -21.32
CA ASP D 112 3.53 -2.32 -22.25
C ASP D 112 4.33 -3.40 -22.99
N GLY D 113 5.65 -3.38 -22.81
CA GLY D 113 6.53 -4.36 -23.42
C GLY D 113 6.96 -4.05 -24.85
N PHE D 114 6.67 -2.85 -25.36
CA PHE D 114 7.06 -2.49 -26.71
C PHE D 114 8.54 -2.18 -26.88
N GLY D 115 9.23 -1.74 -25.83
CA GLY D 115 10.64 -1.32 -25.96
C GLY D 115 11.14 -0.42 -24.84
N THR D 116 12.43 -0.10 -24.85
CA THR D 116 13.04 0.69 -23.75
C THR D 116 13.39 2.13 -24.13
N ASP D 117 13.35 2.43 -25.42
CA ASP D 117 13.62 3.76 -25.95
C ASP D 117 12.33 4.24 -26.68
N PRO D 118 11.69 5.35 -26.21
CA PRO D 118 10.46 5.84 -26.83
C PRO D 118 10.58 6.42 -28.26
N ILE D 119 11.80 6.72 -28.69
CA ILE D 119 12.13 7.23 -30.03
C ILE D 119 12.19 6.06 -31.04
N GLU D 120 12.18 4.81 -30.57
CA GLU D 120 12.20 3.62 -31.43
C GLU D 120 11.08 3.66 -32.47
N LYS D 121 11.18 2.81 -33.48
CA LYS D 121 10.11 2.74 -34.48
C LYS D 121 8.69 2.63 -33.89
N GLU D 122 7.79 3.34 -34.55
CA GLU D 122 6.36 3.12 -34.45
C GLU D 122 5.66 3.60 -33.17
N ASN D 123 6.29 4.52 -32.44
CA ASN D 123 5.67 5.14 -31.27
C ASN D 123 5.34 6.60 -31.58
N ILE D 124 4.59 6.82 -32.64
CA ILE D 124 4.39 8.16 -33.15
C ILE D 124 3.42 8.98 -32.29
N MSE D 125 2.65 8.30 -31.47
CA MSE D 125 1.86 8.92 -30.41
C MSE D 125 2.67 9.86 -29.57
O MSE D 125 2.21 10.94 -29.20
CB MSE D 125 1.51 7.66 -29.54
CG MSE D 125 0.23 7.78 -28.75
SE MSE D 125 0.21 6.26 -27.45
CE MSE D 125 -1.12 5.22 -28.46
N TYR D 126 3.87 9.41 -29.21
CA TYR D 126 4.75 10.18 -28.40
C TYR D 126 5.57 11.06 -29.31
N LYS D 127 6.19 10.46 -30.30
CA LYS D 127 7.25 11.19 -31.00
C LYS D 127 6.79 12.17 -32.05
N GLY D 128 5.57 12.02 -32.56
CA GLY D 128 4.93 13.07 -33.35
C GLY D 128 4.82 14.38 -32.55
N HIS D 129 4.22 14.32 -31.37
CA HIS D 129 4.01 15.51 -30.53
C HIS D 129 5.35 16.12 -30.11
N LEU D 130 6.31 15.26 -29.74
CA LEU D 130 7.60 15.74 -29.30
C LEU D 130 8.27 16.50 -30.42
N ASN D 131 8.21 15.96 -31.63
CA ASN D 131 8.85 16.60 -32.78
C ASN D 131 8.23 17.92 -33.12
N LEU D 132 6.91 17.99 -33.05
CA LEU D 132 6.18 19.23 -33.29
C LEU D 132 6.54 20.28 -32.23
N MSE D 133 6.65 19.83 -30.97
CA MSE D 133 7.04 20.71 -29.86
C MSE D 133 8.47 21.22 -30.01
O MSE D 133 8.70 22.41 -29.80
CB MSE D 133 6.94 20.01 -28.50
CG MSE D 133 5.49 19.81 -28.11
SE MSE D 133 5.33 18.39 -26.74
CE MSE D 133 6.50 19.32 -25.44
N TYR D 134 9.41 20.35 -30.41
CA TYR D 134 10.78 20.79 -30.70
C TYR D 134 10.77 21.96 -31.69
N GLY D 135 10.03 21.79 -32.78
CA GLY D 135 9.91 22.80 -33.80
C GLY D 135 9.25 24.10 -33.34
N LEU D 136 8.15 23.99 -32.61
CA LEU D 136 7.48 25.18 -32.11
C LEU D 136 8.34 25.94 -31.10
N TYR D 137 9.07 25.22 -30.26
CA TYR D 137 10.01 25.86 -29.34
C TYR D 137 11.03 26.73 -30.06
N GLN D 138 11.59 26.18 -31.13
CA GLN D 138 12.58 26.89 -31.90
C GLN D 138 12.00 28.07 -32.65
N LEU D 139 10.80 27.90 -33.24
CA LEU D 139 10.13 29.01 -33.91
C LEU D 139 9.83 30.17 -32.97
N VAL D 140 9.44 29.85 -31.74
CA VAL D 140 9.09 30.86 -30.76
C VAL D 140 10.34 31.56 -30.22
N THR D 141 11.41 30.82 -29.93
CA THR D 141 12.57 31.39 -29.23
C THR D 141 13.79 31.71 -30.08
N GLY D 142 13.98 31.02 -31.20
CA GLY D 142 15.25 31.06 -31.91
C GLY D 142 16.35 30.19 -31.32
N SER D 143 16.12 29.56 -30.17
CA SER D 143 17.13 28.74 -29.49
C SER D 143 17.37 27.43 -30.24
N ARG D 144 18.64 27.04 -30.31
CA ARG D 144 19.04 25.81 -31.01
C ARG D 144 19.34 24.70 -30.03
N ARG D 145 18.99 24.92 -28.78
CA ARG D 145 19.10 23.95 -27.69
C ARG D 145 18.70 22.52 -28.04
N TYR D 146 17.58 22.33 -28.77
CA TYR D 146 17.08 21.02 -29.13
C TYR D 146 17.28 20.66 -30.60
N GLU D 147 18.03 21.48 -31.34
CA GLU D 147 18.15 21.37 -32.81
C GLU D 147 18.74 20.03 -33.28
N ALA D 148 19.72 19.52 -32.54
CA ALA D 148 20.28 18.21 -32.88
C ALA D 148 19.21 17.10 -32.76
N GLU D 149 18.55 17.03 -31.61
CA GLU D 149 17.47 16.08 -31.36
C GLU D 149 16.32 16.21 -32.37
N HIS D 150 15.97 17.46 -32.67
CA HIS D 150 14.91 17.78 -33.65
C HIS D 150 15.24 17.22 -35.03
N ALA D 151 16.48 17.43 -35.45
CA ALA D 151 16.96 16.92 -36.74
C ALA D 151 16.98 15.40 -36.81
N HIS D 152 17.43 14.77 -35.73
CA HIS D 152 17.43 13.34 -35.63
C HIS D 152 16.01 12.76 -35.71
N LEU D 153 15.09 13.34 -34.92
CA LEU D 153 13.72 12.80 -34.82
C LEU D 153 12.96 13.01 -36.11
N THR D 154 13.17 14.17 -36.72
CA THR D 154 12.60 14.46 -38.02
C THR D 154 13.06 13.42 -39.05
N ARG D 155 14.37 13.11 -39.07
CA ARG D 155 14.93 12.17 -40.04
C ARG D 155 14.26 10.82 -39.81
N ILE D 156 14.25 10.35 -38.55
CA ILE D 156 13.60 9.08 -38.19
C ILE D 156 12.13 8.96 -38.68
N ILE D 157 11.34 9.99 -38.41
CA ILE D 157 9.95 10.02 -38.80
C ILE D 157 9.82 9.91 -40.33
N HIS D 158 10.55 10.76 -41.03
CA HIS D 158 10.62 10.72 -42.49
C HIS D 158 10.98 9.30 -43.00
N ASP D 159 11.99 8.67 -42.39
CA ASP D 159 12.42 7.33 -42.82
C ASP D 159 11.32 6.27 -42.64
N GLU D 160 10.58 6.34 -41.53
CA GLU D 160 9.44 5.44 -41.34
C GLU D 160 8.36 5.65 -42.40
N ILE D 161 8.11 6.90 -42.79
CA ILE D 161 7.11 7.17 -43.82
C ILE D 161 7.56 6.55 -45.15
N ALA D 162 8.81 6.85 -45.53
CA ALA D 162 9.41 6.31 -46.76
C ALA D 162 9.35 4.79 -46.84
N ALA D 163 9.55 4.13 -45.72
CA ALA D 163 9.61 2.65 -45.68
C ALA D 163 8.24 1.93 -45.70
N ASN D 164 7.13 2.63 -45.53
CA ASN D 164 5.83 1.97 -45.36
C ASN D 164 5.05 1.90 -46.68
N PRO D 165 4.44 0.74 -46.97
CA PRO D 165 3.64 0.57 -48.22
C PRO D 165 2.40 1.45 -48.27
N PHE D 166 1.79 1.64 -47.11
CA PHE D 166 0.73 2.66 -46.89
C PHE D 166 1.40 4.05 -46.65
N ALA D 167 0.65 5.11 -46.89
CA ALA D 167 1.12 6.47 -46.65
C ALA D 167 0.91 6.85 -45.16
N GLY D 168 1.99 7.10 -44.43
CA GLY D 168 1.94 7.44 -43.04
C GLY D 168 2.70 6.46 -42.15
N ILE D 169 2.40 6.51 -40.84
CA ILE D 169 3.06 5.69 -39.82
C ILE D 169 2.02 5.27 -38.82
N VAL D 170 2.30 4.16 -38.17
CA VAL D 170 1.44 3.68 -37.10
C VAL D 170 1.74 4.45 -35.81
N CYS D 171 0.68 4.72 -35.07
CA CYS D 171 0.71 5.42 -33.80
C CYS D 171 1.31 4.56 -32.67
N GLU D 172 1.14 3.26 -32.82
CA GLU D 172 1.74 2.24 -31.97
C GLU D 172 1.59 0.97 -32.82
N PRO D 173 2.15 -0.16 -32.41
CA PRO D 173 2.23 -1.22 -33.44
C PRO D 173 0.88 -1.65 -33.98
N ASP D 174 0.81 -1.68 -35.31
CA ASP D 174 -0.38 -2.04 -36.11
C ASP D 174 -1.66 -1.19 -35.93
N ASN D 175 -1.52 -0.03 -35.31
CA ASN D 175 -2.64 0.85 -35.09
C ASN D 175 -2.31 2.16 -35.78
N TYR D 176 -3.02 2.47 -36.85
CA TYR D 176 -2.88 3.72 -37.56
C TYR D 176 -4.06 4.65 -37.26
N PHE D 177 -3.75 5.87 -36.80
CA PHE D 177 -4.76 6.89 -36.45
C PHE D 177 -4.46 8.14 -37.28
N VAL D 178 -5.45 8.67 -38.01
CA VAL D 178 -5.20 9.89 -38.79
C VAL D 178 -4.78 11.16 -37.98
N GLN D 179 -5.28 11.29 -36.75
CA GLN D 179 -4.91 12.43 -35.86
C GLN D 179 -3.41 12.41 -35.61
N CYS D 180 -2.95 11.21 -35.26
CA CYS D 180 -1.57 10.91 -34.92
C CYS D 180 -0.64 11.32 -36.08
N ASN D 181 -1.01 10.87 -37.27
CA ASN D 181 -0.31 11.21 -38.49
C ASN D 181 -0.31 12.70 -38.74
N SER D 182 -1.47 13.33 -38.59
CA SER D 182 -1.57 14.78 -38.80
C SER D 182 -0.52 15.56 -37.97
N VAL D 183 -0.25 15.11 -36.75
CA VAL D 183 0.73 15.75 -35.91
C VAL D 183 2.10 15.53 -36.52
N ALA D 184 2.40 14.29 -36.91
CA ALA D 184 3.70 13.94 -37.40
C ALA D 184 4.00 14.73 -38.67
N TYR D 185 3.04 14.75 -39.59
CA TYR D 185 3.21 15.50 -40.85
C TYR D 185 3.38 17.00 -40.57
N LEU D 186 2.56 17.56 -39.69
CA LEU D 186 2.69 18.98 -39.33
C LEU D 186 4.09 19.30 -38.77
N SER D 187 4.70 18.35 -38.05
CA SER D 187 6.03 18.54 -37.52
C SER D 187 7.07 18.65 -38.64
N LEU D 188 6.80 18.01 -39.76
CA LEU D 188 7.69 18.09 -40.91
C LEU D 188 7.61 19.48 -41.56
N TRP D 189 6.40 20.04 -41.61
CA TRP D 189 6.22 21.39 -42.13
C TRP D 189 6.97 22.38 -41.28
N VAL D 190 6.94 22.18 -39.96
CA VAL D 190 7.65 23.09 -39.05
C VAL D 190 9.17 22.98 -39.25
N TYR D 191 9.67 21.75 -39.37
CA TYR D 191 11.10 21.58 -39.61
C TYR D 191 11.52 22.28 -40.89
N ASP D 192 10.74 22.08 -41.96
CA ASP D 192 11.00 22.68 -43.27
C ASP D 192 11.05 24.20 -43.20
N ARG D 193 10.15 24.79 -42.43
CA ARG D 193 10.16 26.22 -42.24
C ARG D 193 11.43 26.69 -41.57
N LEU D 194 11.93 25.94 -40.60
CA LEU D 194 13.13 26.37 -39.91
C LEU D 194 14.39 26.19 -40.74
N HIS D 195 14.40 25.24 -41.67
CA HIS D 195 15.64 24.78 -42.28
C HIS D 195 15.66 24.77 -43.83
N GLY D 196 14.60 25.22 -44.49
CA GLY D 196 14.53 25.19 -45.95
C GLY D 196 14.41 23.83 -46.63
N THR D 197 14.23 22.75 -45.85
CA THR D 197 14.14 21.38 -46.38
C THR D 197 12.77 21.12 -47.01
N ASP D 198 12.57 19.91 -47.56
CA ASP D 198 11.31 19.53 -48.20
C ASP D 198 10.83 18.17 -47.70
N TYR D 199 10.93 17.95 -46.38
CA TYR D 199 10.33 16.76 -45.74
C TYR D 199 8.83 16.68 -45.95
N ARG D 200 8.18 17.84 -46.10
CA ARG D 200 6.75 17.91 -46.28
C ARG D 200 6.24 17.40 -47.59
N ALA D 201 7.15 17.06 -48.51
CA ALA D 201 6.77 16.51 -49.82
C ALA D 201 5.86 15.30 -49.70
N ALA D 202 6.07 14.49 -48.65
CA ALA D 202 5.24 13.32 -48.36
C ALA D 202 3.74 13.63 -48.10
N THR D 203 3.41 14.88 -47.78
CA THR D 203 2.06 15.25 -47.40
C THR D 203 1.02 14.92 -48.46
N ARG D 204 1.30 15.16 -49.74
CA ARG D 204 0.30 14.93 -50.78
C ARG D 204 -0.14 13.45 -50.80
N ALA D 205 0.81 12.53 -50.76
CA ALA D 205 0.49 11.10 -50.79
C ALA D 205 -0.36 10.68 -49.60
N TRP D 206 -0.08 11.27 -48.43
CA TRP D 206 -0.81 11.01 -47.19
C TRP D 206 -2.24 11.52 -47.29
N LEU D 207 -2.41 12.75 -47.74
CA LEU D 207 -3.76 13.30 -47.93
C LEU D 207 -4.62 12.58 -48.99
N ASP D 208 -3.99 12.09 -50.06
CA ASP D 208 -4.67 11.20 -51.01
C ASP D 208 -5.12 9.87 -50.36
N PHE D 209 -4.22 9.27 -49.58
CA PHE D 209 -4.49 7.98 -48.91
C PHE D 209 -5.65 8.08 -47.89
N ILE D 210 -5.63 9.10 -47.03
CA ILE D 210 -6.64 9.19 -45.97
C ILE D 210 -8.01 9.50 -46.51
N GLN D 211 -8.05 9.96 -47.75
CA GLN D 211 -9.32 10.16 -48.47
C GLN D 211 -9.91 8.92 -49.14
N LYS D 212 -9.12 7.86 -49.35
CA LYS D 212 -9.64 6.51 -49.74
C LYS D 212 -10.48 5.80 -48.65
N ASP D 213 -10.03 4.68 -48.06
CA ASP D 213 -10.90 3.95 -47.11
C ASP D 213 -11.10 4.67 -45.78
N LEU D 214 -10.16 5.57 -45.40
CA LEU D 214 -10.16 6.20 -44.08
C LEU D 214 -11.24 7.27 -43.82
N ILE D 215 -11.87 7.81 -44.86
CA ILE D 215 -12.92 8.81 -44.67
C ILE D 215 -14.23 8.37 -45.30
N ASP D 216 -15.35 8.83 -44.74
CA ASP D 216 -16.67 8.78 -45.40
C ASP D 216 -16.89 10.18 -45.98
N PRO D 217 -16.74 10.34 -47.31
CA PRO D 217 -16.71 11.70 -47.86
C PRO D 217 -18.06 12.41 -47.80
N GLU D 218 -19.17 11.69 -47.91
CA GLU D 218 -20.48 12.32 -47.77
C GLU D 218 -20.63 12.92 -46.36
N ARG D 219 -20.23 12.17 -45.34
CA ARG D 219 -20.47 12.55 -43.95
C ARG D 219 -19.36 13.50 -43.44
N GLY D 220 -18.26 13.59 -44.18
CA GLY D 220 -17.15 14.45 -43.80
C GLY D 220 -16.43 14.00 -42.53
N ALA D 221 -16.23 12.69 -42.38
CA ALA D 221 -15.82 12.11 -41.13
C ALA D 221 -14.86 10.97 -41.33
N PHE D 222 -13.82 10.92 -40.51
CA PHE D 222 -12.88 9.80 -40.55
C PHE D 222 -13.33 8.63 -39.68
N TYR D 223 -12.98 7.44 -40.13
CA TYR D 223 -13.14 6.25 -39.32
C TYR D 223 -12.08 6.28 -38.21
N LEU D 224 -12.34 5.47 -37.21
CA LEU D 224 -11.66 5.54 -35.93
C LEU D 224 -10.16 5.21 -36.05
N SER D 225 -9.86 4.17 -36.82
CA SER D 225 -8.49 3.72 -37.01
C SER D 225 -8.39 2.77 -38.18
N TYR D 226 -7.15 2.50 -38.58
CA TYR D 226 -6.82 1.61 -39.68
C TYR D 226 -5.74 0.70 -39.15
N HIS D 227 -5.71 -0.55 -39.61
CA HIS D 227 -4.76 -1.57 -39.11
C HIS D 227 -4.13 -2.36 -40.25
N PRO D 228 -2.90 -1.97 -40.65
CA PRO D 228 -2.20 -2.45 -41.85
C PRO D 228 -2.10 -3.95 -41.96
N GLU D 229 -1.68 -4.62 -40.91
CA GLU D 229 -1.50 -6.09 -40.90
C GLU D 229 -2.74 -6.82 -41.45
N SER D 230 -3.93 -6.40 -41.03
CA SER D 230 -5.18 -7.02 -41.43
C SER D 230 -5.94 -6.27 -42.53
N GLY D 231 -5.58 -5.01 -42.77
CA GLY D 231 -6.32 -4.17 -43.69
C GLY D 231 -7.57 -3.54 -43.10
N ALA D 232 -7.85 -3.84 -41.84
CA ALA D 232 -9.14 -3.45 -41.23
C ALA D 232 -9.24 -1.95 -41.01
N VAL D 233 -10.43 -1.42 -41.25
CA VAL D 233 -10.79 -0.10 -40.85
C VAL D 233 -11.94 -0.24 -39.87
N LYS D 234 -11.77 0.23 -38.66
CA LYS D 234 -12.83 0.09 -37.66
C LYS D 234 -14.04 0.81 -38.18
N PRO D 235 -15.19 0.16 -38.12
CA PRO D 235 -16.36 0.65 -38.87
C PRO D 235 -17.15 1.79 -38.22
N TRP D 236 -16.62 2.46 -37.20
CA TRP D 236 -17.28 3.62 -36.63
C TRP D 236 -16.58 4.89 -37.05
N ILE D 237 -17.36 5.92 -37.35
CA ILE D 237 -16.80 7.28 -37.55
C ILE D 237 -16.70 8.00 -36.19
N SER D 238 -15.73 8.90 -36.07
CA SER D 238 -15.38 9.56 -34.79
C SER D 238 -15.27 11.05 -34.98
N ALA D 239 -16.07 11.78 -34.21
CA ALA D 239 -16.07 13.23 -34.24
C ALA D 239 -14.82 13.83 -33.67
N TYR D 240 -14.34 13.33 -32.52
CA TYR D 240 -13.10 13.92 -31.93
C TYR D 240 -11.93 13.70 -32.88
N THR D 241 -11.85 12.49 -33.44
CA THR D 241 -10.81 12.15 -34.40
C THR D 241 -10.82 13.09 -35.59
N THR D 242 -12.02 13.36 -36.10
CA THR D 242 -12.17 14.16 -37.30
C THR D 242 -11.87 15.63 -37.01
N ALA D 243 -12.35 16.13 -35.88
CA ALA D 243 -12.15 17.53 -35.53
C ALA D 243 -10.67 17.88 -35.40
N TRP D 244 -9.94 17.02 -34.68
CA TRP D 244 -8.50 17.19 -34.49
C TRP D 244 -7.80 17.12 -35.85
N THR D 245 -8.10 16.10 -36.64
CA THR D 245 -7.43 15.92 -37.91
C THR D 245 -7.69 17.07 -38.90
N LEU D 246 -8.94 17.47 -39.05
CA LEU D 246 -9.25 18.58 -39.94
C LEU D 246 -8.58 19.86 -39.50
N ALA D 247 -8.45 20.08 -38.20
CA ALA D 247 -7.88 21.32 -37.72
C ALA D 247 -6.42 21.42 -38.13
N MSE D 248 -5.66 20.36 -37.88
CA MSE D 248 -4.26 20.35 -38.26
C MSE D 248 -4.11 20.29 -39.76
O MSE D 248 -3.20 20.94 -40.30
CB MSE D 248 -3.54 19.17 -37.59
CG MSE D 248 -3.39 19.49 -36.11
SE MSE D 248 -2.14 18.26 -35.27
CE MSE D 248 -1.84 19.35 -33.66
N VAL D 249 -4.96 19.54 -40.45
CA VAL D 249 -4.85 19.47 -41.91
C VAL D 249 -5.06 20.84 -42.56
N HIS D 250 -5.94 21.65 -41.98
CA HIS D 250 -6.21 22.99 -42.50
C HIS D 250 -4.96 23.88 -42.56
N GLY D 251 -3.95 23.58 -41.74
CA GLY D 251 -2.69 24.32 -41.80
C GLY D 251 -1.78 23.92 -42.96
N MSE D 252 -2.00 22.73 -43.51
CA MSE D 252 -1.17 22.17 -44.59
C MSE D 252 -1.86 22.28 -45.94
O MSE D 252 -1.20 22.63 -46.92
CB MSE D 252 -0.82 20.72 -44.26
CG MSE D 252 0.05 20.65 -42.99
SE MSE D 252 0.51 18.79 -42.47
CE MSE D 252 -1.17 18.29 -41.58
N ASP D 253 -3.15 21.96 -45.99
CA ASP D 253 -3.97 22.01 -47.19
C ASP D 253 -5.36 22.52 -46.78
N PRO D 254 -5.51 23.83 -46.74
CA PRO D 254 -6.77 24.44 -46.31
C PRO D 254 -8.00 23.96 -47.07
N ALA D 255 -7.84 23.69 -48.36
CA ALA D 255 -8.99 23.31 -49.20
C ALA D 255 -9.59 21.96 -48.77
N PHE D 256 -8.72 21.03 -48.34
CA PHE D 256 -9.12 19.73 -47.78
C PHE D 256 -10.15 19.91 -46.66
N SER D 257 -9.81 20.71 -45.66
CA SER D 257 -10.65 20.87 -44.50
C SER D 257 -11.88 21.68 -44.84
N GLU D 258 -11.75 22.64 -45.76
CA GLU D 258 -12.91 23.45 -46.19
C GLU D 258 -13.94 22.59 -46.90
N ARG D 259 -13.48 21.62 -47.68
CA ARG D 259 -14.37 20.65 -48.34
C ARG D 259 -15.24 19.87 -47.33
N TYR D 260 -14.61 19.36 -46.25
CA TYR D 260 -15.28 18.42 -45.32
C TYR D 260 -15.96 19.07 -44.12
N TYR D 261 -15.52 20.27 -43.75
CA TYR D 261 -16.01 20.90 -42.55
C TYR D 261 -17.54 20.99 -42.49
N PRO D 262 -18.20 21.44 -43.58
CA PRO D 262 -19.66 21.61 -43.44
C PRO D 262 -20.38 20.31 -43.27
N ARG D 263 -19.84 19.25 -43.87
CA ARG D 263 -20.44 17.93 -43.79
C ARG D 263 -20.25 17.32 -42.39
N PHE D 264 -19.03 17.47 -41.86
CA PHE D 264 -18.70 17.20 -40.46
C PHE D 264 -19.72 17.80 -39.50
N LYS D 265 -20.05 19.07 -39.69
CA LYS D 265 -21.02 19.71 -38.81
C LYS D 265 -22.42 19.10 -38.93
N GLN D 266 -22.87 18.79 -40.16
CA GLN D 266 -24.18 18.17 -40.40
C GLN D 266 -24.22 16.81 -39.69
N THR D 267 -23.12 16.08 -39.79
CA THR D 267 -23.03 14.75 -39.25
C THR D 267 -23.05 14.68 -37.71
N PHE D 268 -22.30 15.56 -37.04
CA PHE D 268 -22.01 15.43 -35.60
C PHE D 268 -22.53 16.53 -34.67
N VAL D 269 -22.70 17.75 -35.15
CA VAL D 269 -23.00 18.87 -34.26
C VAL D 269 -24.50 19.04 -34.01
N GLU D 270 -24.90 19.04 -32.75
CA GLU D 270 -26.26 19.35 -32.35
C GLU D 270 -26.31 20.76 -31.75
N VAL D 271 -27.00 21.66 -32.43
CA VAL D 271 -27.28 22.97 -31.89
C VAL D 271 -28.54 22.87 -31.04
N TYR D 272 -28.57 23.53 -29.90
CA TYR D 272 -29.73 23.46 -29.00
C TYR D 272 -29.86 24.77 -28.18
N ASP D 273 -30.85 24.84 -27.31
CA ASP D 273 -31.12 26.05 -26.50
C ASP D 273 -31.32 27.30 -27.37
N GLU D 274 -32.23 27.16 -28.34
CA GLU D 274 -32.59 28.25 -29.24
C GLU D 274 -31.33 28.86 -29.90
N GLY D 275 -30.46 28.00 -30.42
CA GLY D 275 -29.24 28.45 -31.09
C GLY D 275 -28.11 28.98 -30.23
N ARG D 276 -28.30 29.08 -28.91
CA ARG D 276 -27.26 29.61 -28.03
C ARG D 276 -26.13 28.61 -27.69
N LYS D 277 -26.38 27.32 -27.85
CA LYS D 277 -25.43 26.26 -27.47
C LYS D 277 -25.29 25.20 -28.53
N ALA D 278 -24.19 24.44 -28.42
CA ALA D 278 -23.97 23.27 -29.24
C ALA D 278 -23.18 22.20 -28.49
N ARG D 279 -23.39 20.95 -28.88
CA ARG D 279 -22.64 19.82 -28.37
C ARG D 279 -22.49 18.83 -29.48
N VAL D 280 -21.46 18.01 -29.39
CA VAL D 280 -21.04 17.17 -30.53
C VAL D 280 -21.18 15.68 -30.20
N ARG D 281 -21.85 14.94 -31.06
CA ARG D 281 -21.92 13.48 -30.99
C ARG D 281 -20.61 12.90 -31.43
N GLU D 282 -20.17 11.86 -30.73
CA GLU D 282 -18.87 11.27 -30.96
C GLU D 282 -18.91 10.31 -32.13
N THR D 283 -20.04 9.68 -32.39
CA THR D 283 -20.15 8.77 -33.52
C THR D 283 -21.55 8.82 -34.13
N ALA D 284 -21.73 8.03 -35.18
CA ALA D 284 -23.02 7.88 -35.83
C ALA D 284 -23.92 6.91 -35.09
N GLY D 285 -25.22 7.08 -35.30
CA GLY D 285 -26.21 6.14 -34.78
C GLY D 285 -26.45 6.30 -33.31
N THR D 286 -26.38 7.54 -32.82
CA THR D 286 -26.67 7.83 -31.42
C THR D 286 -27.12 9.27 -31.34
N ASP D 287 -27.89 9.61 -30.31
CA ASP D 287 -28.20 11.01 -29.98
C ASP D 287 -27.31 11.52 -28.84
N ASP D 288 -26.53 10.64 -28.23
CA ASP D 288 -25.72 11.02 -27.08
C ASP D 288 -24.56 11.93 -27.54
N ALA D 289 -24.29 12.96 -26.76
CA ALA D 289 -23.16 13.81 -27.03
C ALA D 289 -21.95 13.36 -26.21
N ASP D 290 -20.76 13.59 -26.77
CA ASP D 290 -19.49 13.43 -26.05
C ASP D 290 -19.31 12.07 -25.42
N GLY D 291 -19.73 11.03 -26.15
CA GLY D 291 -19.36 9.67 -25.80
C GLY D 291 -17.91 9.36 -26.09
N GLY D 292 -17.56 8.09 -25.97
CA GLY D 292 -16.21 7.65 -26.21
C GLY D 292 -15.24 8.26 -25.21
N VAL D 293 -14.15 8.86 -25.70
CA VAL D 293 -13.20 9.56 -24.81
C VAL D 293 -13.76 10.84 -24.19
N GLY D 294 -14.89 11.34 -24.70
CA GLY D 294 -15.56 12.52 -24.15
C GLY D 294 -15.01 13.87 -24.63
N LEU D 295 -14.28 13.86 -25.76
CA LEU D 295 -13.57 15.05 -26.26
C LEU D 295 -14.09 15.62 -27.58
N ALA D 296 -15.22 15.12 -28.07
CA ALA D 296 -15.73 15.60 -29.35
C ALA D 296 -16.00 17.13 -29.34
N SER D 297 -16.71 17.60 -28.33
CA SER D 297 -17.04 19.00 -28.24
C SER D 297 -15.80 19.89 -28.10
N ALA D 298 -14.89 19.49 -27.22
CA ALA D 298 -13.64 20.24 -27.01
C ALA D 298 -12.76 20.32 -28.27
N PHE D 299 -12.58 19.21 -28.98
CA PHE D 299 -11.80 19.26 -30.25
C PHE D 299 -12.55 20.02 -31.36
N THR D 300 -13.87 19.93 -31.38
CA THR D 300 -14.67 20.75 -32.29
C THR D 300 -14.56 22.26 -31.97
N LEU D 301 -14.42 22.61 -30.70
CA LEU D 301 -14.15 24.00 -30.34
C LEU D 301 -12.85 24.47 -30.99
N LEU D 302 -11.79 23.66 -30.91
CA LEU D 302 -10.53 23.98 -31.58
C LEU D 302 -10.73 24.11 -33.07
N LEU D 303 -11.47 23.18 -33.65
CA LEU D 303 -11.72 23.20 -35.08
C LEU D 303 -12.47 24.46 -35.53
N ALA D 304 -13.55 24.79 -34.85
CA ALA D 304 -14.25 26.04 -35.11
C ALA D 304 -13.33 27.23 -35.09
N ARG D 305 -12.42 27.27 -34.13
CA ARG D 305 -11.45 28.36 -34.07
C ARG D 305 -10.54 28.33 -35.30
N GLU D 306 -10.04 27.14 -35.65
CA GLU D 306 -9.19 26.98 -36.83
C GLU D 306 -9.88 27.40 -38.12
N MSE D 307 -11.19 27.14 -38.24
CA MSE D 307 -11.95 27.52 -39.43
C MSE D 307 -12.57 28.91 -39.37
O MSE D 307 -13.35 29.26 -40.26
CB MSE D 307 -13.09 26.53 -39.69
CG MSE D 307 -12.73 25.05 -39.74
SE MSE D 307 -11.26 24.67 -41.00
CE MSE D 307 -12.37 24.88 -42.62
N GLY D 308 -12.29 29.74 -38.36
CA GLY D 308 -12.94 31.04 -38.24
C GLY D 308 -14.46 31.03 -38.02
N ASP D 309 -15.02 29.91 -37.53
CA ASP D 309 -16.47 29.75 -37.32
C ASP D 309 -16.83 30.28 -35.93
N GLN D 310 -17.02 31.59 -35.84
CA GLN D 310 -17.32 32.23 -34.56
C GLN D 310 -18.61 31.80 -33.93
N GLN D 311 -19.63 31.53 -34.75
CA GLN D 311 -20.91 31.14 -34.23
C GLN D 311 -20.80 29.79 -33.50
N LEU D 312 -20.18 28.82 -34.15
CA LEU D 312 -20.07 27.47 -33.56
C LEU D 312 -19.14 27.49 -32.33
N PHE D 313 -18.06 28.26 -32.40
CA PHE D 313 -17.19 28.45 -31.25
C PHE D 313 -18.01 28.92 -30.04
N ASP D 314 -18.81 29.97 -30.22
CA ASP D 314 -19.61 30.57 -29.13
C ASP D 314 -20.58 29.56 -28.57
N GLN D 315 -21.19 28.79 -29.47
CA GLN D 315 -22.18 27.78 -29.07
C GLN D 315 -21.56 26.67 -28.24
N LEU D 316 -20.44 26.15 -28.70
CA LEU D 316 -19.72 25.12 -28.00
C LEU D 316 -19.19 25.56 -26.64
N LEU D 317 -18.63 26.75 -26.59
CA LEU D 317 -18.11 27.26 -25.35
C LEU D 317 -19.23 27.55 -24.37
N ASN D 318 -20.42 27.93 -24.84
CA ASN D 318 -21.58 28.10 -23.94
C ASN D 318 -22.04 26.79 -23.32
N HIS D 319 -21.77 25.69 -24.02
CA HIS D 319 -22.06 24.37 -23.51
C HIS D 319 -20.94 23.88 -22.57
N LEU D 320 -19.69 24.06 -22.98
CA LEU D 320 -18.56 23.52 -22.24
C LEU D 320 -18.20 24.27 -20.95
N GLU D 321 -18.15 25.59 -20.98
CA GLU D 321 -17.52 26.34 -19.89
C GLU D 321 -18.39 26.55 -18.64
N PRO D 322 -19.62 27.02 -18.81
CA PRO D 322 -20.39 27.30 -17.59
C PRO D 322 -20.60 26.14 -16.59
N PRO D 323 -20.92 24.92 -17.05
CA PRO D 323 -21.06 23.81 -16.11
C PRO D 323 -19.76 23.45 -15.40
N ALA D 324 -18.62 23.79 -16.01
CA ALA D 324 -17.33 23.56 -15.35
C ALA D 324 -17.02 24.52 -14.19
N LYS D 325 -17.83 25.58 -14.05
CA LYS D 325 -17.81 26.47 -12.90
C LYS D 325 -16.40 27.10 -12.78
N PRO D 326 -16.04 27.99 -13.76
CA PRO D 326 -14.77 28.69 -13.64
C PRO D 326 -14.82 29.63 -12.47
N SER D 327 -13.69 29.82 -11.79
CA SER D 327 -13.50 30.98 -10.93
C SER D 327 -12.08 31.53 -11.06
N ILE D 328 -11.93 32.82 -10.81
CA ILE D 328 -10.67 33.47 -10.84
C ILE D 328 -10.39 33.91 -9.42
N VAL D 329 -9.41 33.28 -8.80
CA VAL D 329 -9.01 33.57 -7.41
C VAL D 329 -7.55 33.98 -7.46
N SER D 330 -7.23 35.12 -6.86
CA SER D 330 -5.87 35.69 -6.89
C SER D 330 -5.29 35.73 -8.30
N ALA D 331 -6.14 36.21 -9.20
CA ALA D 331 -5.82 36.42 -10.63
C ALA D 331 -5.41 35.12 -11.36
N SER D 332 -5.91 33.99 -10.88
CA SER D 332 -5.59 32.69 -11.45
C SER D 332 -6.86 31.87 -11.68
N LEU D 333 -6.92 31.15 -12.79
CA LEU D 333 -8.14 30.47 -13.25
C LEU D 333 -8.18 29.03 -12.80
N ARG D 334 -9.28 28.63 -12.20
CA ARG D 334 -9.50 27.23 -11.81
C ARG D 334 -10.93 26.85 -12.25
N TYR D 335 -11.13 25.60 -12.62
CA TYR D 335 -12.48 25.08 -12.94
C TYR D 335 -12.86 24.13 -11.79
N GLU D 336 -13.96 24.39 -11.09
CA GLU D 336 -14.40 23.52 -9.98
C GLU D 336 -14.84 22.14 -10.54
N HIS D 337 -15.35 22.06 -11.77
CA HIS D 337 -15.97 20.84 -12.29
C HIS D 337 -15.64 20.59 -13.78
N PRO D 338 -14.37 20.32 -14.07
CA PRO D 338 -14.03 20.08 -15.46
C PRO D 338 -14.82 18.91 -16.03
N GLY D 339 -15.33 19.04 -17.25
CA GLY D 339 -16.22 18.05 -17.82
C GLY D 339 -15.61 16.86 -18.55
N SER D 340 -14.28 16.86 -18.70
CA SER D 340 -13.60 15.85 -19.47
C SER D 340 -12.14 15.87 -19.10
N LEU D 341 -11.38 14.90 -19.62
CA LEU D 341 -9.94 14.96 -19.59
C LEU D 341 -9.49 16.13 -20.43
N LEU D 342 -8.25 16.55 -20.21
CA LEU D 342 -7.65 17.58 -21.02
C LEU D 342 -8.50 18.86 -21.11
N PHE D 343 -9.25 19.15 -20.06
CA PHE D 343 -10.25 20.20 -20.09
C PHE D 343 -9.65 21.59 -20.14
N ASP D 344 -8.88 21.97 -19.13
CA ASP D 344 -8.29 23.33 -19.15
C ASP D 344 -7.31 23.49 -20.33
N GLU D 345 -6.65 22.40 -20.72
CA GLU D 345 -5.71 22.42 -21.83
C GLU D 345 -6.40 22.79 -23.14
N LEU D 346 -7.48 22.09 -23.47
CA LEU D 346 -8.15 22.32 -24.73
C LEU D 346 -8.92 23.63 -24.82
N LEU D 347 -9.54 24.05 -23.72
CA LEU D 347 -10.16 25.36 -23.68
C LEU D 347 -9.14 26.50 -23.79
N PHE D 348 -7.99 26.33 -23.14
CA PHE D 348 -6.88 27.29 -23.27
C PHE D 348 -6.44 27.39 -24.72
N LEU D 349 -6.11 26.24 -25.31
CA LEU D 349 -5.72 26.16 -26.70
C LEU D 349 -6.76 26.85 -27.61
N ALA D 350 -8.02 26.45 -27.50
CA ALA D 350 -9.03 26.97 -28.42
C ALA D 350 -9.21 28.49 -28.25
N LYS D 351 -9.11 28.99 -27.02
CA LYS D 351 -9.24 30.42 -26.78
C LYS D 351 -8.16 31.24 -27.46
N VAL D 352 -6.93 30.71 -27.53
CA VAL D 352 -5.81 31.45 -28.13
C VAL D 352 -5.43 31.07 -29.55
N HIS D 353 -5.99 29.98 -30.06
CA HIS D 353 -5.45 29.36 -31.26
C HIS D 353 -5.45 30.35 -32.43
N ALA D 354 -4.26 30.60 -32.98
CA ALA D 354 -4.10 31.53 -34.10
C ALA D 354 -4.19 30.87 -35.48
N GLY D 355 -4.30 29.56 -35.52
CA GLY D 355 -4.35 28.79 -36.74
C GLY D 355 -3.01 28.11 -36.96
N PHE D 356 -3.04 26.84 -37.34
CA PHE D 356 -1.81 26.05 -37.52
C PHE D 356 -0.95 26.60 -38.66
N GLY D 357 -1.59 27.13 -39.71
CA GLY D 357 -0.89 27.85 -40.78
C GLY D 357 -0.14 29.08 -40.29
N ALA D 358 -0.81 29.90 -39.48
CA ALA D 358 -0.16 31.07 -38.85
C ALA D 358 1.04 30.70 -37.96
N LEU D 359 1.00 29.54 -37.30
CA LEU D 359 2.14 29.10 -36.49
C LEU D 359 3.32 28.80 -37.40
N LEU D 360 3.06 28.11 -38.51
CA LEU D 360 4.09 27.86 -39.54
C LEU D 360 4.73 29.15 -40.05
N ARG D 361 3.91 30.18 -40.27
CA ARG D 361 4.40 31.47 -40.76
C ARG D 361 4.74 32.44 -39.64
N MSE D 362 5.17 31.94 -38.48
CA MSE D 362 5.42 32.83 -37.35
C MSE D 362 6.63 33.68 -37.64
O MSE D 362 7.68 33.13 -37.93
CB MSE D 362 5.70 32.00 -36.09
CG MSE D 362 5.68 32.91 -34.88
SE MSE D 362 6.13 31.92 -33.27
CE MSE D 362 4.62 30.65 -33.24
N PRO D 363 6.54 35.01 -37.52
CA PRO D 363 7.74 35.82 -37.70
C PRO D 363 8.81 35.46 -36.66
N PRO D 364 10.12 35.54 -37.02
CA PRO D 364 11.16 35.27 -36.01
C PRO D 364 11.27 36.30 -34.88
N PRO D 365 12.16 36.04 -33.90
CA PRO D 365 12.56 36.98 -32.81
C PRO D 365 13.92 37.72 -33.04
N LEU E 4 -12.27 -1.96 47.80
CA LEU E 4 -11.83 -2.16 46.39
C LEU E 4 -12.71 -1.30 45.44
N PRO E 5 -12.21 -0.13 44.96
CA PRO E 5 -13.07 0.67 44.07
C PRO E 5 -13.36 -0.09 42.75
N PRO E 6 -14.39 0.32 42.00
CA PRO E 6 -14.58 -0.26 40.67
C PRO E 6 -13.36 0.02 39.78
N GLY E 7 -12.99 -0.98 38.97
CA GLY E 7 -11.84 -0.92 38.13
C GLY E 7 -10.51 -1.26 38.82
N ARG E 8 -10.57 -1.62 40.09
CA ARG E 8 -9.43 -2.12 40.82
C ARG E 8 -9.55 -3.61 41.01
N LEU E 9 -8.42 -4.30 40.95
CA LEU E 9 -8.38 -5.78 40.97
C LEU E 9 -7.88 -6.38 42.29
N ALA E 10 -7.01 -5.66 43.00
CA ALA E 10 -6.56 -6.05 44.31
C ALA E 10 -6.19 -4.83 45.12
N THR E 11 -6.13 -4.98 46.42
CA THR E 11 -5.74 -3.86 47.28
C THR E 11 -4.25 -3.58 47.19
N THR E 12 -3.91 -2.34 47.48
CA THR E 12 -2.54 -1.95 47.63
C THR E 12 -1.86 -2.78 48.71
N GLU E 13 -2.56 -3.02 49.82
CA GLU E 13 -2.04 -3.86 50.92
C GLU E 13 -1.62 -5.24 50.36
N ASP E 14 -2.46 -5.83 49.50
CA ASP E 14 -2.13 -7.09 48.84
C ASP E 14 -0.88 -7.02 47.96
N TYR E 15 -0.71 -5.94 47.17
CA TYR E 15 0.48 -5.83 46.29
C TYR E 15 1.75 -5.77 47.14
N PHE E 16 1.70 -4.94 48.17
CA PHE E 16 2.86 -4.76 49.04
C PHE E 16 3.18 -6.01 49.86
N ALA E 17 2.18 -6.84 50.12
CA ALA E 17 2.36 -8.09 50.87
C ALA E 17 2.87 -9.31 50.05
N GLN E 18 2.97 -9.21 48.73
CA GLN E 18 3.29 -10.37 47.88
C GLN E 18 4.57 -11.08 48.31
N GLN E 19 5.61 -10.30 48.56
CA GLN E 19 6.92 -10.87 48.86
C GLN E 19 6.90 -11.66 50.17
N ALA E 20 6.23 -11.10 51.18
CA ALA E 20 6.04 -11.77 52.45
C ALA E 20 5.13 -13.01 52.35
N LYS E 21 4.08 -12.95 51.54
CA LYS E 21 3.20 -14.12 51.32
C LYS E 21 3.84 -15.13 50.34
N GLN E 22 4.98 -14.80 49.76
CA GLN E 22 5.63 -15.60 48.70
C GLN E 22 4.71 -16.03 47.54
N ALA E 23 3.84 -15.11 47.14
CA ALA E 23 2.86 -15.36 46.09
C ALA E 23 2.46 -14.07 45.42
N VAL E 24 2.33 -14.10 44.12
CA VAL E 24 1.78 -12.96 43.40
C VAL E 24 0.25 -12.94 43.58
N THR E 25 -0.37 -11.78 43.34
CA THR E 25 -1.82 -11.64 43.41
C THR E 25 -2.42 -12.30 42.17
N PRO E 26 -3.70 -12.67 42.24
CA PRO E 26 -4.34 -13.28 41.07
C PRO E 26 -4.27 -12.41 39.81
N ASP E 27 -4.28 -11.09 39.97
CA ASP E 27 -4.25 -10.22 38.81
C ASP E 27 -2.86 -10.16 38.20
N VAL E 28 -1.85 -10.28 39.05
CA VAL E 28 -0.47 -10.38 38.56
C VAL E 28 -0.25 -11.72 37.83
N MSE E 29 -0.79 -12.80 38.38
CA MSE E 29 -0.84 -14.07 37.67
C MSE E 29 -1.51 -13.89 36.31
O MSE E 29 -1.02 -14.39 35.29
CB MSE E 29 -1.54 -15.13 38.55
CG MSE E 29 -1.54 -16.59 38.07
SE MSE E 29 0.31 -17.26 37.91
CE MSE E 29 0.51 -17.90 39.79
N ALA E 30 -2.63 -13.17 36.29
CA ALA E 30 -3.39 -12.96 35.05
C ALA E 30 -2.60 -12.12 34.04
N GLN E 31 -1.78 -11.20 34.53
CA GLN E 31 -0.87 -10.46 33.65
C GLN E 31 0.24 -11.37 33.08
N LEU E 32 0.77 -12.27 33.89
CA LEU E 32 1.75 -13.23 33.40
C LEU E 32 1.16 -14.11 32.34
N ALA E 33 -0.13 -14.39 32.45
CA ALA E 33 -0.86 -15.20 31.47
C ALA E 33 -0.97 -14.44 30.16
N TYR E 34 -1.34 -13.16 30.23
CA TYR E 34 -1.34 -12.35 29.02
C TYR E 34 0.03 -12.44 28.34
N MSE E 35 1.06 -12.34 29.15
CA MSE E 35 2.44 -12.37 28.68
C MSE E 35 2.89 -13.71 28.09
O MSE E 35 3.69 -13.69 27.17
CB MSE E 35 3.42 -11.97 29.79
CG MSE E 35 3.29 -10.50 30.15
SE MSE E 35 4.13 -10.03 31.87
CE MSE E 35 6.02 -10.19 31.34
N ASN E 36 2.32 -14.82 28.56
CA ASN E 36 2.81 -16.16 28.25
C ASN E 36 1.83 -17.14 27.62
N TYR E 37 0.52 -16.90 27.69
CA TYR E 37 -0.47 -18.00 27.47
C TYR E 37 -0.73 -18.37 26.01
N ILE E 38 -1.19 -17.42 25.21
CA ILE E 38 -1.77 -17.70 23.90
C ILE E 38 -0.69 -17.89 22.87
N ASP E 39 -0.84 -18.94 22.07
CA ASP E 39 0.10 -19.25 21.00
C ASP E 39 0.22 -18.09 20.04
N PHE E 40 1.46 -17.79 19.65
CA PHE E 40 1.84 -16.83 18.58
C PHE E 40 1.76 -15.36 18.95
N ILE E 41 0.66 -14.97 19.56
CA ILE E 41 0.39 -13.57 19.86
C ILE E 41 0.84 -13.09 21.23
N SER E 42 1.15 -13.98 22.17
CA SER E 42 1.61 -13.53 23.50
C SER E 42 3.03 -13.01 23.33
N PRO E 43 3.40 -11.98 24.09
CA PRO E 43 4.70 -11.36 23.86
C PRO E 43 5.89 -12.24 24.17
N PHE E 44 5.79 -13.14 25.14
CA PHE E 44 6.89 -14.04 25.52
C PHE E 44 6.68 -15.48 25.08
N TYR E 45 6.01 -15.64 23.94
CA TYR E 45 5.78 -16.98 23.36
C TYR E 45 7.07 -17.60 22.77
N SER E 46 7.88 -16.78 22.11
CA SER E 46 8.96 -17.27 21.25
C SER E 46 10.25 -16.43 21.37
N ARG E 47 11.42 -17.06 21.24
CA ARG E 47 12.68 -16.29 21.17
C ARG E 47 12.89 -15.68 19.82
N GLY E 48 12.06 -16.05 18.84
CA GLY E 48 12.25 -15.54 17.47
C GLY E 48 11.96 -14.07 17.31
N CYS E 49 12.32 -13.52 16.18
CA CYS E 49 12.12 -12.12 15.90
C CYS E 49 10.73 -11.90 15.34
N SER E 50 9.73 -12.18 16.16
CA SER E 50 8.31 -11.94 15.86
C SER E 50 7.76 -11.00 16.93
N PHE E 51 6.95 -10.04 16.49
CA PHE E 51 6.51 -9.00 17.36
C PHE E 51 5.00 -8.81 17.34
N GLU E 52 4.26 -9.90 17.13
CA GLU E 52 2.79 -9.83 17.01
C GLU E 52 2.14 -9.10 18.19
N ALA E 53 2.57 -9.40 19.42
CA ALA E 53 1.98 -8.79 20.60
C ALA E 53 2.07 -7.29 20.57
N TRP E 54 3.19 -6.80 20.05
CA TRP E 54 3.45 -5.34 19.94
C TRP E 54 2.70 -4.73 18.75
N GLU E 55 2.57 -5.45 17.64
CA GLU E 55 1.72 -5.02 16.53
C GLU E 55 0.26 -4.89 16.99
N LEU E 56 -0.25 -5.86 17.75
CA LEU E 56 -1.64 -5.82 18.22
C LEU E 56 -1.93 -4.67 19.19
N LYS E 57 -0.99 -4.38 20.08
CA LYS E 57 -1.05 -3.19 20.96
C LYS E 57 -0.75 -1.88 20.25
N HIS E 58 -0.30 -1.90 19.00
CA HIS E 58 0.11 -0.66 18.28
C HIS E 58 1.33 0.06 18.90
N THR E 59 2.26 -0.69 19.49
CA THR E 59 3.47 -0.11 20.07
C THR E 59 4.31 0.50 18.94
N PRO E 60 4.61 1.79 19.01
CA PRO E 60 5.53 2.36 18.02
C PRO E 60 6.91 1.71 18.07
N GLN E 61 7.65 1.65 16.96
CA GLN E 61 8.86 0.83 16.99
C GLN E 61 9.91 1.36 17.97
N ARG E 62 10.01 2.67 18.13
CA ARG E 62 10.96 3.24 19.04
C ARG E 62 10.73 2.88 20.49
N VAL E 63 9.52 2.45 20.83
CA VAL E 63 9.15 2.15 22.19
C VAL E 63 9.37 0.67 22.56
N ILE E 64 9.52 -0.20 21.57
CA ILE E 64 9.57 -1.63 21.82
C ILE E 64 10.70 -2.00 22.77
N LYS E 65 11.87 -1.40 22.57
CA LYS E 65 13.00 -1.66 23.45
C LYS E 65 12.69 -1.38 24.93
N TYR E 66 11.95 -0.30 25.18
CA TYR E 66 11.48 0.03 26.54
C TYR E 66 10.39 -0.94 27.03
N SER E 67 9.48 -1.37 26.17
CA SER E 67 8.47 -2.31 26.57
C SER E 67 9.13 -3.60 27.09
N ILE E 68 10.07 -4.12 26.31
CA ILE E 68 10.77 -5.33 26.65
C ILE E 68 11.53 -5.14 27.98
N ALA E 69 12.29 -4.06 28.08
CA ALA E 69 13.04 -3.77 29.31
C ALA E 69 12.16 -3.69 30.56
N PHE E 70 11.08 -2.93 30.49
CA PHE E 70 10.22 -2.79 31.66
C PHE E 70 9.52 -4.08 32.02
N TYR E 71 9.12 -4.89 31.03
CA TYR E 71 8.64 -6.26 31.30
C TYR E 71 9.69 -7.07 32.06
N ALA E 72 10.92 -7.02 31.57
CA ALA E 72 12.04 -7.74 32.20
C ALA E 72 12.27 -7.33 33.65
N TYR E 73 12.17 -6.03 33.95
CA TYR E 73 12.39 -5.54 35.32
C TYR E 73 11.29 -6.06 36.26
N GLY E 74 10.06 -6.12 35.75
CA GLY E 74 8.99 -6.74 36.51
C GLY E 74 9.19 -8.23 36.72
N LEU E 75 9.62 -8.92 35.68
CA LEU E 75 9.91 -10.34 35.78
C LEU E 75 10.99 -10.64 36.84
N ALA E 76 12.01 -9.80 36.95
CA ALA E 76 13.04 -9.97 37.95
C ALA E 76 12.46 -9.89 39.34
N SER E 77 11.51 -8.99 39.58
CA SER E 77 10.79 -8.98 40.87
C SER E 77 9.86 -10.19 41.07
N VAL E 78 9.21 -10.69 40.01
CA VAL E 78 8.40 -11.89 40.12
C VAL E 78 9.26 -13.03 40.66
N ALA E 79 10.48 -13.15 40.15
CA ALA E 79 11.40 -14.19 40.58
C ALA E 79 11.71 -14.14 42.07
N LEU E 80 11.85 -12.92 42.60
CA LEU E 80 12.12 -12.70 44.02
C LEU E 80 10.91 -13.02 44.89
N ILE E 81 9.74 -12.65 44.40
CA ILE E 81 8.47 -12.81 45.12
C ILE E 81 8.17 -14.28 45.39
N ASP E 82 8.17 -15.10 44.34
CA ASP E 82 7.60 -16.45 44.39
C ASP E 82 8.59 -17.43 43.78
N PRO E 83 9.29 -18.19 44.63
CA PRO E 83 10.23 -19.18 44.12
C PRO E 83 9.64 -20.21 43.14
N LYS E 84 8.37 -20.54 43.28
CA LYS E 84 7.67 -21.41 42.30
C LYS E 84 7.58 -20.78 40.90
N LEU E 85 7.64 -19.45 40.78
CA LEU E 85 7.62 -18.76 39.48
C LEU E 85 9.00 -18.34 38.94
N ARG E 86 10.07 -18.63 39.69
CA ARG E 86 11.38 -18.12 39.31
C ARG E 86 11.88 -18.71 38.00
N ALA E 87 11.61 -19.98 37.75
CA ALA E 87 12.04 -20.60 36.48
C ALA E 87 11.31 -19.98 35.28
N LEU E 88 9.99 -19.82 35.42
CA LEU E 88 9.19 -19.09 34.42
C LEU E 88 9.71 -17.67 34.13
N ALA E 89 9.97 -16.91 35.17
CA ALA E 89 10.52 -15.58 35.01
C ALA E 89 11.83 -15.66 34.25
N GLY E 90 12.64 -16.65 34.58
CA GLY E 90 13.95 -16.79 33.94
C GLY E 90 13.81 -17.12 32.47
N HIS E 91 12.84 -17.96 32.17
CA HIS E 91 12.50 -18.30 30.77
C HIS E 91 12.07 -17.06 30.02
N ASP E 92 11.17 -16.28 30.61
CA ASP E 92 10.72 -15.03 29.99
C ASP E 92 11.86 -14.02 29.78
N LEU E 93 12.78 -13.94 30.74
CA LEU E 93 13.96 -13.05 30.60
C LEU E 93 14.91 -13.49 29.48
N ASP E 94 15.01 -14.79 29.29
CA ASP E 94 15.77 -15.33 28.20
C ASP E 94 15.20 -14.84 26.88
N ILE E 95 13.88 -14.99 26.75
CA ILE E 95 13.17 -14.51 25.55
C ILE E 95 13.32 -13.01 25.42
N ALA E 96 13.20 -12.30 26.51
CA ALA E 96 13.35 -10.85 26.49
C ALA E 96 14.67 -10.45 25.85
N VAL E 97 15.74 -11.06 26.33
CA VAL E 97 17.11 -10.74 25.86
C VAL E 97 17.23 -11.10 24.40
N SER E 98 16.73 -12.27 24.04
CA SER E 98 16.75 -12.69 22.67
C SER E 98 15.99 -11.73 21.73
N LYS E 99 14.78 -11.33 22.11
CA LYS E 99 14.00 -10.36 21.31
C LYS E 99 14.65 -8.98 21.22
N MSE E 100 15.29 -8.57 22.32
CA MSE E 100 15.98 -7.29 22.37
C MSE E 100 17.04 -7.18 21.33
O MSE E 100 17.37 -6.08 20.88
CB MSE E 100 16.58 -7.10 23.75
CG MSE E 100 17.10 -5.72 24.08
SE MSE E 100 15.58 -4.57 24.51
CE MSE E 100 16.58 -3.13 25.43
N LYS E 101 17.60 -8.31 20.93
CA LYS E 101 18.67 -8.32 19.93
C LYS E 101 18.20 -8.27 18.48
N CYS E 102 16.89 -8.35 18.24
CA CYS E 102 16.34 -8.33 16.89
C CYS E 102 16.35 -6.93 16.29
N LYS E 103 16.57 -6.84 14.98
CA LYS E 103 16.74 -5.55 14.28
C LYS E 103 15.48 -4.67 14.40
N ARG E 104 14.31 -5.30 14.51
CA ARG E 104 13.10 -4.56 14.70
C ARG E 104 13.21 -3.69 15.93
N VAL E 105 13.90 -4.16 16.96
CA VAL E 105 14.02 -3.42 18.23
C VAL E 105 15.06 -2.30 18.16
N TRP E 106 16.25 -2.62 17.63
CA TRP E 106 17.35 -1.66 17.65
C TRP E 106 17.51 -0.86 16.37
N GLY E 107 16.85 -1.29 15.30
CA GLY E 107 17.06 -0.76 13.95
C GLY E 107 16.87 0.73 13.69
N ASP E 108 16.17 1.44 14.55
CA ASP E 108 16.16 2.92 14.50
C ASP E 108 17.56 3.55 14.41
N TRP E 109 18.51 2.97 15.13
CA TRP E 109 19.89 3.42 15.12
C TRP E 109 20.45 3.49 13.69
N GLU E 110 20.16 2.48 12.89
CA GLU E 110 20.51 2.48 11.48
C GLU E 110 19.63 3.37 10.61
N GLU E 111 18.29 3.29 10.78
CA GLU E 111 17.37 4.09 9.97
C GLU E 111 17.68 5.57 10.12
N ASP E 112 18.05 6.00 11.30
CA ASP E 112 18.42 7.38 11.56
C ASP E 112 19.80 7.82 11.04
N GLY E 113 20.58 6.87 10.54
CA GLY E 113 21.89 7.14 9.97
C GLY E 113 23.01 7.20 10.98
N PHE E 114 22.78 6.79 12.24
CA PHE E 114 23.85 6.78 13.22
C PHE E 114 24.89 5.66 13.08
N GLY E 115 24.54 4.52 12.46
CA GLY E 115 25.44 3.38 12.39
C GLY E 115 24.76 2.05 12.10
N THR E 116 25.54 0.99 11.90
CA THR E 116 24.96 -0.33 11.56
C THR E 116 24.98 -1.34 12.73
N ASP E 117 25.69 -1.02 13.80
CA ASP E 117 25.86 -1.90 14.96
C ASP E 117 25.33 -1.11 16.18
N PRO E 118 24.29 -1.63 16.86
CA PRO E 118 23.67 -0.90 17.98
C PRO E 118 24.52 -0.82 19.26
N ILE E 119 25.54 -1.68 19.35
CA ILE E 119 26.49 -1.71 20.47
C ILE E 119 27.56 -0.63 20.31
N GLU E 120 27.63 0.02 19.13
CA GLU E 120 28.59 1.12 18.86
C GLU E 120 28.51 2.21 19.93
N LYS E 121 29.52 3.07 19.98
CA LYS E 121 29.48 4.17 20.93
C LYS E 121 28.13 4.95 20.92
N GLU E 122 27.73 5.32 22.12
CA GLU E 122 26.78 6.40 22.37
C GLU E 122 25.30 6.08 22.06
N ASN E 123 24.95 4.80 22.04
CA ASN E 123 23.57 4.37 21.90
C ASN E 123 23.10 3.75 23.21
N ILE E 124 23.22 4.51 24.30
CA ILE E 124 23.00 3.94 25.62
C ILE E 124 21.50 3.74 25.92
N MSE E 125 20.63 4.40 25.16
CA MSE E 125 19.18 4.11 25.21
C MSE E 125 18.89 2.65 24.97
O MSE E 125 18.03 2.09 25.65
CB MSE E 125 18.26 4.90 24.29
CG MSE E 125 18.44 4.92 22.77
SE MSE E 125 17.17 6.31 22.12
CE MSE E 125 15.67 5.07 21.96
N TYR E 126 19.60 2.03 24.05
CA TYR E 126 19.44 0.63 23.78
C TYR E 126 20.35 -0.16 24.73
N LYS E 127 21.62 0.17 24.75
CA LYS E 127 22.57 -0.74 25.35
C LYS E 127 22.64 -0.69 26.89
N GLY E 128 22.17 0.40 27.50
CA GLY E 128 21.94 0.44 28.95
C GLY E 128 20.94 -0.61 29.36
N HIS E 129 19.77 -0.62 28.73
CA HIS E 129 18.71 -1.57 29.07
C HIS E 129 19.14 -3.03 28.81
N LEU E 130 19.82 -3.24 27.69
CA LEU E 130 20.27 -4.57 27.30
C LEU E 130 21.24 -5.10 28.35
N ASN E 131 22.18 -4.25 28.78
CA ASN E 131 23.17 -4.64 29.78
C ASN E 131 22.59 -4.95 31.14
N LEU E 132 21.59 -4.15 31.56
CA LEU E 132 20.85 -4.44 32.77
C LEU E 132 20.08 -5.75 32.67
N MSE E 133 19.47 -6.00 31.53
CA MSE E 133 18.73 -7.23 31.30
C MSE E 133 19.63 -8.44 31.33
O MSE E 133 19.26 -9.48 31.89
CB MSE E 133 17.98 -7.21 29.95
CG MSE E 133 16.77 -6.26 30.00
SE MSE E 133 16.21 -5.76 28.19
CE MSE E 133 15.86 -7.61 27.60
N TYR E 134 20.79 -8.36 30.67
CA TYR E 134 21.77 -9.46 30.69
C TYR E 134 22.05 -9.84 32.14
N GLY E 135 22.33 -8.83 32.96
CA GLY E 135 22.60 -9.04 34.37
C GLY E 135 21.44 -9.67 35.16
N LEU E 136 20.24 -9.12 34.98
CA LEU E 136 19.08 -9.64 35.71
C LEU E 136 18.78 -11.06 35.30
N TYR E 137 18.92 -11.39 34.01
CA TYR E 137 18.75 -12.76 33.54
C TYR E 137 19.66 -13.73 34.31
N GLN E 138 20.92 -13.33 34.44
CA GLN E 138 21.89 -14.18 35.12
C GLN E 138 21.63 -14.28 36.63
N LEU E 139 21.26 -13.17 37.26
CA LEU E 139 20.88 -13.19 38.69
C LEU E 139 19.71 -14.12 38.95
N VAL E 140 18.75 -14.12 38.04
CA VAL E 140 17.55 -14.90 38.21
C VAL E 140 17.81 -16.39 37.96
N THR E 141 18.58 -16.72 36.94
CA THR E 141 18.72 -18.11 36.51
C THR E 141 20.01 -18.80 36.92
N GLY E 142 21.10 -18.07 37.08
CA GLY E 142 22.44 -18.68 37.18
C GLY E 142 23.07 -19.08 35.83
N SER E 143 22.36 -18.92 34.72
CA SER E 143 22.85 -19.29 33.41
C SER E 143 23.92 -18.31 32.93
N ARG E 144 24.96 -18.87 32.32
CA ARG E 144 26.08 -18.08 31.77
C ARG E 144 25.99 -17.98 30.24
N ARG E 145 24.85 -18.36 29.68
CA ARG E 145 24.51 -18.18 28.28
C ARG E 145 24.94 -16.82 27.65
N TYR E 146 24.72 -15.70 28.36
CA TYR E 146 25.01 -14.37 27.81
C TYR E 146 26.23 -13.72 28.44
N GLU E 147 26.96 -14.48 29.26
CA GLU E 147 28.02 -13.92 30.10
C GLU E 147 29.13 -13.23 29.30
N ALA E 148 29.47 -13.80 28.15
CA ALA E 148 30.51 -13.19 27.31
C ALA E 148 30.06 -11.83 26.80
N GLU E 149 28.87 -11.78 26.19
CA GLU E 149 28.23 -10.53 25.73
C GLU E 149 28.06 -9.50 26.84
N HIS E 150 27.65 -9.97 28.02
CA HIS E 150 27.48 -9.13 29.20
C HIS E 150 28.80 -8.46 29.61
N ALA E 151 29.86 -9.26 29.65
CA ALA E 151 31.17 -8.76 30.01
C ALA E 151 31.67 -7.75 29.01
N HIS E 152 31.47 -8.06 27.74
CA HIS E 152 31.86 -7.16 26.66
C HIS E 152 31.12 -5.80 26.73
N LEU E 153 29.80 -5.86 26.89
CA LEU E 153 28.99 -4.66 26.92
C LEU E 153 29.26 -3.83 28.16
N THR E 154 29.45 -4.50 29.30
CA THR E 154 29.83 -3.81 30.54
C THR E 154 31.17 -3.06 30.38
N ARG E 155 32.17 -3.72 29.76
CA ARG E 155 33.47 -3.10 29.53
C ARG E 155 33.30 -1.85 28.64
N ILE E 156 32.62 -2.01 27.50
CA ILE E 156 32.33 -0.89 26.61
C ILE E 156 31.69 0.32 27.32
N ILE E 157 30.63 0.08 28.10
CA ILE E 157 29.94 1.13 28.82
C ILE E 157 30.88 1.84 29.78
N HIS E 158 31.58 1.06 30.61
CA HIS E 158 32.63 1.58 31.52
C HIS E 158 33.68 2.45 30.78
N ASP E 159 34.16 1.97 29.62
CA ASP E 159 35.13 2.74 28.82
C ASP E 159 34.60 4.10 28.34
N GLU E 160 33.34 4.14 27.90
CA GLU E 160 32.73 5.41 27.50
C GLU E 160 32.63 6.37 28.67
N ILE E 161 32.33 5.86 29.87
CA ILE E 161 32.24 6.71 31.07
C ILE E 161 33.62 7.31 31.37
N ALA E 162 34.62 6.42 31.46
CA ALA E 162 36.01 6.84 31.67
C ALA E 162 36.49 7.90 30.69
N ALA E 163 36.10 7.77 29.42
CA ALA E 163 36.57 8.68 28.36
C ALA E 163 35.91 10.08 28.32
N ASN E 164 34.83 10.30 29.07
CA ASN E 164 34.04 11.51 28.88
C ASN E 164 34.43 12.55 29.93
N PRO E 165 34.57 13.82 29.50
CA PRO E 165 34.88 14.91 30.46
C PRO E 165 33.78 15.18 31.49
N PHE E 166 32.54 15.05 31.08
CA PHE E 166 31.37 15.02 31.97
C PHE E 166 31.23 13.61 32.56
N ALA E 167 30.55 13.50 33.68
CA ALA E 167 30.24 12.21 34.28
C ALA E 167 29.02 11.55 33.62
N GLY E 168 29.20 10.42 32.98
CA GLY E 168 28.10 9.66 32.34
C GLY E 168 28.34 9.44 30.87
N ILE E 169 27.26 9.12 30.15
CA ILE E 169 27.27 8.88 28.70
C ILE E 169 26.03 9.47 28.08
N VAL E 170 26.15 9.76 26.79
CA VAL E 170 25.01 10.25 26.04
C VAL E 170 24.14 9.08 25.63
N CYS E 171 22.83 9.34 25.66
CA CYS E 171 21.78 8.39 25.30
C CYS E 171 21.73 8.13 23.80
N GLU E 172 22.13 9.15 23.06
CA GLU E 172 22.30 9.10 21.61
C GLU E 172 23.15 10.35 21.34
N PRO E 173 23.64 10.57 20.12
CA PRO E 173 24.68 11.61 20.01
C PRO E 173 24.27 12.99 20.48
N ASP E 174 25.11 13.54 21.34
CA ASP E 174 24.97 14.85 21.99
C ASP E 174 23.70 15.08 22.83
N ASN E 175 23.03 14.00 23.20
CA ASN E 175 21.83 14.07 24.05
C ASN E 175 22.06 13.24 25.30
N TYR E 176 22.20 13.89 26.44
CA TYR E 176 22.38 13.24 27.73
C TYR E 176 21.08 13.31 28.52
N PHE E 177 20.60 12.15 28.95
CA PHE E 177 19.38 12.04 29.76
C PHE E 177 19.72 11.33 31.07
N VAL E 178 19.37 11.88 32.23
CA VAL E 178 19.64 11.21 33.49
C VAL E 178 19.02 9.82 33.70
N GLN E 179 17.82 9.59 33.13
CA GLN E 179 17.12 8.28 33.21
C GLN E 179 17.97 7.21 32.59
N CYS E 180 18.42 7.55 31.39
CA CYS E 180 19.23 6.71 30.55
C CYS E 180 20.51 6.27 31.26
N ASN E 181 21.20 7.25 31.85
CA ASN E 181 22.39 7.02 32.67
C ASN E 181 22.08 6.13 33.87
N SER E 182 20.99 6.43 34.56
CA SER E 182 20.60 5.62 35.72
C SER E 182 20.50 4.15 35.41
N VAL E 183 20.00 3.82 34.23
CA VAL E 183 19.93 2.42 33.79
C VAL E 183 21.34 1.85 33.62
N ALA E 184 22.19 2.62 32.93
CA ALA E 184 23.52 2.17 32.60
C ALA E 184 24.31 1.94 33.88
N TYR E 185 24.26 2.91 34.79
CA TYR E 185 24.98 2.76 36.07
C TYR E 185 24.42 1.57 36.90
N LEU E 186 23.10 1.42 36.96
CA LEU E 186 22.49 0.26 37.63
C LEU E 186 22.94 -1.09 37.04
N SER E 187 23.17 -1.14 35.72
CA SER E 187 23.71 -2.34 35.08
C SER E 187 25.14 -2.66 35.56
N LEU E 188 25.90 -1.64 35.95
CA LEU E 188 27.25 -1.85 36.48
C LEU E 188 27.19 -2.46 37.90
N TRP E 189 26.24 -2.00 38.70
CA TRP E 189 26.04 -2.59 40.01
C TRP E 189 25.68 -4.06 39.87
N VAL E 190 24.86 -4.40 38.89
CA VAL E 190 24.45 -5.80 38.71
C VAL E 190 25.63 -6.65 38.26
N TYR E 191 26.44 -6.14 37.34
CA TYR E 191 27.63 -6.87 36.91
C TYR E 191 28.56 -7.13 38.12
N ASP E 192 28.79 -6.10 38.92
CA ASP E 192 29.64 -6.19 40.12
C ASP E 192 29.16 -7.24 41.10
N ARG E 193 27.85 -7.30 41.32
CA ARG E 193 27.30 -8.32 42.17
C ARG E 193 27.58 -9.70 41.65
N LEU E 194 27.49 -9.92 40.34
CA LEU E 194 27.72 -11.25 39.79
C LEU E 194 29.20 -11.66 39.76
N HIS E 195 30.12 -10.69 39.70
CA HIS E 195 31.53 -10.98 39.40
C HIS E 195 32.56 -10.40 40.39
N GLY E 196 32.13 -9.75 41.45
CA GLY E 196 33.07 -9.15 42.42
C GLY E 196 33.88 -7.94 41.95
N THR E 197 33.59 -7.42 40.76
CA THR E 197 34.26 -6.23 40.25
C THR E 197 33.80 -4.93 40.94
N ASP E 198 34.40 -3.81 40.56
CA ASP E 198 34.07 -2.50 41.13
C ASP E 198 33.83 -1.46 39.99
N TYR E 199 33.10 -1.88 38.94
CA TYR E 199 32.64 -0.95 37.87
C TYR E 199 31.76 0.18 38.43
N ARG E 200 31.06 -0.10 39.52
CA ARG E 200 30.18 0.87 40.16
C ARG E 200 30.87 2.02 40.84
N ALA E 201 32.20 1.98 40.92
CA ALA E 201 32.98 3.07 41.51
C ALA E 201 32.64 4.43 40.89
N ALA E 202 32.37 4.43 39.58
CA ALA E 202 32.01 5.64 38.85
C ALA E 202 30.71 6.34 39.36
N THR E 203 29.88 5.61 40.10
CA THR E 203 28.60 6.13 40.53
C THR E 203 28.68 7.44 41.31
N ARG E 204 29.63 7.56 42.25
CA ARG E 204 29.69 8.76 43.10
C ARG E 204 29.86 10.02 42.23
N ALA E 205 30.79 9.98 41.28
CA ALA E 205 31.06 11.12 40.40
C ALA E 205 29.82 11.52 39.61
N TRP E 206 29.08 10.51 39.14
CA TRP E 206 27.84 10.73 38.40
C TRP E 206 26.75 11.38 39.25
N LEU E 207 26.54 10.86 40.45
CA LEU E 207 25.58 11.43 41.36
C LEU E 207 25.93 12.87 41.82
N ASP E 208 27.21 13.17 41.99
CA ASP E 208 27.66 14.55 42.24
C ASP E 208 27.36 15.46 41.04
N PHE E 209 27.65 14.97 39.83
CA PHE E 209 27.43 15.74 38.60
C PHE E 209 25.94 16.07 38.38
N ILE E 210 25.06 15.08 38.50
CA ILE E 210 23.65 15.30 38.16
C ILE E 210 22.97 16.23 39.15
N GLN E 211 23.62 16.42 40.30
CA GLN E 211 23.15 17.36 41.31
C GLN E 211 23.62 18.81 41.12
N LYS E 212 24.65 19.05 40.30
CA LYS E 212 24.99 20.40 39.78
C LYS E 212 23.91 20.98 38.81
N ASP E 213 24.19 21.18 37.51
CA ASP E 213 23.21 21.92 36.66
C ASP E 213 21.96 21.12 36.36
N LEU E 214 22.05 19.78 36.46
CA LEU E 214 20.95 18.90 36.06
C LEU E 214 19.67 18.84 36.91
N ILE E 215 19.74 19.27 38.15
CA ILE E 215 18.59 19.22 39.03
C ILE E 215 18.28 20.60 39.55
N ASP E 216 17.00 20.83 39.85
CA ASP E 216 16.57 21.98 40.62
C ASP E 216 16.36 21.41 42.03
N PRO E 217 17.31 21.70 42.95
CA PRO E 217 17.23 21.05 44.27
C PRO E 217 16.04 21.47 45.15
N GLU E 218 15.57 22.72 45.04
CA GLU E 218 14.36 23.15 45.76
C GLU E 218 13.11 22.38 45.29
N ARG E 219 12.96 22.20 43.98
CA ARG E 219 11.77 21.52 43.40
C ARG E 219 11.89 19.99 43.36
N GLY E 220 13.09 19.48 43.58
CA GLY E 220 13.30 18.04 43.62
C GLY E 220 13.05 17.40 42.27
N ALA E 221 13.52 18.07 41.21
CA ALA E 221 13.18 17.71 39.84
C ALA E 221 14.35 17.89 38.91
N PHE E 222 14.57 16.91 38.03
CA PHE E 222 15.62 17.02 37.00
C PHE E 222 15.10 17.77 35.77
N TYR E 223 16.02 18.46 35.14
CA TYR E 223 15.78 19.06 33.84
C TYR E 223 15.79 17.94 32.79
N LEU E 224 15.21 18.28 31.67
CA LEU E 224 14.79 17.30 30.68
C LEU E 224 15.98 16.58 30.09
N SER E 225 17.01 17.34 29.77
CA SER E 225 18.22 16.79 29.14
C SER E 225 19.37 17.80 29.21
N TYR E 226 20.56 17.28 28.91
CA TYR E 226 21.81 18.04 28.89
C TYR E 226 22.49 17.74 27.57
N HIS E 227 23.21 18.72 27.01
CA HIS E 227 23.84 18.56 25.69
C HIS E 227 25.28 19.06 25.74
N PRO E 228 26.24 18.13 25.90
CA PRO E 228 27.67 18.40 26.09
C PRO E 228 28.35 19.32 25.07
N GLU E 229 28.18 19.07 23.76
CA GLU E 229 28.75 19.92 22.70
C GLU E 229 28.47 21.43 22.92
N SER E 230 27.25 21.80 23.31
CA SER E 230 26.89 23.20 23.55
C SER E 230 26.90 23.62 25.02
N GLY E 231 26.89 22.66 25.93
CA GLY E 231 26.69 22.94 27.36
C GLY E 231 25.24 23.17 27.79
N ALA E 232 24.29 23.06 26.86
CA ALA E 232 22.91 23.45 27.14
C ALA E 232 22.22 22.46 28.10
N VAL E 233 21.40 22.99 28.99
CA VAL E 233 20.44 22.20 29.76
C VAL E 233 19.08 22.71 29.37
N LYS E 234 18.24 21.83 28.83
CA LYS E 234 16.90 22.27 28.44
C LYS E 234 16.18 22.81 29.67
N PRO E 235 15.60 24.00 29.57
CA PRO E 235 15.12 24.70 30.75
C PRO E 235 13.78 24.25 31.34
N TRP E 236 13.24 23.11 30.94
CA TRP E 236 12.02 22.56 31.59
C TRP E 236 12.35 21.41 32.52
N ILE E 237 11.65 21.33 33.64
CA ILE E 237 11.73 20.15 34.52
C ILE E 237 10.67 19.12 34.09
N SER E 238 10.99 17.84 34.33
CA SER E 238 10.17 16.71 33.85
C SER E 238 9.89 15.72 34.97
N ALA E 239 8.60 15.52 35.24
CA ALA E 239 8.17 14.56 36.25
C ALA E 239 8.52 13.14 35.88
N TYR E 240 8.25 12.72 34.63
CA TYR E 240 8.46 11.30 34.26
C TYR E 240 9.94 11.00 34.36
N THR E 241 10.74 11.95 33.90
CA THR E 241 12.20 11.84 33.96
C THR E 241 12.67 11.66 35.39
N THR E 242 12.11 12.47 36.28
CA THR E 242 12.55 12.51 37.67
C THR E 242 12.12 11.25 38.39
N ALA E 243 10.89 10.81 38.13
CA ALA E 243 10.34 9.64 38.82
C ALA E 243 11.13 8.37 38.51
N TRP E 244 11.39 8.16 37.23
CA TRP E 244 12.22 7.05 36.76
C TRP E 244 13.62 7.13 37.39
N THR E 245 14.26 8.31 37.32
CA THR E 245 15.63 8.45 37.77
C THR E 245 15.75 8.25 39.29
N LEU E 246 14.87 8.88 40.06
CA LEU E 246 14.89 8.70 41.51
C LEU E 246 14.65 7.26 41.90
N ALA E 247 13.82 6.54 41.16
CA ALA E 247 13.51 5.16 41.51
C ALA E 247 14.75 4.28 41.40
N MSE E 248 15.45 4.37 40.28
CA MSE E 248 16.65 3.58 40.06
C MSE E 248 17.75 4.06 40.96
O MSE E 248 18.51 3.26 41.48
CB MSE E 248 17.06 3.62 38.60
CG MSE E 248 16.09 2.76 37.81
SE MSE E 248 16.76 2.44 36.00
CE MSE E 248 15.57 0.92 35.60
N VAL E 249 17.85 5.37 41.16
CA VAL E 249 18.92 5.90 42.01
C VAL E 249 18.77 5.40 43.45
N HIS E 250 17.53 5.25 43.91
CA HIS E 250 17.27 4.73 45.25
C HIS E 250 17.88 3.35 45.53
N GLY E 251 18.12 2.56 44.48
CA GLY E 251 18.81 1.28 44.63
C GLY E 251 20.30 1.37 44.84
N MSE E 252 20.88 2.50 44.45
CA MSE E 252 22.35 2.70 44.49
C MSE E 252 22.73 3.58 45.66
O MSE E 252 23.71 3.28 46.34
CB MSE E 252 22.80 3.28 43.14
CG MSE E 252 22.59 2.29 42.00
SE MSE E 252 23.16 2.99 40.25
CE MSE E 252 21.58 4.10 39.86
N ASP E 253 21.99 4.67 45.86
CA ASP E 253 22.20 5.64 46.93
C ASP E 253 20.82 6.06 47.44
N PRO E 254 20.25 5.27 48.35
CA PRO E 254 18.91 5.58 48.92
C PRO E 254 18.73 6.98 49.49
N ALA E 255 19.78 7.54 50.09
CA ALA E 255 19.69 8.87 50.70
C ALA E 255 19.41 9.98 49.67
N PHE E 256 20.01 9.86 48.49
CA PHE E 256 19.80 10.77 47.36
C PHE E 256 18.31 10.91 47.07
N SER E 257 17.65 9.78 46.83
CA SER E 257 16.23 9.79 46.48
C SER E 257 15.35 10.21 47.65
N GLU E 258 15.74 9.84 48.88
CA GLU E 258 14.99 10.25 50.08
C GLU E 258 15.00 11.78 50.24
N ARG E 259 16.14 12.40 49.96
CA ARG E 259 16.27 13.87 50.01
C ARG E 259 15.26 14.58 49.07
N TYR E 260 15.14 14.10 47.81
CA TYR E 260 14.38 14.80 46.79
C TYR E 260 12.91 14.38 46.66
N TYR E 261 12.59 13.16 47.11
CA TYR E 261 11.26 12.63 46.92
C TYR E 261 10.15 13.56 47.43
N PRO E 262 10.27 14.09 48.65
CA PRO E 262 9.14 14.90 49.13
C PRO E 262 8.93 16.18 48.35
N ARG E 263 10.01 16.74 47.84
CA ARG E 263 9.97 17.98 47.04
C ARG E 263 9.37 17.69 45.65
N PHE E 264 9.82 16.59 45.05
CA PHE E 264 9.22 16.03 43.86
C PHE E 264 7.69 15.97 43.99
N LYS E 265 7.18 15.44 45.10
CA LYS E 265 5.73 15.31 45.26
C LYS E 265 5.04 16.66 45.35
N GLN E 266 5.65 17.60 46.09
CA GLN E 266 5.11 18.96 46.20
C GLN E 266 5.03 19.59 44.81
N THR E 267 6.08 19.39 44.02
CA THR E 267 6.22 20.02 42.72
C THR E 267 5.20 19.51 41.72
N PHE E 268 4.98 18.19 41.67
CA PHE E 268 4.27 17.55 40.55
C PHE E 268 2.95 16.83 40.86
N VAL E 269 2.76 16.32 42.07
CA VAL E 269 1.63 15.42 42.36
C VAL E 269 0.39 16.15 42.81
N GLU E 270 -0.72 15.93 42.11
CA GLU E 270 -2.03 16.49 42.47
C GLU E 270 -2.91 15.42 43.06
N VAL E 271 -3.23 15.54 44.35
CA VAL E 271 -4.19 14.63 45.02
C VAL E 271 -5.59 15.21 44.83
N TYR E 272 -6.56 14.37 44.52
CA TYR E 272 -7.93 14.82 44.20
C TYR E 272 -8.96 13.74 44.58
N ASP E 273 -10.25 14.01 44.34
CA ASP E 273 -11.36 13.09 44.68
C ASP E 273 -11.37 12.69 46.17
N GLU E 274 -11.32 13.70 47.02
CA GLU E 274 -11.32 13.54 48.47
C GLU E 274 -10.20 12.59 48.92
N GLY E 275 -8.99 12.82 48.42
CA GLY E 275 -7.82 11.98 48.79
C GLY E 275 -7.76 10.57 48.26
N ARG E 276 -8.76 10.15 47.49
CA ARG E 276 -8.77 8.79 46.95
C ARG E 276 -7.88 8.60 45.71
N LYS E 277 -7.55 9.68 45.01
CA LYS E 277 -6.82 9.62 43.75
C LYS E 277 -5.68 10.63 43.66
N ALA E 278 -4.78 10.37 42.73
CA ALA E 278 -3.70 11.30 42.39
C ALA E 278 -3.33 11.19 40.93
N ARG E 279 -2.82 12.30 40.39
CA ARG E 279 -2.27 12.34 39.05
C ARG E 279 -1.10 13.33 39.07
N VAL E 280 -0.19 13.17 38.11
CA VAL E 280 1.06 13.87 38.13
C VAL E 280 1.20 14.81 36.92
N ARG E 281 1.54 16.06 37.20
CA ARG E 281 1.89 17.03 36.17
C ARG E 281 3.30 16.70 35.62
N GLU E 282 3.47 16.84 34.31
CA GLU E 282 4.72 16.45 33.65
C GLU E 282 5.77 17.54 33.77
N THR E 283 5.36 18.82 33.83
CA THR E 283 6.31 19.92 33.98
C THR E 283 5.73 21.01 34.83
N ALA E 284 6.54 22.04 35.06
CA ALA E 284 6.13 23.21 35.81
C ALA E 284 5.34 24.18 34.95
N GLY E 285 4.55 25.01 35.59
CA GLY E 285 3.81 26.05 34.90
C GLY E 285 2.63 25.53 34.09
N THR E 286 1.97 24.51 34.62
CA THR E 286 0.75 23.98 34.02
C THR E 286 -0.08 23.33 35.12
N ASP E 287 -1.38 23.22 34.92
CA ASP E 287 -2.25 22.38 35.76
C ASP E 287 -2.56 21.05 35.08
N ASP E 288 -2.15 20.86 33.82
CA ASP E 288 -2.46 19.65 33.07
C ASP E 288 -1.65 18.49 33.64
N ALA E 289 -2.30 17.34 33.77
CA ALA E 289 -1.63 16.11 34.18
C ALA E 289 -1.23 15.28 32.96
N ASP E 290 -0.11 14.57 33.10
CA ASP E 290 0.34 13.59 32.13
C ASP E 290 0.48 14.15 30.72
N GLY E 291 1.01 15.37 30.63
CA GLY E 291 1.45 15.91 29.37
C GLY E 291 2.75 15.28 28.89
N GLY E 292 3.30 15.83 27.82
CA GLY E 292 4.51 15.30 27.23
C GLY E 292 4.30 13.89 26.71
N VAL E 293 5.19 12.98 27.08
CA VAL E 293 5.03 11.57 26.69
C VAL E 293 3.86 10.87 27.35
N GLY E 294 3.28 11.48 28.37
CA GLY E 294 2.10 10.93 29.05
C GLY E 294 2.35 9.89 30.15
N LEU E 295 3.60 9.82 30.66
CA LEU E 295 4.05 8.75 31.54
C LEU E 295 4.39 9.21 32.92
N ALA E 296 4.11 10.47 33.24
CA ALA E 296 4.41 10.98 34.59
C ALA E 296 3.74 10.18 35.75
N SER E 297 2.44 9.98 35.65
CA SER E 297 1.73 9.21 36.65
C SER E 297 2.21 7.75 36.77
N ALA E 298 2.36 7.07 35.62
CA ALA E 298 2.85 5.70 35.60
C ALA E 298 4.24 5.54 36.23
N PHE E 299 5.18 6.41 35.88
CA PHE E 299 6.52 6.29 36.49
C PHE E 299 6.52 6.70 37.97
N THR E 300 5.66 7.66 38.34
CA THR E 300 5.47 8.00 39.73
C THR E 300 4.87 6.80 40.53
N LEU E 301 4.03 6.00 39.89
CA LEU E 301 3.53 4.77 40.52
C LEU E 301 4.70 3.85 40.88
N LEU E 302 5.63 3.65 39.93
CA LEU E 302 6.85 2.87 40.18
C LEU E 302 7.67 3.47 41.30
N LEU E 303 7.80 4.79 41.28
CA LEU E 303 8.56 5.48 42.30
C LEU E 303 7.93 5.32 43.69
N ALA E 304 6.64 5.57 43.82
CA ALA E 304 5.93 5.31 45.08
C ALA E 304 6.17 3.88 45.62
N ARG E 305 6.15 2.89 44.73
CA ARG E 305 6.45 1.54 45.13
C ARG E 305 7.90 1.44 45.65
N GLU E 306 8.84 1.99 44.89
CA GLU E 306 10.23 1.95 45.28
C GLU E 306 10.44 2.59 46.65
N MSE E 307 9.73 3.67 46.95
CA MSE E 307 9.90 4.39 48.21
C MSE E 307 9.01 3.90 49.32
O MSE E 307 8.95 4.52 50.38
CB MSE E 307 9.59 5.91 48.05
CG MSE E 307 10.34 6.67 46.95
SE MSE E 307 12.30 6.46 47.05
CE MSE E 307 12.54 7.64 48.58
N GLY E 308 8.29 2.80 49.13
CA GLY E 308 7.32 2.35 50.17
C GLY E 308 6.15 3.28 50.50
N ASP E 309 5.81 4.19 49.60
CA ASP E 309 4.73 5.16 49.80
C ASP E 309 3.37 4.53 49.37
N GLN E 310 2.77 3.75 50.27
CA GLN E 310 1.53 3.03 49.97
C GLN E 310 0.35 3.92 49.67
N GLN E 311 0.27 5.05 50.34
CA GLN E 311 -0.83 5.97 50.11
C GLN E 311 -0.80 6.52 48.69
N LEU E 312 0.37 7.01 48.25
CA LEU E 312 0.46 7.57 46.91
C LEU E 312 0.24 6.48 45.84
N PHE E 313 0.77 5.29 46.08
CA PHE E 313 0.63 4.21 45.16
C PHE E 313 -0.87 3.96 44.94
N ASP E 314 -1.62 3.86 46.04
CA ASP E 314 -3.06 3.58 46.00
C ASP E 314 -3.79 4.69 45.24
N GLN E 315 -3.39 5.93 45.49
CA GLN E 315 -4.01 7.09 44.83
C GLN E 315 -3.80 7.09 43.34
N LEU E 316 -2.54 6.87 42.94
CA LEU E 316 -2.17 6.83 41.51
C LEU E 316 -2.84 5.70 40.78
N LEU E 317 -2.84 4.53 41.39
CA LEU E 317 -3.47 3.39 40.76
C LEU E 317 -4.98 3.58 40.68
N ASN E 318 -5.60 4.30 41.63
CA ASN E 318 -7.04 4.61 41.51
C ASN E 318 -7.35 5.53 40.33
N HIS E 319 -6.37 6.35 39.95
CA HIS E 319 -6.47 7.20 38.78
C HIS E 319 -6.17 6.44 37.49
N LEU E 320 -5.10 5.65 37.51
CA LEU E 320 -4.65 4.98 36.33
C LEU E 320 -5.47 3.76 35.87
N GLU E 321 -5.83 2.88 36.79
CA GLU E 321 -6.37 1.60 36.40
C GLU E 321 -7.87 1.63 35.96
N PRO E 322 -8.76 2.26 36.75
CA PRO E 322 -10.17 2.07 36.43
C PRO E 322 -10.62 2.57 35.05
N PRO E 323 -10.16 3.72 34.62
CA PRO E 323 -10.50 4.16 33.25
C PRO E 323 -10.00 3.26 32.13
N ALA E 324 -8.94 2.48 32.40
CA ALA E 324 -8.42 1.56 31.41
C ALA E 324 -9.24 0.29 31.27
N LYS E 325 -10.18 0.09 32.18
CA LYS E 325 -11.21 -0.97 32.06
C LYS E 325 -10.57 -2.34 31.99
N PRO E 326 -9.95 -2.78 33.10
CA PRO E 326 -9.39 -4.12 33.16
C PRO E 326 -10.46 -5.16 33.19
N SER E 327 -10.22 -6.29 32.53
CA SER E 327 -11.05 -7.47 32.72
C SER E 327 -10.14 -8.67 32.76
N ILE E 328 -10.60 -9.72 33.44
CA ILE E 328 -9.94 -10.98 33.44
C ILE E 328 -10.83 -11.97 32.70
N VAL E 329 -10.38 -12.43 31.53
CA VAL E 329 -11.12 -13.41 30.73
C VAL E 329 -10.20 -14.59 30.58
N SER E 330 -10.72 -15.77 30.87
CA SER E 330 -9.96 -17.02 30.79
C SER E 330 -8.63 -16.91 31.55
N ALA E 331 -8.75 -16.32 32.74
CA ALA E 331 -7.65 -16.13 33.69
C ALA E 331 -6.52 -15.30 33.16
N SER E 332 -6.81 -14.43 32.21
CA SER E 332 -5.80 -13.60 31.58
C SER E 332 -6.28 -12.13 31.61
N LEU E 333 -5.37 -11.22 31.88
CA LEU E 333 -5.69 -9.79 32.05
C LEU E 333 -5.62 -9.01 30.73
N ARG E 334 -6.68 -8.28 30.40
CA ARG E 334 -6.74 -7.37 29.22
C ARG E 334 -7.20 -6.00 29.75
N TYR E 335 -6.66 -4.90 29.19
CA TYR E 335 -7.17 -3.55 29.44
C TYR E 335 -7.86 -3.10 28.16
N GLU E 336 -9.16 -2.79 28.23
CA GLU E 336 -9.91 -2.33 27.08
C GLU E 336 -9.44 -0.93 26.60
N HIS E 337 -8.97 -0.07 27.49
CA HIS E 337 -8.64 1.32 27.16
C HIS E 337 -7.35 1.77 27.85
N PRO E 338 -6.21 1.18 27.48
CA PRO E 338 -4.95 1.66 28.10
C PRO E 338 -4.72 3.15 27.88
N GLY E 339 -4.34 3.88 28.92
CA GLY E 339 -4.29 5.35 28.87
C GLY E 339 -3.02 6.00 28.36
N SER E 340 -2.02 5.20 28.07
CA SER E 340 -0.71 5.72 27.67
C SER E 340 0.04 4.63 26.97
N LEU E 341 1.20 4.97 26.45
CA LEU E 341 2.16 3.97 25.99
C LEU E 341 2.67 3.20 27.21
N LEU E 342 3.23 2.03 26.96
CA LEU E 342 3.83 1.25 28.04
C LEU E 342 2.91 0.97 29.24
N PHE E 343 1.61 0.86 28.98
CA PHE E 343 0.61 0.89 30.04
C PHE E 343 0.59 -0.40 30.85
N ASP E 344 0.33 -1.55 30.22
CA ASP E 344 0.36 -2.79 30.96
C ASP E 344 1.78 -3.10 31.53
N GLU E 345 2.83 -2.71 30.81
CA GLU E 345 4.21 -2.92 31.25
C GLU E 345 4.49 -2.23 32.57
N LEU E 346 4.17 -0.95 32.66
CA LEU E 346 4.47 -0.17 33.85
C LEU E 346 3.59 -0.48 35.04
N LEU E 347 2.31 -0.75 34.80
CA LEU E 347 1.43 -1.23 35.88
C LEU E 347 1.86 -2.62 36.43
N PHE E 348 2.28 -3.51 35.54
CA PHE E 348 2.83 -4.80 35.92
C PHE E 348 4.04 -4.62 36.79
N LEU E 349 5.00 -3.86 36.30
CA LEU E 349 6.20 -3.56 37.02
C LEU E 349 5.89 -2.98 38.41
N ALA E 350 5.06 -1.94 38.46
CA ALA E 350 4.81 -1.27 39.74
C ALA E 350 4.11 -2.19 40.74
N LYS E 351 3.23 -3.04 40.24
CA LYS E 351 2.54 -4.00 41.11
C LYS E 351 3.47 -5.00 41.80
N VAL E 352 4.52 -5.43 41.09
CA VAL E 352 5.44 -6.42 41.63
C VAL E 352 6.75 -5.89 42.18
N HIS E 353 7.05 -4.64 41.94
CA HIS E 353 8.41 -4.13 42.12
C HIS E 353 8.88 -4.30 43.55
N ALA E 354 9.97 -5.06 43.71
CA ALA E 354 10.50 -5.38 45.04
C ALA E 354 11.54 -4.37 45.53
N GLY E 355 11.91 -3.43 44.66
CA GLY E 355 12.94 -2.46 44.94
C GLY E 355 14.20 -2.80 44.20
N PHE E 356 14.84 -1.79 43.61
CA PHE E 356 16.04 -2.04 42.78
C PHE E 356 17.19 -2.56 43.62
N GLY E 357 17.29 -2.10 44.86
CA GLY E 357 18.25 -2.63 45.83
C GLY E 357 18.06 -4.10 46.12
N ALA E 358 16.81 -4.50 46.35
CA ALA E 358 16.47 -5.92 46.54
C ALA E 358 16.82 -6.80 45.34
N LEU E 359 16.71 -6.27 44.13
CA LEU E 359 17.10 -7.02 42.95
C LEU E 359 18.60 -7.28 42.99
N LEU E 360 19.37 -6.24 43.31
CA LEU E 360 20.83 -6.37 43.48
C LEU E 360 21.21 -7.44 44.51
N ARG E 361 20.47 -7.50 45.62
CA ARG E 361 20.72 -8.47 46.66
C ARG E 361 19.92 -9.75 46.49
N MSE E 362 19.61 -10.13 45.25
CA MSE E 362 18.77 -11.30 45.04
C MSE E 362 19.52 -12.56 45.44
O MSE E 362 20.59 -12.79 44.91
CB MSE E 362 18.38 -11.42 43.57
CG MSE E 362 17.28 -12.46 43.40
SE MSE E 362 16.82 -12.71 41.50
CE MSE E 362 16.17 -10.90 41.09
N PRO E 363 18.97 -13.40 46.31
CA PRO E 363 19.64 -14.68 46.61
C PRO E 363 19.79 -15.56 45.36
N PRO E 364 20.85 -16.38 45.27
CA PRO E 364 20.99 -17.24 44.09
C PRO E 364 19.97 -18.40 44.03
N PRO E 365 19.95 -19.11 42.90
CA PRO E 365 19.19 -20.36 42.74
C PRO E 365 20.01 -21.60 43.16
C1 64Z F . -13.73 -20.82 -15.09
C2 64Z F . -13.26 -22.25 -14.83
C3 64Z F . -12.63 -23.10 -15.95
C4 64Z F . -12.21 -24.50 -15.45
C5 64Z F . -11.10 -25.08 -16.29
C6 64Z F . -11.18 -24.96 -17.82
C7 64Z F . -10.09 -25.48 -18.77
C8 64Z F . -9.97 -25.79 -15.56
C9 64Z F . -13.61 -20.30 -16.51
O 64Z F . -10.13 -24.90 -20.14
C 64Z F . -14.27 -19.91 -13.95
C1 64Z G . 7.82 28.14 -0.08
C2 64Z G . 8.10 28.85 -1.37
C3 64Z G . 9.50 29.43 -1.65
C4 64Z G . 10.13 28.58 -2.75
C5 64Z G . 11.35 29.26 -3.36
C6 64Z G . 12.47 29.75 -2.44
C7 64Z G . 13.80 30.39 -2.91
C8 64Z G . 11.41 29.37 -4.88
C9 64Z G . 8.87 28.07 1.02
O 64Z G . 14.84 30.26 -1.87
C 64Z G . 6.43 27.50 0.14
C1 64Z H . -3.17 -23.57 16.90
C2 64Z H . -2.19 -23.80 18.03
C3 64Z H . -1.30 -25.06 18.13
C4 64Z H . 0.14 -24.52 18.40
C5 64Z H . 1.20 -25.58 18.65
C6 64Z H . 1.14 -26.95 17.94
C7 64Z H . 2.17 -28.10 18.09
C8 64Z H . 2.39 -25.15 19.54
C9 64Z H . -3.93 -22.24 16.81
O 64Z H . 2.16 -29.04 16.92
C 64Z H . -3.40 -24.64 15.87
C1 64Z I . -6.85 10.98 -25.93
C2 64Z I . -6.68 9.94 -27.06
C3 64Z I . -5.78 10.22 -28.31
C4 64Z I . -5.76 9.03 -29.30
C5 64Z I . -4.43 8.89 -29.98
C6 64Z I . -3.78 10.13 -30.63
C7 64Z I . -2.38 10.12 -31.31
C8 64Z I . -3.84 7.50 -30.02
C9 64Z I . -7.66 10.68 -24.65
O 64Z I . -1.66 11.41 -31.25
C 64Z I . -6.17 12.29 -26.10
C1 64Z J . 9.71 6.92 26.25
C2 64Z J . 10.90 7.89 26.30
C3 64Z J . 12.25 7.44 26.93
C4 64Z J . 13.27 8.58 26.91
C5 64Z J . 14.71 8.14 26.82
C6 64Z J . 15.21 7.04 27.79
C7 64Z J . 16.65 6.46 27.86
C8 64Z J . 15.63 8.95 25.92
C9 64Z J . 8.37 7.30 25.54
O 64Z J . 16.79 5.09 28.52
C 64Z J . 9.85 5.56 26.93
#